data_7N4W
# 
_entry.id   7N4W 
# 
_audit_conform.dict_name       mmcif_pdbx.dic 
_audit_conform.dict_version    5.380 
_audit_conform.dict_location   http://mmcif.pdb.org/dictionaries/ascii/mmcif_pdbx.dic 
# 
loop_
_database_2.database_id 
_database_2.database_code 
_database_2.pdbx_database_accession 
_database_2.pdbx_DOI 
PDB   7N4W         pdb_00007n4w 10.2210/pdb7n4w/pdb 
WWPDB D_1000257357 ?            ?                   
# 
loop_
_pdbx_database_related.db_name 
_pdbx_database_related.details 
_pdbx_database_related.db_id 
_pdbx_database_related.content_type 
PDB '7N4Z is a variant of this protein complexed with Noscapine.'  7N4Z unspecified 
PDB '7N53 is a variant of this protein complexed with Papaverine.' 7N53 unspecified 
PDB '7N54 is a variant of this protein complexed with Glaucine.'   7N54 unspecified 
# 
_pdbx_database_status.status_code                     REL 
_pdbx_database_status.status_code_sf                  REL 
_pdbx_database_status.status_code_mr                  ? 
_pdbx_database_status.entry_id                        7N4W 
_pdbx_database_status.recvd_initial_deposition_date   2021-06-04 
_pdbx_database_status.SG_entry                        N 
_pdbx_database_status.deposit_site                    RCSB 
_pdbx_database_status.process_site                    RCSB 
_pdbx_database_status.status_code_cs                  ? 
_pdbx_database_status.status_code_nmr_data            ? 
_pdbx_database_status.methods_development_category    ? 
_pdbx_database_status.pdb_format_compatible           Y 
# 
loop_
_audit_author.name 
_audit_author.pdbx_ordinal 
_audit_author.identifier_ORCID 
'Kim, W.'   1 0000-0002-7702-8525 
'Zhang, Y.' 2 0000-0002-9360-5388 
# 
_citation.abstract                  ? 
_citation.abstract_id_CAS           ? 
_citation.book_id_ISBN              ? 
_citation.book_publisher            ? 
_citation.book_publisher_city       ? 
_citation.book_title                ? 
_citation.coordinate_linkage        ? 
_citation.country                   US 
_citation.database_id_Medline       ? 
_citation.details                   ? 
_citation.id                        primary 
_citation.journal_abbrev            Nat.Chem.Biol. 
_citation.journal_id_ASTM           ? 
_citation.journal_id_CSD            ? 
_citation.journal_id_ISSN           1552-4469 
_citation.journal_full              ? 
_citation.journal_issue             ? 
_citation.journal_volume            18 
_citation.language                  ? 
_citation.page_first                981 
_citation.page_last                 989 
_citation.title                     'Using fungible biosensors to evolve improved alkaloid biosyntheses.' 
_citation.year                      2022 
_citation.database_id_CSD           ? 
_citation.pdbx_database_id_DOI      10.1038/s41589-022-01072-w 
_citation.pdbx_database_id_PubMed   35799063 
_citation.pdbx_database_id_patent   ? 
_citation.unpublished_flag          ? 
# 
loop_
_citation_author.citation_id 
_citation_author.name 
_citation_author.ordinal 
_citation_author.identifier_ORCID 
primary 
;d'Oelsnitz, S.
;
1 ? 
primary 'Kim, W.'          2 ? 
primary 'Burkholder, N.T.' 3 ? 
primary 'Javanmardi, K.'   4 ? 
primary 'Thyer, R.'        5 ? 
primary 'Zhang, Y.'        6 ? 
primary 'Alper, H.S.'      7 ? 
primary 'Ellington, A.D.'  8 ? 
# 
_cell.angle_alpha                  90.000 
_cell.angle_alpha_esd              ? 
_cell.angle_beta                   90.120 
_cell.angle_beta_esd               ? 
_cell.angle_gamma                  90.000 
_cell.angle_gamma_esd              ? 
_cell.entry_id                     7N4W 
_cell.details                      ? 
_cell.formula_units_Z              ? 
_cell.length_a                     87.880 
_cell.length_a_esd                 ? 
_cell.length_b                     50.610 
_cell.length_b_esd                 ? 
_cell.length_c                     46.079 
_cell.length_c_esd                 ? 
_cell.volume                       ? 
_cell.volume_esd                   ? 
_cell.Z_PDB                        4 
_cell.reciprocal_angle_alpha       ? 
_cell.reciprocal_angle_beta        ? 
_cell.reciprocal_angle_gamma       ? 
_cell.reciprocal_angle_alpha_esd   ? 
_cell.reciprocal_angle_beta_esd    ? 
_cell.reciprocal_angle_gamma_esd   ? 
_cell.reciprocal_length_a          ? 
_cell.reciprocal_length_b          ? 
_cell.reciprocal_length_c          ? 
_cell.reciprocal_length_a_esd      ? 
_cell.reciprocal_length_b_esd      ? 
_cell.reciprocal_length_c_esd      ? 
_cell.pdbx_unique_axis             ? 
_cell.pdbx_esd_method              ? 
# 
_symmetry.entry_id                         7N4W 
_symmetry.cell_setting                     ? 
_symmetry.Int_Tables_number                5 
_symmetry.space_group_name_Hall            ? 
_symmetry.space_group_name_H-M             'C 1 2 1' 
_symmetry.pdbx_full_space_group_name_H-M   ? 
# 
loop_
_entity.id 
_entity.type 
_entity.src_method 
_entity.pdbx_description 
_entity.formula_weight 
_entity.pdbx_number_of_molecules 
_entity.pdbx_ec 
_entity.pdbx_mutation 
_entity.pdbx_fragment 
_entity.details 
1 polymer     man ROTU4         22145.389 1   ? ? ? ? 
2 non-polymer syn 'SULFATE ION' 96.063    1   ? ? ? ? 
3 non-polymer syn GLYCEROL      92.094    1   ? ? ? ? 
4 non-polymer syn rotundine     355.428   1   ? ? ? ? 
5 water       nat water         18.015    109 ? ? ? ? 
# 
_entity_poly.entity_id                      1 
_entity_poly.type                           'polypeptide(L)' 
_entity_poly.nstd_linkage                   no 
_entity_poly.nstd_monomer                   no 
_entity_poly.pdbx_seq_one_letter_code       
;MVARPKSEDKKQALLEAATQAIAQSGIAASTAVIARNAGVAEGTLFRYFATKDELINTLYLHLYQDHCQSLIMELDRSIT
DAKMMIRFTWNSYISWGLNHPARHRAIRQLAVSEKLTKETKQRIEDMFPELRDILHRSVLMVFMSDEYSAFGKGLFYALA
ETTMDFAARDPARAGEYIALGFEAMWRALTREEQ
;
_entity_poly.pdbx_seq_one_letter_code_can   
;MVARPKSEDKKQALLEAATQAIAQSGIAASTAVIARNAGVAEGTLFRYFATKDELINTLYLHLYQDHCQSLIMELDRSIT
DAKMMIRFTWNSYISWGLNHPARHRAIRQLAVSEKLTKETKQRIEDMFPELRDILHRSVLMVFMSDEYSAFGKGLFYALA
ETTMDFAARDPARAGEYIALGFEAMWRALTREEQ
;
_entity_poly.pdbx_strand_id                 A 
_entity_poly.pdbx_target_identifier         ? 
# 
loop_
_entity_poly_seq.entity_id 
_entity_poly_seq.num 
_entity_poly_seq.mon_id 
_entity_poly_seq.hetero 
1 1   MET n 
1 2   VAL n 
1 3   ALA n 
1 4   ARG n 
1 5   PRO n 
1 6   LYS n 
1 7   SER n 
1 8   GLU n 
1 9   ASP n 
1 10  LYS n 
1 11  LYS n 
1 12  GLN n 
1 13  ALA n 
1 14  LEU n 
1 15  LEU n 
1 16  GLU n 
1 17  ALA n 
1 18  ALA n 
1 19  THR n 
1 20  GLN n 
1 21  ALA n 
1 22  ILE n 
1 23  ALA n 
1 24  GLN n 
1 25  SER n 
1 26  GLY n 
1 27  ILE n 
1 28  ALA n 
1 29  ALA n 
1 30  SER n 
1 31  THR n 
1 32  ALA n 
1 33  VAL n 
1 34  ILE n 
1 35  ALA n 
1 36  ARG n 
1 37  ASN n 
1 38  ALA n 
1 39  GLY n 
1 40  VAL n 
1 41  ALA n 
1 42  GLU n 
1 43  GLY n 
1 44  THR n 
1 45  LEU n 
1 46  PHE n 
1 47  ARG n 
1 48  TYR n 
1 49  PHE n 
1 50  ALA n 
1 51  THR n 
1 52  LYS n 
1 53  ASP n 
1 54  GLU n 
1 55  LEU n 
1 56  ILE n 
1 57  ASN n 
1 58  THR n 
1 59  LEU n 
1 60  TYR n 
1 61  LEU n 
1 62  HIS n 
1 63  LEU n 
1 64  TYR n 
1 65  GLN n 
1 66  ASP n 
1 67  HIS n 
1 68  CYS n 
1 69  GLN n 
1 70  SER n 
1 71  LEU n 
1 72  ILE n 
1 73  MET n 
1 74  GLU n 
1 75  LEU n 
1 76  ASP n 
1 77  ARG n 
1 78  SER n 
1 79  ILE n 
1 80  THR n 
1 81  ASP n 
1 82  ALA n 
1 83  LYS n 
1 84  MET n 
1 85  MET n 
1 86  ILE n 
1 87  ARG n 
1 88  PHE n 
1 89  THR n 
1 90  TRP n 
1 91  ASN n 
1 92  SER n 
1 93  TYR n 
1 94  ILE n 
1 95  SER n 
1 96  TRP n 
1 97  GLY n 
1 98  LEU n 
1 99  ASN n 
1 100 HIS n 
1 101 PRO n 
1 102 ALA n 
1 103 ARG n 
1 104 HIS n 
1 105 ARG n 
1 106 ALA n 
1 107 ILE n 
1 108 ARG n 
1 109 GLN n 
1 110 LEU n 
1 111 ALA n 
1 112 VAL n 
1 113 SER n 
1 114 GLU n 
1 115 LYS n 
1 116 LEU n 
1 117 THR n 
1 118 LYS n 
1 119 GLU n 
1 120 THR n 
1 121 LYS n 
1 122 GLN n 
1 123 ARG n 
1 124 ILE n 
1 125 GLU n 
1 126 ASP n 
1 127 MET n 
1 128 PHE n 
1 129 PRO n 
1 130 GLU n 
1 131 LEU n 
1 132 ARG n 
1 133 ASP n 
1 134 ILE n 
1 135 LEU n 
1 136 HIS n 
1 137 ARG n 
1 138 SER n 
1 139 VAL n 
1 140 LEU n 
1 141 MET n 
1 142 VAL n 
1 143 PHE n 
1 144 MET n 
1 145 SER n 
1 146 ASP n 
1 147 GLU n 
1 148 TYR n 
1 149 SER n 
1 150 ALA n 
1 151 PHE n 
1 152 GLY n 
1 153 LYS n 
1 154 GLY n 
1 155 LEU n 
1 156 PHE n 
1 157 TYR n 
1 158 ALA n 
1 159 LEU n 
1 160 ALA n 
1 161 GLU n 
1 162 THR n 
1 163 THR n 
1 164 MET n 
1 165 ASP n 
1 166 PHE n 
1 167 ALA n 
1 168 ALA n 
1 169 ARG n 
1 170 ASP n 
1 171 PRO n 
1 172 ALA n 
1 173 ARG n 
1 174 ALA n 
1 175 GLY n 
1 176 GLU n 
1 177 TYR n 
1 178 ILE n 
1 179 ALA n 
1 180 LEU n 
1 181 GLY n 
1 182 PHE n 
1 183 GLU n 
1 184 ALA n 
1 185 MET n 
1 186 TRP n 
1 187 ARG n 
1 188 ALA n 
1 189 LEU n 
1 190 THR n 
1 191 ARG n 
1 192 GLU n 
1 193 GLU n 
1 194 GLN n 
# 
_entity_src_gen.entity_id                          1 
_entity_src_gen.pdbx_src_id                        1 
_entity_src_gen.pdbx_alt_source_flag               sample 
_entity_src_gen.pdbx_seq_type                      'Biological sequence' 
_entity_src_gen.pdbx_beg_seq_num                   1 
_entity_src_gen.pdbx_end_seq_num                   194 
_entity_src_gen.gene_src_common_name               ? 
_entity_src_gen.gene_src_genus                     ? 
_entity_src_gen.pdbx_gene_src_gene                 ? 
_entity_src_gen.gene_src_species                   ? 
_entity_src_gen.gene_src_strain                    ? 
_entity_src_gen.gene_src_tissue                    ? 
_entity_src_gen.gene_src_tissue_fraction           ? 
_entity_src_gen.gene_src_details                   ? 
_entity_src_gen.pdbx_gene_src_fragment             ? 
_entity_src_gen.pdbx_gene_src_scientific_name      'Salmonella enterica subsp. enterica serovar Typhimurium str. 14028S' 
_entity_src_gen.pdbx_gene_src_ncbi_taxonomy_id     588858 
_entity_src_gen.pdbx_gene_src_variant              ? 
_entity_src_gen.pdbx_gene_src_cell_line            ? 
_entity_src_gen.pdbx_gene_src_atcc                 ? 
_entity_src_gen.pdbx_gene_src_organ                ? 
_entity_src_gen.pdbx_gene_src_organelle            ? 
_entity_src_gen.pdbx_gene_src_cell                 ? 
_entity_src_gen.pdbx_gene_src_cellular_location    ? 
_entity_src_gen.host_org_common_name               ? 
_entity_src_gen.pdbx_host_org_scientific_name      'Escherichia coli' 
_entity_src_gen.pdbx_host_org_ncbi_taxonomy_id     562 
_entity_src_gen.host_org_genus                     ? 
_entity_src_gen.pdbx_host_org_gene                 ? 
_entity_src_gen.pdbx_host_org_organ                ? 
_entity_src_gen.host_org_species                   ? 
_entity_src_gen.pdbx_host_org_tissue               ? 
_entity_src_gen.pdbx_host_org_tissue_fraction      ? 
_entity_src_gen.pdbx_host_org_strain               ? 
_entity_src_gen.pdbx_host_org_variant              ? 
_entity_src_gen.pdbx_host_org_cell_line            ? 
_entity_src_gen.pdbx_host_org_atcc                 ? 
_entity_src_gen.pdbx_host_org_culture_collection   ? 
_entity_src_gen.pdbx_host_org_cell                 ? 
_entity_src_gen.pdbx_host_org_organelle            ? 
_entity_src_gen.pdbx_host_org_cellular_location    ? 
_entity_src_gen.pdbx_host_org_vector_type          ? 
_entity_src_gen.pdbx_host_org_vector               ? 
_entity_src_gen.host_org_details                   ? 
_entity_src_gen.expression_system_id               ? 
_entity_src_gen.plasmid_name                       ? 
_entity_src_gen.plasmid_details                    ? 
_entity_src_gen.pdbx_description                   ? 
# 
_struct_ref.id                         1 
_struct_ref.db_name                    PDB 
_struct_ref.db_code                    7N4W 
_struct_ref.pdbx_db_accession          7N4W 
_struct_ref.pdbx_db_isoform            ? 
_struct_ref.entity_id                  1 
_struct_ref.pdbx_seq_one_letter_code   ? 
_struct_ref.pdbx_align_begin           1 
# 
_struct_ref_seq.align_id                      1 
_struct_ref_seq.ref_id                        1 
_struct_ref_seq.pdbx_PDB_id_code              7N4W 
_struct_ref_seq.pdbx_strand_id                A 
_struct_ref_seq.seq_align_beg                 1 
_struct_ref_seq.pdbx_seq_align_beg_ins_code   ? 
_struct_ref_seq.seq_align_end                 194 
_struct_ref_seq.pdbx_seq_align_end_ins_code   ? 
_struct_ref_seq.pdbx_db_accession             7N4W 
_struct_ref_seq.db_align_beg                  0 
_struct_ref_seq.pdbx_db_align_beg_ins_code    ? 
_struct_ref_seq.db_align_end                  193 
_struct_ref_seq.pdbx_db_align_end_ins_code    ? 
_struct_ref_seq.pdbx_auth_seq_align_beg       0 
_struct_ref_seq.pdbx_auth_seq_align_end       193 
# 
loop_
_chem_comp.id 
_chem_comp.type 
_chem_comp.mon_nstd_flag 
_chem_comp.name 
_chem_comp.pdbx_synonyms 
_chem_comp.formula 
_chem_comp.formula_weight 
ALA 'L-peptide linking' y ALANINE         ?                               'C3 H7 N O2'     89.093  
ARG 'L-peptide linking' y ARGININE        ?                               'C6 H15 N4 O2 1' 175.209 
ASN 'L-peptide linking' y ASPARAGINE      ?                               'C4 H8 N2 O3'    132.118 
ASP 'L-peptide linking' y 'ASPARTIC ACID' ?                               'C4 H7 N O4'     133.103 
CYS 'L-peptide linking' y CYSTEINE        ?                               'C3 H7 N O2 S'   121.158 
GLN 'L-peptide linking' y GLUTAMINE       ?                               'C5 H10 N2 O3'   146.144 
GLU 'L-peptide linking' y 'GLUTAMIC ACID' ?                               'C5 H9 N O4'     147.129 
GLY 'peptide linking'   y GLYCINE         ?                               'C2 H5 N O2'     75.067  
GOL non-polymer         . GLYCEROL        'GLYCERIN; PROPANE-1,2,3-TRIOL' 'C3 H8 O3'       92.094  
HIS 'L-peptide linking' y HISTIDINE       ?                               'C6 H10 N3 O2 1' 156.162 
HOH non-polymer         . WATER           ?                               'H2 O'           18.015  
ILE 'L-peptide linking' y ISOLEUCINE      ?                               'C6 H13 N O2'    131.173 
LEU 'L-peptide linking' y LEUCINE         ?                               'C6 H13 N O2'    131.173 
LYS 'L-peptide linking' y LYSINE          ?                               'C6 H15 N2 O2 1' 147.195 
MET 'L-peptide linking' y METHIONINE      ?                               'C5 H11 N O2 S'  149.211 
P4V non-polymer         . rotundine       ?                               'C21 H25 N O4'   355.428 
PHE 'L-peptide linking' y PHENYLALANINE   ?                               'C9 H11 N O2'    165.189 
PRO 'L-peptide linking' y PROLINE         ?                               'C5 H9 N O2'     115.130 
SER 'L-peptide linking' y SERINE          ?                               'C3 H7 N O3'     105.093 
SO4 non-polymer         . 'SULFATE ION'   ?                               'O4 S -2'        96.063  
THR 'L-peptide linking' y THREONINE       ?                               'C4 H9 N O3'     119.119 
TRP 'L-peptide linking' y TRYPTOPHAN      ?                               'C11 H12 N2 O2'  204.225 
TYR 'L-peptide linking' y TYROSINE        ?                               'C9 H11 N O3'    181.189 
VAL 'L-peptide linking' y VALINE          ?                               'C5 H11 N O2'    117.146 
# 
_exptl.absorpt_coefficient_mu     ? 
_exptl.absorpt_correction_T_max   ? 
_exptl.absorpt_correction_T_min   ? 
_exptl.absorpt_correction_type    ? 
_exptl.absorpt_process_details    ? 
_exptl.entry_id                   7N4W 
_exptl.crystals_number            1 
_exptl.details                    ? 
_exptl.method                     'X-RAY DIFFRACTION' 
_exptl.method_details             ? 
# 
_exptl_crystal.colour                       ? 
_exptl_crystal.density_diffrn               ? 
_exptl_crystal.density_Matthews             2.34 
_exptl_crystal.density_method               ? 
_exptl_crystal.density_percent_sol          47.45 
_exptl_crystal.description                  ? 
_exptl_crystal.F_000                        ? 
_exptl_crystal.id                           1 
_exptl_crystal.preparation                  ? 
_exptl_crystal.size_max                     ? 
_exptl_crystal.size_mid                     ? 
_exptl_crystal.size_min                     ? 
_exptl_crystal.size_rad                     ? 
_exptl_crystal.colour_lustre                ? 
_exptl_crystal.colour_modifier              ? 
_exptl_crystal.colour_primary               ? 
_exptl_crystal.density_meas                 ? 
_exptl_crystal.density_meas_esd             ? 
_exptl_crystal.density_meas_gt              ? 
_exptl_crystal.density_meas_lt              ? 
_exptl_crystal.density_meas_temp            ? 
_exptl_crystal.density_meas_temp_esd        ? 
_exptl_crystal.density_meas_temp_gt         ? 
_exptl_crystal.density_meas_temp_lt         ? 
_exptl_crystal.pdbx_crystal_image_url       ? 
_exptl_crystal.pdbx_crystal_image_format    ? 
_exptl_crystal.pdbx_mosaicity               ? 
_exptl_crystal.pdbx_mosaicity_esd           ? 
_exptl_crystal.pdbx_mosaic_method           ? 
_exptl_crystal.pdbx_mosaic_block_size       ? 
_exptl_crystal.pdbx_mosaic_block_size_esd   ? 
# 
_exptl_crystal_grow.apparatus       ? 
_exptl_crystal_grow.atmosphere      ? 
_exptl_crystal_grow.crystal_id      1 
_exptl_crystal_grow.details         ? 
_exptl_crystal_grow.method          'VAPOR DIFFUSION, SITTING DROP' 
_exptl_crystal_grow.method_ref      ? 
_exptl_crystal_grow.pH              ? 
_exptl_crystal_grow.pressure        ? 
_exptl_crystal_grow.pressure_esd    ? 
_exptl_crystal_grow.seeding         ? 
_exptl_crystal_grow.seeding_ref     ? 
_exptl_crystal_grow.temp            298 
_exptl_crystal_grow.temp_details    ? 
_exptl_crystal_grow.temp_esd        ? 
_exptl_crystal_grow.time            ? 
_exptl_crystal_grow.pdbx_details    '20% PEG3350, 0.2 M ammonium sulfate, 0.1 M sodium chloride, 0.1 M MES' 
_exptl_crystal_grow.pdbx_pH_range   '6.0 - 7.5' 
# 
_diffrn.ambient_environment              ? 
_diffrn.ambient_temp                     100 
_diffrn.ambient_temp_details             ? 
_diffrn.ambient_temp_esd                 ? 
_diffrn.crystal_id                       1 
_diffrn.crystal_support                  ? 
_diffrn.crystal_treatment                ? 
_diffrn.details                          ? 
_diffrn.id                               1 
_diffrn.ambient_pressure                 ? 
_diffrn.ambient_pressure_esd             ? 
_diffrn.ambient_pressure_gt              ? 
_diffrn.ambient_pressure_lt              ? 
_diffrn.ambient_temp_gt                  ? 
_diffrn.ambient_temp_lt                  ? 
_diffrn.pdbx_serial_crystal_experiment   N 
# 
_diffrn_detector.details                      ? 
_diffrn_detector.detector                     PIXEL 
_diffrn_detector.diffrn_id                    1 
_diffrn_detector.type                         'DECTRIS PILATUS3 6M' 
_diffrn_detector.area_resol_mean              ? 
_diffrn_detector.dtime                        ? 
_diffrn_detector.pdbx_frames_total            ? 
_diffrn_detector.pdbx_collection_time_total   ? 
_diffrn_detector.pdbx_collection_date         2019-11-06 
_diffrn_detector.pdbx_frequency               ? 
# 
_diffrn_radiation.collimation                      ? 
_diffrn_radiation.diffrn_id                        1 
_diffrn_radiation.filter_edge                      ? 
_diffrn_radiation.inhomogeneity                    ? 
_diffrn_radiation.monochromator                    ? 
_diffrn_radiation.polarisn_norm                    ? 
_diffrn_radiation.polarisn_ratio                   ? 
_diffrn_radiation.probe                            ? 
_diffrn_radiation.type                             ? 
_diffrn_radiation.xray_symbol                      ? 
_diffrn_radiation.wavelength_id                    1 
_diffrn_radiation.pdbx_monochromatic_or_laue_m_l   M 
_diffrn_radiation.pdbx_wavelength_list             ? 
_diffrn_radiation.pdbx_wavelength                  ? 
_diffrn_radiation.pdbx_diffrn_protocol             'SINGLE WAVELENGTH' 
_diffrn_radiation.pdbx_analyzer                    ? 
_diffrn_radiation.pdbx_scattering_type             x-ray 
# 
_diffrn_radiation_wavelength.id           1 
_diffrn_radiation_wavelength.wavelength   0.97741 
_diffrn_radiation_wavelength.wt           1.0 
# 
_diffrn_source.current                     ? 
_diffrn_source.details                     ? 
_diffrn_source.diffrn_id                   1 
_diffrn_source.power                       ? 
_diffrn_source.size                        ? 
_diffrn_source.source                      SYNCHROTRON 
_diffrn_source.target                      ? 
_diffrn_source.type                        'ALS BEAMLINE 5.0.1' 
_diffrn_source.voltage                     ? 
_diffrn_source.take-off_angle              ? 
_diffrn_source.pdbx_wavelength_list        0.97741 
_diffrn_source.pdbx_wavelength             ? 
_diffrn_source.pdbx_synchrotron_beamline   5.0.1 
_diffrn_source.pdbx_synchrotron_site       ALS 
# 
_reflns.B_iso_Wilson_estimate                          ? 
_reflns.entry_id                                       7N4W 
_reflns.data_reduction_details                         ? 
_reflns.data_reduction_method                          ? 
_reflns.d_resolution_high                              1.6400 
_reflns.d_resolution_low                               50.000 
_reflns.details                                        ? 
_reflns.limit_h_max                                    ? 
_reflns.limit_h_min                                    ? 
_reflns.limit_k_max                                    ? 
_reflns.limit_k_min                                    ? 
_reflns.limit_l_max                                    ? 
_reflns.limit_l_min                                    ? 
_reflns.number_all                                     ? 
_reflns.number_obs                                     39481 
_reflns.observed_criterion                             ? 
_reflns.observed_criterion_F_max                       ? 
_reflns.observed_criterion_F_min                       ? 
_reflns.observed_criterion_I_max                       ? 
_reflns.observed_criterion_I_min                       ? 
_reflns.observed_criterion_sigma_F                     ? 
_reflns.observed_criterion_sigma_I                     ? 
_reflns.percent_possible_obs                           96.000 
_reflns.R_free_details                                 ? 
_reflns.Rmerge_F_all                                   ? 
_reflns.Rmerge_F_obs                                   ? 
_reflns.Friedel_coverage                               ? 
_reflns.number_gt                                      ? 
_reflns.threshold_expression                           ? 
_reflns.pdbx_redundancy                                1.900 
_reflns.pdbx_Rmerge_I_obs                              0.060 
_reflns.pdbx_Rmerge_I_all                              ? 
_reflns.pdbx_Rsym_value                                ? 
_reflns.pdbx_netI_over_av_sigmaI                       ? 
_reflns.pdbx_netI_over_sigmaI                          7.800 
_reflns.pdbx_res_netI_over_av_sigmaI_2                 ? 
_reflns.pdbx_res_netI_over_sigmaI_2                    ? 
_reflns.pdbx_chi_squared                               1.373 
_reflns.pdbx_scaling_rejects                           ? 
_reflns.pdbx_d_res_high_opt                            ? 
_reflns.pdbx_d_res_low_opt                             ? 
_reflns.pdbx_d_res_opt_method                          ? 
_reflns.phase_calculation_details                      ? 
_reflns.pdbx_Rrim_I_all                                0.083 
_reflns.pdbx_Rpim_I_all                                0.056 
_reflns.pdbx_d_opt                                     ? 
_reflns.pdbx_number_measured_all                       ? 
_reflns.pdbx_diffrn_id                                 1 
_reflns.pdbx_ordinal                                   1 
_reflns.pdbx_CC_half                                   ? 
_reflns.pdbx_CC_star                                   ? 
_reflns.pdbx_R_split                                   ? 
_reflns.pdbx_aniso_diffraction_limit_axis_1_ortho[1]   ? 
_reflns.pdbx_aniso_diffraction_limit_axis_1_ortho[2]   ? 
_reflns.pdbx_aniso_diffraction_limit_axis_1_ortho[3]   ? 
_reflns.pdbx_aniso_diffraction_limit_axis_2_ortho[1]   ? 
_reflns.pdbx_aniso_diffraction_limit_axis_2_ortho[2]   ? 
_reflns.pdbx_aniso_diffraction_limit_axis_2_ortho[3]   ? 
_reflns.pdbx_aniso_diffraction_limit_axis_3_ortho[1]   ? 
_reflns.pdbx_aniso_diffraction_limit_axis_3_ortho[2]   ? 
_reflns.pdbx_aniso_diffraction_limit_axis_3_ortho[3]   ? 
_reflns.pdbx_aniso_diffraction_limit_1                 ? 
_reflns.pdbx_aniso_diffraction_limit_2                 ? 
_reflns.pdbx_aniso_diffraction_limit_3                 ? 
_reflns.pdbx_aniso_B_tensor_eigenvector_1_ortho[1]     ? 
_reflns.pdbx_aniso_B_tensor_eigenvector_1_ortho[2]     ? 
_reflns.pdbx_aniso_B_tensor_eigenvector_1_ortho[3]     ? 
_reflns.pdbx_aniso_B_tensor_eigenvector_2_ortho[1]     ? 
_reflns.pdbx_aniso_B_tensor_eigenvector_2_ortho[2]     ? 
_reflns.pdbx_aniso_B_tensor_eigenvector_2_ortho[3]     ? 
_reflns.pdbx_aniso_B_tensor_eigenvector_3_ortho[1]     ? 
_reflns.pdbx_aniso_B_tensor_eigenvector_3_ortho[2]     ? 
_reflns.pdbx_aniso_B_tensor_eigenvector_3_ortho[3]     ? 
_reflns.pdbx_aniso_B_tensor_eigenvalue_1               ? 
_reflns.pdbx_aniso_B_tensor_eigenvalue_2               ? 
_reflns.pdbx_aniso_B_tensor_eigenvalue_3               ? 
_reflns.pdbx_orthogonalization_convention              ? 
_reflns.pdbx_percent_possible_ellipsoidal              ? 
_reflns.pdbx_percent_possible_spherical                ? 
_reflns.pdbx_percent_possible_ellipsoidal_anomalous    ? 
_reflns.pdbx_percent_possible_spherical_anomalous      ? 
_reflns.pdbx_redundancy_anomalous                      ? 
_reflns.pdbx_CC_half_anomalous                         ? 
_reflns.pdbx_absDiff_over_sigma_anomalous              ? 
_reflns.pdbx_percent_possible_anomalous                ? 
_reflns.pdbx_observed_signal_threshold                 ? 
_reflns.pdbx_signal_type                               ? 
_reflns.pdbx_signal_details                            ? 
_reflns.pdbx_signal_software_id                        ? 
_reflns.pdbx_CC_split_method                           ? 
# 
loop_
_reflns_shell.d_res_high 
_reflns_shell.d_res_low 
_reflns_shell.meanI_over_sigI_all 
_reflns_shell.meanI_over_sigI_obs 
_reflns_shell.number_measured_all 
_reflns_shell.number_measured_obs 
_reflns_shell.number_possible 
_reflns_shell.number_unique_all 
_reflns_shell.number_unique_obs 
_reflns_shell.percent_possible_all 
_reflns_shell.percent_possible_obs 
_reflns_shell.Rmerge_F_all 
_reflns_shell.Rmerge_F_obs 
_reflns_shell.Rmerge_I_all 
_reflns_shell.Rmerge_I_obs 
_reflns_shell.meanI_over_sigI_gt 
_reflns_shell.meanI_over_uI_all 
_reflns_shell.meanI_over_uI_gt 
_reflns_shell.number_measured_gt 
_reflns_shell.number_unique_gt 
_reflns_shell.percent_possible_gt 
_reflns_shell.Rmerge_F_gt 
_reflns_shell.Rmerge_I_gt 
_reflns_shell.pdbx_redundancy 
_reflns_shell.pdbx_Rsym_value 
_reflns_shell.pdbx_chi_squared 
_reflns_shell.pdbx_netI_over_sigmaI_all 
_reflns_shell.pdbx_netI_over_sigmaI_obs 
_reflns_shell.pdbx_Rrim_I_all 
_reflns_shell.pdbx_Rpim_I_all 
_reflns_shell.pdbx_rejects 
_reflns_shell.pdbx_ordinal 
_reflns_shell.pdbx_diffrn_id 
_reflns_shell.pdbx_CC_half 
_reflns_shell.pdbx_CC_star 
_reflns_shell.pdbx_R_split 
_reflns_shell.pdbx_percent_possible_ellipsoidal 
_reflns_shell.pdbx_percent_possible_spherical 
_reflns_shell.pdbx_percent_possible_ellipsoidal_anomalous 
_reflns_shell.pdbx_percent_possible_spherical_anomalous 
_reflns_shell.pdbx_redundancy_anomalous 
_reflns_shell.pdbx_CC_half_anomalous 
_reflns_shell.pdbx_absDiff_over_sigma_anomalous 
_reflns_shell.pdbx_percent_possible_anomalous 
1.730 1.760  ? ? ? ? ? ? 1999 95.100 ? ? ? ? 0.285 ? ? ? ? ? ? ? ? 1.800 ? 0.548 ? ? 0.389 0.263 ? 1  1 0.830 ? ? ? ? ? ? ? ? ? ? 
1.760 1.790  ? ? ? ? ? ? 1952 95.100 ? ? ? ? 0.263 ? ? ? ? ? ? ? ? 1.900 ? 0.577 ? ? 0.358 0.241 ? 2  1 0.840 ? ? ? ? ? ? ? ? ? ? 
1.790 1.830  ? ? ? ? ? ? 1904 95.200 ? ? ? ? 0.243 ? ? ? ? ? ? ? ? 2.000 ? 0.613 ? ? 0.331 0.222 ? 3  1 0.855 ? ? ? ? ? ? ? ? ? ? 
1.830 1.860  ? ? ? ? ? ? 1997 95.000 ? ? ? ? 0.207 ? ? ? ? ? ? ? ? 2.000 ? 0.698 ? ? 0.282 0.191 ? 4  1 0.876 ? ? ? ? ? ? ? ? ? ? 
1.860 1.900  ? ? ? ? ? ? 1982 95.600 ? ? ? ? 0.190 ? ? ? ? ? ? ? ? 1.900 ? 0.824 ? ? 0.259 0.175 ? 5  1 0.892 ? ? ? ? ? ? ? ? ? ? 
1.900 1.950  ? ? ? ? ? ? 1965 95.500 ? ? ? ? 0.168 ? ? ? ? ? ? ? ? 1.900 ? 0.810 ? ? 0.229 0.154 ? 6  1 0.915 ? ? ? ? ? ? ? ? ? ? 
1.950 2.000  ? ? ? ? ? ? 1893 94.800 ? ? ? ? 0.153 ? ? ? ? ? ? ? ? 1.900 ? 1.146 ? ? 0.208 0.141 ? 7  1 0.920 ? ? ? ? ? ? ? ? ? ? 
2.000 2.050  ? ? ? ? ? ? 1994 96.400 ? ? ? ? 0.124 ? ? ? ? ? ? ? ? 1.900 ? 1.039 ? ? 0.169 0.114 ? 8  1 0.944 ? ? ? ? ? ? ? ? ? ? 
2.050 2.110  ? ? ? ? ? ? 1991 96.000 ? ? ? ? 0.115 ? ? ? ? ? ? ? ? 1.900 ? 1.232 ? ? 0.158 0.107 ? 9  1 0.953 ? ? ? ? ? ? ? ? ? ? 
2.110 2.180  ? ? ? ? ? ? 1958 96.200 ? ? ? ? 0.106 ? ? ? ? ? ? ? ? 1.900 ? 1.328 ? ? 0.144 0.097 ? 10 1 0.953 ? ? ? ? ? ? ? ? ? ? 
2.180 2.260  ? ? ? ? ? ? 1944 95.900 ? ? ? ? 0.096 ? ? ? ? ? ? ? ? 2.000 ? 1.438 ? ? 0.131 0.089 ? 11 1 0.959 ? ? ? ? ? ? ? ? ? ? 
2.260 2.350  ? ? ? ? ? ? 2025 96.400 ? ? ? ? 0.089 ? ? ? ? ? ? ? ? 2.000 ? 1.670 ? ? 0.121 0.082 ? 12 1 0.965 ? ? ? ? ? ? ? ? ? ? 
2.350 2.450  ? ? ? ? ? ? 1921 95.200 ? ? ? ? 0.085 ? ? ? ? ? ? ? ? 1.900 ? 1.735 ? ? 0.116 0.079 ? 13 1 0.965 ? ? ? ? ? ? ? ? ? ? 
2.450 2.580  ? ? ? ? ? ? 1970 96.200 ? ? ? ? 0.077 ? ? ? ? ? ? ? ? 1.900 ? 1.810 ? ? 0.105 0.071 ? 14 1 0.967 ? ? ? ? ? ? ? ? ? ? 
2.580 2.750  ? ? ? ? ? ? 1989 96.000 ? ? ? ? 0.071 ? ? ? ? ? ? ? ? 1.900 ? 1.912 ? ? 0.098 0.066 ? 15 1 0.973 ? ? ? ? ? ? ? ? ? ? 
2.750 2.960  ? ? ? ? ? ? 1996 95.900 ? ? ? ? 0.064 ? ? ? ? ? ? ? ? 2.000 ? 1.876 ? ? 0.088 0.060 ? 16 1 0.977 ? ? ? ? ? ? ? ? ? ? 
2.960 3.260  ? ? ? ? ? ? 1972 96.400 ? ? ? ? 0.061 ? ? ? ? ? ? ? ? 2.000 ? 2.112 ? ? 0.083 0.056 ? 17 1 0.978 ? ? ? ? ? ? ? ? ? ? 
3.260 3.730  ? ? ? ? ? ? 1949 97.000 ? ? ? ? 0.057 ? ? ? ? ? ? ? ? 1.900 ? 2.533 ? ? 0.078 0.053 ? 18 1 0.983 ? ? ? ? ? ? ? ? ? ? 
3.730 4.690  ? ? ? ? ? ? 2037 97.900 ? ? ? ? 0.048 ? ? ? ? ? ? ? ? 2.000 ? 2.292 ? ? 0.066 0.045 ? 19 1 0.986 ? ? ? ? ? ? ? ? ? ? 
4.690 50.000 ? ? ? ? ? ? 2043 99.100 ? ? ? ? 0.035 ? ? ? ? ? ? ? ? 1.900 ? 1.174 ? ? 0.048 0.032 ? 20 1 0.994 ? ? ? ? ? ? ? ? ? ? 
# 
_refine.aniso_B[1][1]                            -6.6200 
_refine.aniso_B[1][2]                            -0.0000 
_refine.aniso_B[1][3]                            7.1800 
_refine.aniso_B[2][2]                            5.5400 
_refine.aniso_B[2][3]                            0.0000 
_refine.aniso_B[3][3]                            1.0800 
_refine.B_iso_max                                77.410 
_refine.B_iso_mean                               27.7810 
_refine.B_iso_min                                15.500 
_refine.correlation_coeff_Fo_to_Fc               0.9740 
_refine.correlation_coeff_Fo_to_Fc_free          0.9690 
_refine.details                                  'U VALUES      : REFINED INDIVIDUALLY' 
_refine.diff_density_max                         ? 
_refine.diff_density_max_esd                     ? 
_refine.diff_density_min                         ? 
_refine.diff_density_min_esd                     ? 
_refine.diff_density_rms                         ? 
_refine.diff_density_rms_esd                     ? 
_refine.entry_id                                 7N4W 
_refine.pdbx_refine_id                           'X-RAY DIFFRACTION' 
_refine.ls_abs_structure_details                 ? 
_refine.ls_abs_structure_Flack                   ? 
_refine.ls_abs_structure_Flack_esd               ? 
_refine.ls_abs_structure_Rogers                  ? 
_refine.ls_abs_structure_Rogers_esd              ? 
_refine.ls_d_res_high                            1.6400 
_refine.ls_d_res_low                             46.0800 
_refine.ls_extinction_coef                       ? 
_refine.ls_extinction_coef_esd                   ? 
_refine.ls_extinction_expression                 ? 
_refine.ls_extinction_method                     ? 
_refine.ls_goodness_of_fit_all                   ? 
_refine.ls_goodness_of_fit_all_esd               ? 
_refine.ls_goodness_of_fit_obs                   ? 
_refine.ls_goodness_of_fit_obs_esd               ? 
_refine.ls_hydrogen_treatment                    ? 
_refine.ls_matrix_type                           ? 
_refine.ls_number_constraints                    ? 
_refine.ls_number_parameters                     ? 
_refine.ls_number_reflns_all                     ? 
_refine.ls_number_reflns_obs                     23459 
_refine.ls_number_reflns_R_free                  1364 
_refine.ls_number_reflns_R_work                  ? 
_refine.ls_number_restraints                     ? 
_refine.ls_percent_reflns_obs                    99.3900 
_refine.ls_percent_reflns_R_free                 5.5000 
_refine.ls_R_factor_all                          ? 
_refine.ls_R_factor_obs                          0.1522 
_refine.ls_R_factor_R_free                       0.1735 
_refine.ls_R_factor_R_free_error                 ? 
_refine.ls_R_factor_R_free_error_details         ? 
_refine.ls_R_factor_R_work                       0.1509 
_refine.ls_R_Fsqd_factor_obs                     ? 
_refine.ls_R_I_factor_obs                        ? 
_refine.ls_redundancy_reflns_all                 ? 
_refine.ls_redundancy_reflns_obs                 ? 
_refine.ls_restrained_S_all                      ? 
_refine.ls_restrained_S_obs                      ? 
_refine.ls_shift_over_esd_max                    ? 
_refine.ls_shift_over_esd_mean                   ? 
_refine.ls_structure_factor_coef                 ? 
_refine.ls_weighting_details                     ? 
_refine.ls_weighting_scheme                      ? 
_refine.ls_wR_factor_all                         ? 
_refine.ls_wR_factor_obs                         ? 
_refine.ls_wR_factor_R_free                      ? 
_refine.ls_wR_factor_R_work                      ? 
_refine.occupancy_max                            ? 
_refine.occupancy_min                            ? 
_refine.solvent_model_details                    MASK 
_refine.solvent_model_param_bsol                 ? 
_refine.solvent_model_param_ksol                 ? 
_refine.pdbx_R_complete                          ? 
_refine.ls_R_factor_gt                           ? 
_refine.ls_goodness_of_fit_gt                    ? 
_refine.ls_goodness_of_fit_ref                   ? 
_refine.ls_shift_over_su_max                     ? 
_refine.ls_shift_over_su_max_lt                  ? 
_refine.ls_shift_over_su_mean                    ? 
_refine.ls_shift_over_su_mean_lt                 ? 
_refine.pdbx_ls_sigma_I                          ? 
_refine.pdbx_ls_sigma_F                          0.000 
_refine.pdbx_ls_sigma_Fsqd                       ? 
_refine.pdbx_data_cutoff_high_absF               ? 
_refine.pdbx_data_cutoff_high_rms_absF           ? 
_refine.pdbx_data_cutoff_low_absF                ? 
_refine.pdbx_isotropic_thermal_model             ? 
_refine.pdbx_ls_cross_valid_method               THROUGHOUT 
_refine.pdbx_method_to_determine_struct          'MOLECULAR REPLACEMENT' 
_refine.pdbx_starting_model                      3VVX 
_refine.pdbx_stereochemistry_target_values       'MAXIMUM LIKELIHOOD' 
_refine.pdbx_R_Free_selection_details            RANDOM 
_refine.pdbx_stereochem_target_val_spec_case     ? 
_refine.pdbx_overall_ESU_R                       0.0160 
_refine.pdbx_overall_ESU_R_Free                  0.0160 
_refine.pdbx_solvent_vdw_probe_radii             1.2000 
_refine.pdbx_solvent_ion_probe_radii             0.8000 
_refine.pdbx_solvent_shrinkage_radii             0.8000 
_refine.pdbx_real_space_R                        ? 
_refine.pdbx_density_correlation                 ? 
_refine.pdbx_pd_number_of_powder_patterns        ? 
_refine.pdbx_pd_number_of_points                 ? 
_refine.pdbx_pd_meas_number_of_points            ? 
_refine.pdbx_pd_proc_ls_prof_R_factor            ? 
_refine.pdbx_pd_proc_ls_prof_wR_factor           ? 
_refine.pdbx_pd_Marquardt_correlation_coeff      ? 
_refine.pdbx_pd_Fsqrd_R_factor                   ? 
_refine.pdbx_pd_ls_matrix_band_width             ? 
_refine.pdbx_overall_phase_error                 ? 
_refine.pdbx_overall_SU_R_free_Cruickshank_DPI   ? 
_refine.pdbx_overall_SU_R_free_Blow_DPI          ? 
_refine.pdbx_overall_SU_R_Blow_DPI               ? 
_refine.pdbx_TLS_residual_ADP_flag               ? 
_refine.pdbx_diffrn_id                           1 
_refine.overall_SU_B                             0.9190 
_refine.overall_SU_ML                            0.0350 
_refine.overall_SU_R_Cruickshank_DPI             ? 
_refine.overall_SU_R_free                        ? 
_refine.overall_FOM_free_R_set                   ? 
_refine.overall_FOM_work_R_set                   ? 
_refine.pdbx_average_fsc_overall                 ? 
_refine.pdbx_average_fsc_work                    ? 
_refine.pdbx_average_fsc_free                    ? 
# 
_refine_hist.pdbx_refine_id                   'X-RAY DIFFRACTION' 
_refine_hist.cycle_id                         final 
_refine_hist.details                          ? 
_refine_hist.d_res_high                       1.6400 
_refine_hist.d_res_low                        46.0800 
_refine_hist.number_atoms_solvent             109 
_refine_hist.number_atoms_total               1607 
_refine_hist.number_reflns_all                ? 
_refine_hist.number_reflns_obs                ? 
_refine_hist.number_reflns_R_free             ? 
_refine_hist.number_reflns_R_work             ? 
_refine_hist.R_factor_all                     ? 
_refine_hist.R_factor_obs                     ? 
_refine_hist.R_factor_R_free                  ? 
_refine_hist.R_factor_R_work                  ? 
_refine_hist.pdbx_number_residues_total       183 
_refine_hist.pdbx_B_iso_mean_ligand           24.99 
_refine_hist.pdbx_B_iso_mean_solvent          38.71 
_refine_hist.pdbx_number_atoms_protein        1461 
_refine_hist.pdbx_number_atoms_nucleic_acid   0 
_refine_hist.pdbx_number_atoms_ligand         37 
_refine_hist.pdbx_number_atoms_lipid          ? 
_refine_hist.pdbx_number_atoms_carb           ? 
_refine_hist.pdbx_pseudo_atom_details         ? 
# 
loop_
_refine_ls_restr.pdbx_refine_id 
_refine_ls_restr.criterion 
_refine_ls_restr.dev_ideal 
_refine_ls_restr.dev_ideal_target 
_refine_ls_restr.number 
_refine_ls_restr.rejects 
_refine_ls_restr.type 
_refine_ls_restr.weight 
_refine_ls_restr.pdbx_restraint_function 
'X-RAY DIFFRACTION' ? 0.013  0.012  1528 ? r_bond_refined_d       ? ? 
'X-RAY DIFFRACTION' ? 2.246  1.660  2063 ? r_angle_refined_deg    ? ? 
'X-RAY DIFFRACTION' ? 5.569  5.000  182  ? r_dihedral_angle_1_deg ? ? 
'X-RAY DIFFRACTION' ? 35.227 20.588 85   ? r_dihedral_angle_2_deg ? ? 
'X-RAY DIFFRACTION' ? 15.416 15.000 262  ? r_dihedral_angle_3_deg ? ? 
'X-RAY DIFFRACTION' ? 20.541 15.000 14   ? r_dihedral_angle_4_deg ? ? 
'X-RAY DIFFRACTION' ? 0.319  0.200  200  ? r_chiral_restr         ? ? 
'X-RAY DIFFRACTION' ? 0.015  0.020  1155 ? r_gen_planes_refined   ? ? 
# 
_refine_ls_shell.pdbx_refine_id                   'X-RAY DIFFRACTION' 
_refine_ls_shell.d_res_high                       1.6400 
_refine_ls_shell.d_res_low                        1.6810 
_refine_ls_shell.number_reflns_all                ? 
_refine_ls_shell.number_reflns_obs                ? 
_refine_ls_shell.number_reflns_R_free             100 
_refine_ls_shell.number_reflns_R_work             1596 
_refine_ls_shell.percent_reflns_obs               93.3900 
_refine_ls_shell.percent_reflns_R_free            ? 
_refine_ls_shell.R_factor_all                     ? 
_refine_ls_shell.R_factor_obs                     ? 
_refine_ls_shell.R_factor_R_free                  0.2670 
_refine_ls_shell.R_factor_R_free_error            0.0000 
_refine_ls_shell.R_factor_R_work                  0.1810 
_refine_ls_shell.redundancy_reflns_all            ? 
_refine_ls_shell.redundancy_reflns_obs            ? 
_refine_ls_shell.wR_factor_all                    ? 
_refine_ls_shell.wR_factor_obs                    ? 
_refine_ls_shell.wR_factor_R_free                 ? 
_refine_ls_shell.wR_factor_R_work                 ? 
_refine_ls_shell.pdbx_R_complete                  ? 
_refine_ls_shell.pdbx_total_number_of_bins_used   ? 
_refine_ls_shell.pdbx_phase_error                 ? 
_refine_ls_shell.pdbx_fsc_work                    ? 
_refine_ls_shell.pdbx_fsc_free                    ? 
# 
_struct.entry_id                     7N4W 
_struct.title                        'Complex structure of ROTU4 with rotundine' 
_struct.pdbx_model_details           ? 
_struct.pdbx_formula_weight          ? 
_struct.pdbx_formula_weight_method   ? 
_struct.pdbx_model_type_details      ? 
_struct.pdbx_CASP_flag               N 
# 
_struct_keywords.entry_id        7N4W 
_struct_keywords.text            'Transcription Factor, Protein Engineering, Specificity, Synthetic Biology, TRANSCRIPTION' 
_struct_keywords.pdbx_keywords   TRANSCRIPTION 
# 
loop_
_struct_asym.id 
_struct_asym.pdbx_blank_PDB_chainid_flag 
_struct_asym.pdbx_modified 
_struct_asym.entity_id 
_struct_asym.details 
A N N 1 ? 
B N N 2 ? 
C N N 3 ? 
D N N 4 ? 
E N N 5 ? 
# 
loop_
_struct_conf.conf_type_id 
_struct_conf.id 
_struct_conf.pdbx_PDB_helix_id 
_struct_conf.beg_label_comp_id 
_struct_conf.beg_label_asym_id 
_struct_conf.beg_label_seq_id 
_struct_conf.pdbx_beg_PDB_ins_code 
_struct_conf.end_label_comp_id 
_struct_conf.end_label_asym_id 
_struct_conf.end_label_seq_id 
_struct_conf.pdbx_end_PDB_ins_code 
_struct_conf.beg_auth_comp_id 
_struct_conf.beg_auth_asym_id 
_struct_conf.beg_auth_seq_id 
_struct_conf.end_auth_comp_id 
_struct_conf.end_auth_asym_id 
_struct_conf.end_auth_seq_id 
_struct_conf.pdbx_PDB_helix_class 
_struct_conf.details 
_struct_conf.pdbx_PDB_helix_length 
HELX_P HELX_P1  AA1 ASP A 9   ? GLY A 26  ? ASP A 8   GLY A 25  1 ? 18 
HELX_P HELX_P2  AA2 SER A 30  ? ALA A 38  ? SER A 29  ALA A 37  1 ? 9  
HELX_P HELX_P3  AA3 ALA A 41  ? PHE A 49  ? ALA A 40  PHE A 48  1 ? 9  
HELX_P HELX_P4  AA4 THR A 51  ? ASP A 76  ? THR A 50  ASP A 75  1 ? 26 
HELX_P HELX_P5  AA5 ASP A 81  ? HIS A 100 ? ASP A 80  HIS A 99  1 ? 20 
HELX_P HELX_P6  AA6 HIS A 100 ? ALA A 111 ? HIS A 99  ALA A 110 1 ? 12 
HELX_P HELX_P7  AA7 THR A 117 ? MET A 127 ? THR A 116 MET A 126 1 ? 11 
HELX_P HELX_P8  AA8 PHE A 128 ? VAL A 139 ? PHE A 127 VAL A 138 1 ? 12 
HELX_P HELX_P9  AA9 LEU A 140 ? SER A 145 ? LEU A 139 SER A 144 5 ? 6  
HELX_P HELX_P10 AB1 TYR A 148 ? ASP A 170 ? TYR A 147 ASP A 169 1 ? 23 
HELX_P HELX_P11 AB2 ARG A 173 ? THR A 190 ? ARG A 172 THR A 189 1 ? 18 
# 
_struct_conf_type.id          HELX_P 
_struct_conf_type.criteria    ? 
_struct_conf_type.reference   ? 
# 
_atom_sites.entry_id                    7N4W 
_atom_sites.Cartn_transf_matrix[1][1]   ? 
_atom_sites.Cartn_transf_matrix[1][2]   ? 
_atom_sites.Cartn_transf_matrix[1][3]   ? 
_atom_sites.Cartn_transf_matrix[2][1]   ? 
_atom_sites.Cartn_transf_matrix[2][2]   ? 
_atom_sites.Cartn_transf_matrix[2][3]   ? 
_atom_sites.Cartn_transf_matrix[3][1]   ? 
_atom_sites.Cartn_transf_matrix[3][2]   ? 
_atom_sites.Cartn_transf_matrix[3][3]   ? 
_atom_sites.Cartn_transf_vector[1]      ? 
_atom_sites.Cartn_transf_vector[2]      ? 
_atom_sites.Cartn_transf_vector[3]      ? 
_atom_sites.fract_transf_matrix[1][1]   -0.00262497 
_atom_sites.fract_transf_matrix[1][2]   -0.00000711 
_atom_sites.fract_transf_matrix[1][3]   0.01107212 
_atom_sites.fract_transf_matrix[2][1]   0.01783308 
_atom_sites.fract_transf_matrix[2][2]   0.00738135 
_atom_sites.fract_transf_matrix[2][3]   0.00423260 
_atom_sites.fract_transf_matrix[3][1]   -0.00790242 
_atom_sites.fract_transf_matrix[3][2]   0.02013074 
_atom_sites.fract_transf_matrix[3][3]   -0.00181157 
_atom_sites.fract_transf_vector[1]      -0.089097 
_atom_sites.fract_transf_vector[2]      -0.073261 
_atom_sites.fract_transf_vector[3]      0.262894 
_atom_sites.solution_primary            ? 
_atom_sites.solution_secondary          ? 
_atom_sites.solution_hydrogens          ? 
_atom_sites.special_details             ? 
# 
loop_
_atom_type.symbol 
C 
N 
O 
S 
# 
loop_
_atom_site.group_PDB 
_atom_site.id 
_atom_site.type_symbol 
_atom_site.label_atom_id 
_atom_site.label_alt_id 
_atom_site.label_comp_id 
_atom_site.label_asym_id 
_atom_site.label_entity_id 
_atom_site.label_seq_id 
_atom_site.pdbx_PDB_ins_code 
_atom_site.Cartn_x 
_atom_site.Cartn_y 
_atom_site.Cartn_z 
_atom_site.occupancy 
_atom_site.B_iso_or_equiv 
_atom_site.pdbx_formal_charge 
_atom_site.auth_seq_id 
_atom_site.auth_comp_id 
_atom_site.auth_asym_id 
_atom_site.auth_atom_id 
_atom_site.pdbx_PDB_model_num 
ATOM   1    N N   . ASP A 1 9   ? 21.313  -6.785  -0.678  1.00 63.13 ? 8   ASP A N   1 
ATOM   2    C CA  . ASP A 1 9   ? 22.039  -5.894  -1.609  1.00 61.22 ? 8   ASP A CA  1 
ATOM   3    C C   . ASP A 1 9   ? 21.862  -4.440  -1.170  1.00 59.89 ? 8   ASP A C   1 
ATOM   4    O O   . ASP A 1 9   ? 21.109  -4.143  -0.233  1.00 55.59 ? 8   ASP A O   1 
ATOM   5    C CB  . ASP A 1 9   ? 21.643  -6.157  -3.066  1.00 70.51 ? 8   ASP A CB  1 
ATOM   6    C CG  . ASP A 1 9   ? 20.191  -6.566  -3.281  1.00 68.97 ? 8   ASP A CG  1 
ATOM   7    O OD1 . ASP A 1 9   ? 19.326  -6.082  -2.531  1.00 65.57 ? 8   ASP A OD1 1 
ATOM   8    O OD2 . ASP A 1 9   ? 19.939  -7.363  -4.216  1.00 77.36 ? 8   ASP A OD2 1 
ATOM   9    N N   . LYS A 1 10  ? 22.589  -3.543  -1.845  1.00 51.25 ? 9   LYS A N   1 
ATOM   10   C CA  . LYS A 1 10  ? 22.427  -2.115  -1.635  1.00 44.62 ? 9   LYS A CA  1 
ATOM   11   C C   . LYS A 1 10  ? 21.030  -1.710  -2.101  1.00 33.21 ? 9   LYS A C   1 
ATOM   12   O O   . LYS A 1 10  ? 20.516  -0.701  -1.624  1.00 31.49 ? 9   LYS A O   1 
ATOM   13   C CB  . LYS A 1 10  ? 23.496  -1.295  -2.375  1.00 54.20 ? 9   LYS A CB  1 
ATOM   14   C CG  . LYS A 1 10  ? 24.690  -0.861  -1.531  1.00 58.89 ? 9   LYS A CG  1 
ATOM   15   C CD  . LYS A 1 10  ? 25.723  -0.089  -2.326  1.00 71.43 ? 9   LYS A CD  1 
ATOM   16   C CE  . LYS A 1 10  ? 26.950  -0.897  -2.703  1.00 72.48 ? 9   LYS A CE  1 
ATOM   17   N NZ  . LYS A 1 10  ? 27.714  -0.265  -3.806  1.00 77.41 ? 9   LYS A NZ  1 
ATOM   18   N N   . LYS A 1 11  ? 20.456  -2.485  -3.033  1.00 31.91 ? 10  LYS A N   1 
ATOM   19   C CA  . LYS A 1 11  ? 19.139  -2.180  -3.593  1.00 30.67 ? 10  LYS A CA  1 
ATOM   20   C C   . LYS A 1 11  ? 18.090  -2.284  -2.489  1.00 33.00 ? 10  LYS A C   1 
ATOM   21   O O   . LYS A 1 11  ? 17.286  -1.382  -2.318  1.00 32.86 ? 10  LYS A O   1 
ATOM   22   C CB  . LYS A 1 11  ? 18.699  -3.155  -4.687  1.00 34.52 ? 10  LYS A CB  1 
ATOM   23   C CG  . LYS A 1 11  ? 17.380  -2.752  -5.345  1.00 37.22 ? 10  LYS A CG  1 
ATOM   24   C CD  . LYS A 1 11  ? 16.941  -3.643  -6.504  1.00 44.26 ? 10  LYS A CD  1 
ATOM   25   C CE  . LYS A 1 11  ? 16.577  -5.052  -6.075  1.00 61.93 ? 10  LYS A CE  1 
ATOM   26   N NZ  . LYS A 1 11  ? 16.192  -5.925  -7.214  1.00 65.36 ? 10  LYS A NZ  1 
ATOM   27   N N   . GLN A 1 12  ? 18.118  -3.384  -1.723  1.00 35.88 ? 11  GLN A N   1 
ATOM   28   C CA  . GLN A 1 12  ? 17.240  -3.542  -0.574  1.00 33.98 ? 11  GLN A CA  1 
ATOM   29   C C   . GLN A 1 12  ? 17.485  -2.440  0.450   1.00 31.58 ? 11  GLN A C   1 
ATOM   30   O O   . GLN A 1 12  ? 16.532  -1.903  0.970   1.00 29.02 ? 11  GLN A O   1 
ATOM   31   C CB  . GLN A 1 12  ? 17.397  -4.936  0.057   1.00 35.82 ? 11  GLN A CB  1 
ATOM   32   C CG  . GLN A 1 12  ? 16.504  -5.115  1.288   1.00 39.33 ? 11  GLN A CG  1 
ATOM   33   C CD  . GLN A 1 12  ? 15.032  -5.187  0.965   1.00 41.83 ? 11  GLN A CD  1 
ATOM   34   O OE1 . GLN A 1 12  ? 14.622  -5.651  -0.110  1.00 44.39 ? 11  GLN A OE1 1 
ATOM   35   N NE2 . GLN A 1 12  ? 14.224  -4.695  1.894   1.00 46.47 ? 11  GLN A NE2 1 
ATOM   36   N N   . ALA A 1 13  ? 18.746  -2.082  0.757   1.00 27.94 ? 12  ALA A N   1 
ATOM   37   C CA  . ALA A 1 13  ? 19.028  -0.974  1.663   1.00 27.54 ? 12  ALA A CA  1 
ATOM   38   C C   . ALA A 1 13  ? 18.431  0.332   1.147   1.00 27.12 ? 12  ALA A C   1 
ATOM   39   O O   . ALA A 1 13  ? 18.031  1.164   1.958   1.00 29.22 ? 12  ALA A O   1 
ATOM   40   C CB  . ALA A 1 13  ? 20.511  -0.732  1.789   1.00 28.47 ? 12  ALA A CB  1 
ATOM   41   N N   . LEU A 1 14  ? 18.540  0.534   -0.177  1.00 25.98 ? 13  LEU A N   1 
ATOM   42   C CA  . LEU A 1 14  ? 18.011  1.778   -0.722  1.00 23.70 ? 13  LEU A CA  1 
ATOM   43   C C   . LEU A 1 14  ? 16.490  1.782   -0.557  1.00 23.40 ? 13  LEU A C   1 
ATOM   44   O O   . LEU A 1 14  ? 15.920  2.836   -0.246  1.00 23.19 ? 13  LEU A O   1 
ATOM   45   C CB  . LEU A 1 14  ? 18.416  1.918   -2.187  1.00 24.46 ? 13  LEU A CB  1 
ATOM   46   C CG  . LEU A 1 14  ? 19.846  2.420   -2.325  1.00 24.97 ? 13  LEU A CG  1 
ATOM   47   C CD1 . LEU A 1 14  ? 20.383  2.142   -3.724  1.00 28.79 ? 13  LEU A CD1 1 
ATOM   48   C CD2 . LEU A 1 14  ? 19.971  3.887   -1.947  1.00 26.76 ? 13  LEU A CD2 1 
ATOM   49   N N   . LEU A 1 15  ? 15.870  0.645   -0.845  1.00 23.61 ? 14  LEU A N   1 
ATOM   50   C CA  . LEU A 1 15  ? 14.406  0.550   -0.784  1.00 23.97 ? 14  LEU A CA  1 
ATOM   51   C C   . LEU A 1 15  ? 13.939  0.824   0.647   1.00 23.47 ? 14  LEU A C   1 
ATOM   52   O O   . LEU A 1 15  ? 12.949  1.530   0.901   1.00 22.86 ? 14  LEU A O   1 
ATOM   53   C CB  . LEU A 1 15  ? 13.956  -0.831  -1.328  1.00 24.26 ? 14  LEU A CB  1 
ATOM   54   C CG  . LEU A 1 15  ? 14.098  -1.031  -2.850  1.00 25.21 ? 14  LEU A CG  1 
ATOM   55   C CD1 . LEU A 1 15  ? 13.815  -2.491  -3.269  1.00 32.02 ? 14  LEU A CD1 1 
ATOM   56   C CD2 . LEU A 1 15  ? 13.165  -0.098  -3.615  1.00 27.89 ? 14  LEU A CD2 1 
ATOM   57   N N   . GLU A 1 16  ? 14.656  0.259   1.633   1.00 24.23 ? 15  GLU A N   1 
ATOM   58   C CA  . GLU A 1 16  ? 14.350  0.482   3.031   1.00 25.14 ? 15  GLU A CA  1 
ATOM   59   C C   . GLU A 1 16  ? 14.534  1.956   3.440   1.00 24.14 ? 15  GLU A C   1 
ATOM   60   O O   . GLU A 1 16  ? 13.666  2.538   4.098   1.00 24.99 ? 15  GLU A O   1 
ATOM   61   C CB  . GLU A 1 16  ? 15.180  -0.487  3.878   1.00 24.06 ? 15  GLU A CB  1 
ATOM   62   C CG  . GLU A 1 16  ? 15.142  -0.092  5.338   1.00 30.93 ? 15  GLU A CG  1 
ATOM   63   C CD  . GLU A 1 16  ? 13.785  -0.392  5.958   1.00 35.34 ? 15  GLU A CD  1 
ATOM   64   O OE1 . GLU A 1 16  ? 13.599  -0.028  7.137   1.00 36.33 ? 15  GLU A OE1 1 
ATOM   65   O OE2 . GLU A 1 16  ? 12.914  -0.962  5.274   1.00 39.30 ? 15  GLU A OE2 1 
ATOM   66   N N   . ALA A 1 17  ? 15.668  2.569   3.064   1.00 23.74 ? 16  ALA A N   1 
ATOM   67   C CA  . ALA A 1 17  ? 15.888  3.991   3.328   1.00 23.56 ? 16  ALA A CA  1 
ATOM   68   C C   . ALA A 1 17  ? 14.804  4.831   2.649   1.00 22.89 ? 16  ALA A C   1 
ATOM   69   O O   . ALA A 1 17  ? 14.366  5.843   3.207   1.00 25.13 ? 16  ALA A O   1 
ATOM   70   C CB  . ALA A 1 17  ? 17.283  4.410   2.862   1.00 23.82 ? 16  ALA A CB  1 
ATOM   71   N N   . ALA A 1 18  ? 14.398  4.458   1.413   1.00 21.90 ? 17  ALA A N   1 
ATOM   72   C CA  . ALA A 1 18  ? 13.381  5.246   0.739   1.00 20.34 ? 17  ALA A CA  1 
ATOM   73   C C   . ALA A 1 18  ? 12.033  5.079   1.451   1.00 21.96 ? 17  ALA A C   1 
ATOM   74   O O   . ALA A 1 18  ? 11.280  6.037   1.521   1.00 22.32 ? 17  ALA A O   1 
ATOM   75   C CB  . ALA A 1 18  ? 13.271  4.819   -0.699  1.00 21.93 ? 17  ALA A CB  1 
ATOM   76   N N   . THR A 1 19  ? 11.775  3.880   2.008   1.00 19.75 ? 18  THR A N   1 
ATOM   77   C CA  . THR A 1 19  ? 10.540  3.699   2.775   1.00 20.85 ? 18  THR A CA  1 
ATOM   78   C C   . THR A 1 19  ? 10.512  4.628   3.997   1.00 20.30 ? 18  THR A C   1 
ATOM   79   O O   . THR A 1 19  ? 9.499   5.295   4.241   1.00 22.50 ? 18  THR A O   1 
ATOM   80   C CB  . THR A 1 19  ? 10.410  2.218   3.201   1.00 17.71 ? 18  THR A CB  1 
ATOM   81   O OG1 . THR A 1 19  ? 10.384  1.387   2.040   1.00 21.33 ? 18  THR A OG1 1 
ATOM   82   C CG2 . THR A 1 19  ? 9.184   2.010   4.074   1.00 20.74 ? 18  THR A CG2 1 
ATOM   83   N N   . GLN A 1 20  ? 11.635  4.695   4.735   1.00 21.93 ? 19  GLN A N   1 
ATOM   84   C CA  . GLN A 1 20  ? 11.725  5.468   5.959   1.00 21.83 ? 19  GLN A CA  1 
ATOM   85   C C   . GLN A 1 20  ? 11.605  6.948   5.637   1.00 20.62 ? 19  GLN A C   1 
ATOM   86   O O   . GLN A 1 20  ? 10.870  7.630   6.318   1.00 24.27 ? 19  GLN A O   1 
ATOM   87   C CB  . GLN A 1 20  ? 12.980  5.137   6.759   1.00 25.66 ? 19  GLN A CB  1 
ATOM   88   C CG  . GLN A 1 20  ? 13.048  3.672   7.142   1.00 27.25 ? 19  GLN A CG  1 
ATOM   89   C CD  . GLN A 1 20  ? 11.973  3.253   8.118   1.00 27.03 ? 19  GLN A CD  1 
ATOM   90   O OE1 . GLN A 1 20  ? 11.335  4.082   8.791   1.00 28.17 ? 19  GLN A OE1 1 
ATOM   91   N NE2 . GLN A 1 20  ? 11.769  1.948   8.179   1.00 26.63 ? 19  GLN A NE2 1 
ATOM   92   N N   . ALA A 1 21  ? 12.285  7.402   4.547   1.00 23.24 ? 20  ALA A N   1 
ATOM   93   C CA  . ALA A 1 21  ? 12.336  8.834   4.264   1.00 21.67 ? 20  ALA A CA  1 
ATOM   94   C C   . ALA A 1 21  ? 10.959  9.267   3.782   1.00 21.16 ? 20  ALA A C   1 
ATOM   95   O O   . ALA A 1 21  ? 10.540  10.393  4.057   1.00 23.95 ? 20  ALA A O   1 
ATOM   96   C CB  . ALA A 1 21  ? 13.422  9.176   3.272   1.00 25.28 ? 20  ALA A CB  1 
ATOM   97   N N   . ILE A 1 22  ? 10.301  8.411   2.973   1.00 23.04 ? 21  ILE A N   1 
ATOM   98   C CA  . ILE A 1 22  ? 9.053   8.836   2.374   1.00 22.36 ? 21  ILE A CA  1 
ATOM   99   C C   . ILE A 1 22  ? 7.988   8.820   3.480   1.00 22.56 ? 21  ILE A C   1 
ATOM   100  O O   . ILE A 1 22  ? 7.132   9.691   3.546   1.00 26.50 ? 21  ILE A O   1 
ATOM   101  C CB  . ILE A 1 22  ? 8.692   7.995   1.128   1.00 22.28 ? 21  ILE A CB  1 
ATOM   102  C CG1 . ILE A 1 22  ? 9.622   8.352   -0.032  1.00 21.10 ? 21  ILE A CG1 1 
ATOM   103  C CG2 . ILE A 1 22  ? 7.224   8.174   0.763   1.00 21.27 ? 21  ILE A CG2 1 
ATOM   104  C CD1 . ILE A 1 22  ? 9.614   7.490   -1.277  1.00 25.13 ? 21  ILE A CD1 1 
ATOM   105  N N   . ALA A 1 23  ? 8.089   7.853   4.404   1.00 23.14 ? 22  ALA A N   1 
ATOM   106  C CA  . ALA A 1 23  ? 7.123   7.749   5.504   1.00 21.32 ? 22  ALA A CA  1 
ATOM   107  C C   . ALA A 1 23  ? 7.205   8.995   6.386   1.00 29.88 ? 22  ALA A C   1 
ATOM   108  O O   . ALA A 1 23  ? 6.183   9.529   6.832   1.00 32.60 ? 22  ALA A O   1 
ATOM   109  C CB  . ALA A 1 23  ? 7.352   6.501   6.318   1.00 23.65 ? 22  ALA A CB  1 
ATOM   110  N N   . GLN A 1 24  ? 8.427   9.535   6.476   1.00 24.61 ? 23  GLN A N   1 
ATOM   111  C CA  . GLN A 1 24  ? 8.766   10.538  7.482   1.00 31.45 ? 23  GLN A CA  1 
ATOM   112  C C   . GLN A 1 24  ? 8.525   11.907  6.866   1.00 31.29 ? 23  GLN A C   1 
ATOM   113  O O   . GLN A 1 24  ? 7.909   12.785  7.480   1.00 37.41 ? 23  GLN A O   1 
ATOM   114  C CB  . GLN A 1 24  ? 10.248  10.424  7.859   1.00 37.96 ? 23  GLN A CB  1 
ATOM   115  C CG  . GLN A 1 24  ? 10.484  9.700   9.183   1.00 51.14 ? 23  GLN A CG  1 
ATOM   116  C CD  . GLN A 1 24  ? 11.516  8.588   9.185   1.00 66.02 ? 23  GLN A CD  1 
ATOM   117  O OE1 . GLN A 1 24  ? 11.174  7.398   9.215   1.00 67.16 ? 23  GLN A OE1 1 
ATOM   118  N NE2 . GLN A 1 24  ? 12.791  8.959   9.172   1.00 64.18 ? 23  GLN A NE2 1 
ATOM   119  N N   . SER A 1 25  ? 9.024   12.087  5.640   1.00 28.41 ? 24  SER A N   1 
ATOM   120  C CA  . SER A 1 25  ? 9.163   13.430  5.097   1.00 31.74 ? 24  SER A CA  1 
ATOM   121  C C   . SER A 1 25  ? 8.299   13.606  3.856   1.00 36.73 ? 24  SER A C   1 
ATOM   122  O O   . SER A 1 25  ? 8.345   14.646  3.215   1.00 38.33 ? 24  SER A O   1 
ATOM   123  C CB  . SER A 1 25  ? 10.634  13.755  4.787   1.00 29.55 ? 24  SER A CB  1 
ATOM   124  O OG  . SER A 1 25  ? 11.504  13.386  5.860   1.00 38.95 ? 24  SER A OG  1 
ATOM   125  N N   . GLY A 1 26  ? 7.559   12.560  3.458   1.00 28.99 ? 25  GLY A N   1 
ATOM   126  C CA  . GLY A 1 26  ? 6.667   12.595  2.325   1.00 29.67 ? 25  GLY A CA  1 
ATOM   127  C C   . GLY A 1 26  ? 7.326   12.135  1.028   1.00 26.30 ? 25  GLY A C   1 
ATOM   128  O O   . GLY A 1 26  ? 8.567   11.995  0.901   1.00 28.06 ? 25  GLY A O   1 
ATOM   129  N N   . ILE A 1 27  ? 6.493   11.939  0.007   1.00 31.37 ? 26  ILE A N   1 
ATOM   130  C CA  . ILE A 1 27  ? 6.934   11.431  -1.273  1.00 30.04 ? 26  ILE A CA  1 
ATOM   131  C C   . ILE A 1 27  ? 7.958   12.378  -1.930  1.00 36.12 ? 26  ILE A C   1 
ATOM   132  O O   . ILE A 1 27  ? 8.726   11.967  -2.799  1.00 37.75 ? 26  ILE A O   1 
ATOM   133  C CB  . ILE A 1 27  ? 5.688   11.098  -2.122  1.00 30.59 ? 26  ILE A CB  1 
ATOM   134  C CG1 . ILE A 1 27  ? 5.955   10.118  -3.265  1.00 28.37 ? 26  ILE A CG1 1 
ATOM   135  C CG2 . ILE A 1 27  ? 4.975   12.361  -2.582  1.00 34.80 ? 26  ILE A CG2 1 
ATOM   136  C CD1 . ILE A 1 27  ? 4.706   9.652   -3.971  1.00 30.64 ? 26  ILE A CD1 1 
ATOM   137  N N   . ALA A 1 28  ? 8.040   13.628  -1.429  1.00 34.67 ? 27  ALA A N   1 
ATOM   138  C CA  . ALA A 1 28  ? 8.984   14.642  -1.905  1.00 34.08 ? 27  ALA A CA  1 
ATOM   139  C C   . ALA A 1 28  ? 10.430  14.394  -1.450  1.00 30.81 ? 27  ALA A C   1 
ATOM   140  O O   . ALA A 1 28  ? 11.359  15.090  -1.906  1.00 29.83 ? 27  ALA A O   1 
ATOM   141  C CB  . ALA A 1 28  ? 8.513   16.002  -1.435  1.00 36.96 ? 27  ALA A CB  1 
ATOM   142  N N   . ALA A 1 29  ? 10.650  13.375  -0.603  1.00 29.79 ? 28  ALA A N   1 
ATOM   143  C CA  . ALA A 1 29  ? 11.931  13.170  0.067   1.00 26.08 ? 28  ALA A CA  1 
ATOM   144  C C   . ALA A 1 29  ? 13.097  13.146  -0.922  1.00 28.57 ? 28  ALA A C   1 
ATOM   145  O O   . ALA A 1 29  ? 12.960  12.574  -1.996  1.00 29.35 ? 28  ALA A O   1 
ATOM   146  C CB  . ALA A 1 29  ? 11.919  11.893  0.909   1.00 25.34 ? 28  ALA A CB  1 
ATOM   147  N N   . SER A 1 30  ? 14.230  13.740  -0.520  1.00 29.80 ? 29  SER A N   1 
ATOM   148  C CA  . SER A 1 30  ? 15.442  13.906  -1.319  1.00 35.11 ? 29  SER A CA  1 
ATOM   149  C C   . SER A 1 30  ? 16.089  12.552  -1.655  1.00 31.63 ? 29  SER A C   1 
ATOM   150  O O   . SER A 1 30  ? 16.245  11.741  -0.752  1.00 32.12 ? 29  SER A O   1 
ATOM   151  C CB  . SER A 1 30  ? 16.420  14.745  -0.516  1.00 39.73 ? 29  SER A CB  1 
ATOM   152  O OG  . SER A 1 30  ? 17.145  15.616  -1.352  1.00 61.37 ? 29  SER A OG  1 
ATOM   153  N N   . THR A 1 31  ? 16.600  12.383  -2.889  1.00 34.30 ? 30  THR A N   1 
ATOM   154  C CA  . THR A 1 31  ? 17.483  11.247  -3.186  1.00 29.61 ? 30  THR A CA  1 
ATOM   155  C C   . THR A 1 31  ? 18.772  11.323  -2.357  1.00 33.03 ? 30  THR A C   1 
ATOM   156  O O   . THR A 1 31  ? 19.393  10.302  -2.034  1.00 27.33 ? 30  THR A O   1 
ATOM   157  C CB  . THR A 1 31  ? 17.657  10.985  -4.698  1.00 29.84 ? 30  THR A CB  1 
ATOM   158  O OG1 . THR A 1 31  ? 18.082  12.227  -5.253  1.00 32.60 ? 30  THR A OG1 1 
ATOM   159  C CG2 . THR A 1 31  ? 16.406  10.527  -5.424  1.00 26.37 ? 30  THR A CG2 1 
ATOM   160  N N   . ALA A 1 32  ? 19.201  12.545  -1.999  1.00 36.07 ? 31  ALA A N   1 
ATOM   161  C CA  . ALA A 1 32  ? 20.407  12.679  -1.190  1.00 35.41 ? 31  ALA A CA  1 
ATOM   162  C C   . ALA A 1 32  ? 20.218  12.118  0.211   1.00 35.43 ? 31  ALA A C   1 
ATOM   163  O O   . ALA A 1 32  ? 21.145  11.494  0.738   1.00 34.86 ? 31  ALA A O   1 
ATOM   164  C CB  . ALA A 1 32  ? 20.847  14.130  -1.125  1.00 43.47 ? 31  ALA A CB  1 
ATOM   165  N N   . VAL A 1 33  ? 19.075  12.463  0.821   1.00 29.99 ? 32  VAL A N   1 
ATOM   166  C CA  . VAL A 1 33  ? 18.708  11.983  2.138   1.00 28.74 ? 32  VAL A CA  1 
ATOM   167  C C   . VAL A 1 33  ? 18.610  10.463  2.077   1.00 24.82 ? 32  VAL A C   1 
ATOM   168  O O   . VAL A 1 33  ? 19.274  9.787   2.861   1.00 29.94 ? 32  VAL A O   1 
ATOM   169  C CB  . VAL A 1 33  ? 17.414  12.648  2.653   1.00 29.27 ? 32  VAL A CB  1 
ATOM   170  C CG1 . VAL A 1 33  ? 16.808  11.866  3.796   1.00 34.07 ? 32  VAL A CG1 1 
ATOM   171  C CG2 . VAL A 1 33  ? 17.672  14.074  3.111   1.00 33.42 ? 32  VAL A CG2 1 
ATOM   172  N N   . ILE A 1 34  ? 17.872  9.950   1.064   1.00 25.07 ? 33  ILE A N   1 
ATOM   173  C CA  . ILE A 1 34  ? 17.680  8.508   0.899   1.00 25.78 ? 33  ILE A CA  1 
ATOM   174  C C   . ILE A 1 34  ? 19.045  7.817   0.742   1.00 23.51 ? 33  ILE A C   1 
ATOM   175  O O   . ILE A 1 34  ? 19.325  6.800   1.408   1.00 25.95 ? 33  ILE A O   1 
ATOM   176  C CB  . ILE A 1 34  ? 16.672  8.201   -0.239  1.00 28.44 ? 33  ILE A CB  1 
ATOM   177  C CG1 . ILE A 1 34  ? 15.264  8.754   0.067   1.00 28.57 ? 33  ILE A CG1 1 
ATOM   178  C CG2 . ILE A 1 34  ? 16.632  6.709   -0.547  1.00 27.82 ? 33  ILE A CG2 1 
ATOM   179  C CD1 . ILE A 1 34  ? 14.307  8.869   -1.130  1.00 31.76 ? 33  ILE A CD1 1 
ATOM   180  N N   . ALA A 1 35  ? 19.912  8.286   -0.164  1.00 27.56 ? 34  ALA A N   1 
ATOM   181  C CA  . ALA A 1 35  ? 21.237  7.700   -0.333  1.00 27.76 ? 34  ALA A CA  1 
ATOM   182  C C   . ALA A 1 35  ? 22.065  7.760   0.956   1.00 32.32 ? 34  ALA A C   1 
ATOM   183  O O   . ALA A 1 35  ? 22.643  6.752   1.376   1.00 29.43 ? 34  ALA A O   1 
ATOM   184  C CB  . ALA A 1 35  ? 21.960  8.324   -1.526  1.00 29.12 ? 34  ALA A CB  1 
ATOM   185  N N   . ARG A 1 36  ? 22.099  8.945   1.570   1.00 32.99 ? 35  ARG A N   1 
ATOM   186  C CA  . ARG A 1 36  ? 22.844  9.132   2.809   1.00 37.19 ? 35  ARG A CA  1 
ATOM   187  C C   . ARG A 1 36  ? 22.418  8.116   3.870   1.00 33.84 ? 35  ARG A C   1 
ATOM   188  O O   . ARG A 1 36  ? 23.270  7.527   4.512   1.00 29.89 ? 35  ARG A O   1 
ATOM   189  C CB  . ARG A 1 36  ? 22.779  10.602  3.228   1.00 40.63 ? 35  ARG A CB  1 
ATOM   190  C CG  . ARG A 1 36  ? 23.410  10.862  4.583   1.00 41.02 ? 35  ARG A CG  1 
ATOM   191  C CD  . ARG A 1 36  ? 23.340  12.321  4.969   1.00 49.27 ? 35  ARG A CD  1 
ATOM   192  N NE  . ARG A 1 36  ? 24.237  12.548  6.099   1.00 47.63 ? 35  ARG A NE  1 
ATOM   193  C CZ  . ARG A 1 36  ? 24.025  13.463  7.038   1.00 49.22 ? 35  ARG A CZ  1 
ATOM   194  N NH1 . ARG A 1 36  ? 24.882  13.614  8.032   1.00 44.84 ? 35  ARG A NH1 1 
ATOM   195  N NH2 . ARG A 1 36  ? 22.939  14.210  6.978   1.00 53.85 ? 35  ARG A NH2 1 
ATOM   196  N N   . ASN A 1 37  ? 21.102  7.891   4.012   1.00 35.68 ? 36  ASN A N   1 
ATOM   197  C CA  . ASN A 1 37  ? 20.517  7.058   5.056   1.00 36.15 ? 36  ASN A CA  1 
ATOM   198  C C   . ASN A 1 37  ? 20.767  5.580   4.759   1.00 32.55 ? 36  ASN A C   1 
ATOM   199  O O   . ASN A 1 37  ? 20.793  4.731   5.658   1.00 36.62 ? 36  ASN A O   1 
ATOM   200  C CB  . ASN A 1 37  ? 19.038  7.410   5.253   1.00 35.72 ? 36  ASN A CB  1 
ATOM   201  C CG  . ASN A 1 37  ? 18.857  8.784   5.879   1.00 43.63 ? 36  ASN A CG  1 
ATOM   202  O OD1 . ASN A 1 37  ? 19.826  9.398   6.331   1.00 45.48 ? 36  ASN A OD1 1 
ATOM   203  N ND2 . ASN A 1 37  ? 17.640  9.305   5.892   1.00 39.69 ? 36  ASN A ND2 1 
ATOM   204  N N   . ALA A 1 38  ? 20.985  5.272   3.470   1.00 29.04 ? 37  ALA A N   1 
ATOM   205  C CA  . ALA A 1 38  ? 21.330  3.907   3.110   1.00 28.41 ? 37  ALA A CA  1 
ATOM   206  C C   . ALA A 1 38  ? 22.848  3.705   3.195   1.00 30.02 ? 37  ALA A C   1 
ATOM   207  O O   . ALA A 1 38  ? 23.324  2.605   2.947   1.00 38.97 ? 37  ALA A O   1 
ATOM   208  C CB  . ALA A 1 38  ? 20.845  3.592   1.718   1.00 25.01 ? 37  ALA A CB  1 
ATOM   209  N N   . GLY A 1 39  ? 23.596  4.782   3.493   1.00 34.33 ? 38  GLY A N   1 
ATOM   210  C CA  . GLY A 1 39  ? 25.055  4.700   3.576   1.00 34.95 ? 38  GLY A CA  1 
ATOM   211  C C   . GLY A 1 39  ? 25.755  4.646   2.214   1.00 34.48 ? 38  GLY A C   1 
ATOM   212  O O   . GLY A 1 39  ? 26.836  4.069   2.089   1.00 37.49 ? 38  GLY A O   1 
ATOM   213  N N   . VAL A 1 40  ? 25.168  5.243   1.167   1.00 29.88 ? 39  VAL A N   1 
ATOM   214  C CA  . VAL A 1 40  ? 25.791  5.267   -0.153  1.00 25.80 ? 39  VAL A CA  1 
ATOM   215  C C   . VAL A 1 40  ? 25.793  6.689   -0.678  1.00 29.05 ? 39  VAL A C   1 
ATOM   216  O O   . VAL A 1 40  ? 25.008  7.510   -0.201  1.00 31.26 ? 39  VAL A O   1 
ATOM   217  C CB  . VAL A 1 40  ? 25.146  4.325   -1.182  1.00 24.13 ? 39  VAL A CB  1 
ATOM   218  C CG1 . VAL A 1 40  ? 25.240  2.866   -0.765  1.00 26.99 ? 39  VAL A CG1 1 
ATOM   219  C CG2 . VAL A 1 40  ? 23.703  4.735   -1.477  1.00 28.33 ? 39  VAL A CG2 1 
ATOM   220  N N   . ALA A 1 41  ? 26.667  6.942   -1.666  1.00 33.08 ? 40  ALA A N   1 
ATOM   221  C CA  . ALA A 1 41  ? 26.636  8.193   -2.404  1.00 35.04 ? 40  ALA A CA  1 
ATOM   222  C C   . ALA A 1 41  ? 25.344  8.265   -3.226  1.00 32.68 ? 40  ALA A C   1 
ATOM   223  O O   . ALA A 1 41  ? 24.767  7.253   -3.613  1.00 33.75 ? 40  ALA A O   1 
ATOM   224  C CB  . ALA A 1 41  ? 27.851  8.321   -3.311  1.00 36.75 ? 40  ALA A CB  1 
ATOM   225  N N   . GLU A 1 42  ? 24.925  9.492   -3.515  1.00 31.73 ? 41  GLU A N   1 
ATOM   226  C CA  . GLU A 1 42  ? 23.719  9.727   -4.282  1.00 33.99 ? 41  GLU A CA  1 
ATOM   227  C C   . GLU A 1 42  ? 23.889  9.162   -5.679  1.00 29.20 ? 41  GLU A C   1 
ATOM   228  O O   . GLU A 1 42  ? 22.945  8.609   -6.273  1.00 29.76 ? 41  GLU A O   1 
ATOM   229  C CB  . GLU A 1 42  ? 23.404  11.213  -4.287  1.00 32.52 ? 41  GLU A CB  1 
ATOM   230  C CG  . GLU A 1 42  ? 22.033  11.502  -4.875  1.00 31.85 ? 41  GLU A CG  1 
ATOM   231  C CD  . GLU A 1 42  ? 21.635  12.947  -4.681  1.00 44.40 ? 41  GLU A CD  1 
ATOM   232  O OE1 . GLU A 1 42  ? 22.503  13.734  -4.257  1.00 49.59 ? 41  GLU A OE1 1 
ATOM   233  O OE2 . GLU A 1 42  ? 20.475  13.269  -4.961  1.00 35.75 ? 41  GLU A OE2 1 
ATOM   234  N N   . GLY A 1 43  ? 25.127  9.244   -6.186  1.00 31.15 ? 42  GLY A N   1 
ATOM   235  C CA  . GLY A 1 43  ? 25.455  8.683   -7.489  1.00 31.12 ? 42  GLY A CA  1 
ATOM   236  C C   . GLY A 1 43  ? 25.184  7.185   -7.547  1.00 29.76 ? 42  GLY A C   1 
ATOM   237  O O   . GLY A 1 43  ? 24.783  6.640   -8.581  1.00 34.12 ? 42  GLY A O   1 
ATOM   238  N N   . THR A 1 44  ? 25.397  6.510   -6.407  1.00 32.00 ? 43  THR A N   1 
ATOM   239  C CA  . THR A 1 44  ? 25.113  5.095   -6.293  1.00 30.20 ? 43  THR A CA  1 
ATOM   240  C C   . THR A 1 44  ? 23.613  4.819   -6.376  1.00 25.16 ? 43  THR A C   1 
ATOM   241  O O   . THR A 1 44  ? 23.224  3.823   -7.001  1.00 27.05 ? 43  THR A O   1 
ATOM   242  C CB  . THR A 1 44  ? 25.736  4.490   -5.018  1.00 34.11 ? 43  THR A CB  1 
ATOM   243  O OG1 . THR A 1 44  ? 27.138  4.752   -5.103  1.00 36.48 ? 43  THR A OG1 1 
ATOM   244  C CG2 . THR A 1 44  ? 25.490  3.007   -4.844  1.00 36.57 ? 43  THR A CG2 1 
ATOM   245  N N   . LEU A 1 45  ? 22.821  5.617   -5.664  1.00 26.60 ? 44  LEU A N   1 
ATOM   246  C CA  . LEU A 1 45  ? 21.376  5.519   -5.731  1.00 24.51 ? 44  LEU A CA  1 
ATOM   247  C C   . LEU A 1 45  ? 20.921  5.584   -7.179  1.00 24.81 ? 44  LEU A C   1 
ATOM   248  O O   . LEU A 1 45  ? 20.146  4.743   -7.663  1.00 25.66 ? 44  LEU A O   1 
ATOM   249  C CB  . LEU A 1 45  ? 20.737  6.587   -4.830  1.00 24.93 ? 44  LEU A CB  1 
ATOM   250  C CG  . LEU A 1 45  ? 19.220  6.521   -4.718  1.00 23.18 ? 44  LEU A CG  1 
ATOM   251  C CD1 . LEU A 1 45  ? 18.826  7.274   -3.442  1.00 22.61 ? 44  LEU A CD1 1 
ATOM   252  C CD2 . LEU A 1 45  ? 18.570  7.107   -5.999  1.00 22.30 ? 44  LEU A CD2 1 
ATOM   253  N N   . PHE A 1 46  ? 21.471  6.579   -7.902  1.00 25.19 ? 45  PHE A N   1 
ATOM   254  C CA  . PHE A 1 46  ? 21.107  6.721   -9.300  1.00 25.07 ? 45  PHE A CA  1 
ATOM   255  C C   . PHE A 1 46  ? 21.459  5.529   -10.175 1.00 26.24 ? 45  PHE A C   1 
ATOM   256  O O   . PHE A 1 46  ? 20.770  5.370   -11.191 1.00 26.60 ? 45  PHE A O   1 
ATOM   257  C CB  . PHE A 1 46  ? 21.703  7.978   -9.943  1.00 25.28 ? 45  PHE A CB  1 
ATOM   258  C CG  . PHE A 1 46  ? 21.424  9.273   -9.219  1.00 29.82 ? 45  PHE A CG  1 
ATOM   259  C CD1 . PHE A 1 46  ? 20.258  9.483   -8.483  1.00 30.91 ? 45  PHE A CD1 1 
ATOM   260  C CD2 . PHE A 1 46  ? 22.357  10.300  -9.247  1.00 28.68 ? 45  PHE A CD2 1 
ATOM   261  C CE1 . PHE A 1 46  ? 20.018  10.703  -7.844  1.00 32.52 ? 45  PHE A CE1 1 
ATOM   262  C CE2 . PHE A 1 46  ? 22.109  11.516  -8.621  1.00 32.77 ? 45  PHE A CE2 1 
ATOM   263  C CZ  . PHE A 1 46  ? 20.938  11.730  -7.919  1.00 33.48 ? 45  PHE A CZ  1 
ATOM   264  N N   . ARG A 1 47  ? 22.488  4.718   -9.807  1.00 25.63 ? 46  ARG A N   1 
ATOM   265  C CA  . ARG A 1 47  ? 22.786  3.510   -10.553 1.00 28.22 ? 46  ARG A CA  1 
ATOM   266  C C   . ARG A 1 47  ? 21.645  2.514   -10.415 1.00 29.21 ? 46  ARG A C   1 
ATOM   267  O O   . ARG A 1 47  ? 21.413  1.717   -11.340 1.00 30.00 ? 46  ARG A O   1 
ATOM   268  C CB  . ARG A 1 47  ? 24.090  2.801   -10.145 1.00 32.16 ? 46  ARG A CB  1 
ATOM   269  C CG  . ARG A 1 47  ? 25.353  3.465   -10.672 1.00 40.27 ? 46  ARG A CG  1 
ATOM   270  C CD  . ARG A 1 47  ? 26.734  2.895   -10.380 1.00 43.95 ? 46  ARG A CD  1 
ATOM   271  N NE  . ARG A 1 47  ? 27.746  3.970   -10.482 1.00 54.45 ? 46  ARG A NE  1 
ATOM   272  C CZ  . ARG A 1 47  ? 28.425  4.369   -11.575 1.00 50.10 ? 46  ARG A CZ  1 
ATOM   273  N NH1 . ARG A 1 47  ? 28.247  3.782   -12.750 1.00 42.80 ? 46  ARG A NH1 1 
ATOM   274  N NH2 . ARG A 1 47  ? 29.282  5.373   -11.491 1.00 49.90 ? 46  ARG A NH2 1 
ATOM   275  N N   . TYR A 1 48  ? 20.934  2.552   -9.265  1.00 30.16 ? 47  TYR A N   1 
ATOM   276  C CA  . TYR A 1 48  ? 19.812  1.640   -9.076  1.00 29.21 ? 47  TYR A CA  1 
ATOM   277  C C   . TYR A 1 48  ? 18.501  2.251   -9.528  1.00 27.86 ? 47  TYR A C   1 
ATOM   278  O O   . TYR A 1 48  ? 17.682  1.519   -10.021 1.00 26.17 ? 47  TYR A O   1 
ATOM   279  C CB  . TYR A 1 48  ? 19.637  1.217   -7.616  1.00 27.59 ? 47  TYR A CB  1 
ATOM   280  C CG  . TYR A 1 48  ? 20.779  0.359   -7.095  1.00 27.79 ? 47  TYR A CG  1 
ATOM   281  C CD1 . TYR A 1 48  ? 20.734  -1.022  -7.166  1.00 34.98 ? 47  TYR A CD1 1 
ATOM   282  C CD2 . TYR A 1 48  ? 21.948  0.946   -6.629  1.00 26.30 ? 47  TYR A CD2 1 
ATOM   283  C CE1 . TYR A 1 48  ? 21.797  -1.778  -6.711  1.00 33.18 ? 47  TYR A CE1 1 
ATOM   284  C CE2 . TYR A 1 48  ? 23.034  0.204   -6.184  1.00 32.59 ? 47  TYR A CE2 1 
ATOM   285  C CZ  . TYR A 1 48  ? 22.946  -1.170  -6.226  1.00 33.40 ? 47  TYR A CZ  1 
ATOM   286  O OH  . TYR A 1 48  ? 24.023  -1.883  -5.772  1.00 37.97 ? 47  TYR A OH  1 
ATOM   287  N N   . PHE A 1 49  ? 18.319  3.564   -9.355  1.00 24.48 ? 48  PHE A N   1 
ATOM   288  C CA  . PHE A 1 49  ? 17.088  4.226   -9.770  1.00 25.13 ? 48  PHE A CA  1 
ATOM   289  C C   . PHE A 1 49  ? 17.521  5.522   -10.429 1.00 21.68 ? 48  PHE A C   1 
ATOM   290  O O   . PHE A 1 49  ? 17.952  6.422   -9.729  1.00 24.16 ? 48  PHE A O   1 
ATOM   291  C CB  . PHE A 1 49  ? 16.173  4.541   -8.575  1.00 23.36 ? 48  PHE A CB  1 
ATOM   292  C CG  . PHE A 1 49  ? 15.989  3.346   -7.660  1.00 25.81 ? 48  PHE A CG  1 
ATOM   293  C CD1 . PHE A 1 49  ? 15.120  2.318   -8.024  1.00 26.15 ? 48  PHE A CD1 1 
ATOM   294  C CD2 . PHE A 1 49  ? 16.763  3.211   -6.503  1.00 24.82 ? 48  PHE A CD2 1 
ATOM   295  C CE1 . PHE A 1 49  ? 14.964  1.224   -7.183  1.00 28.42 ? 48  PHE A CE1 1 
ATOM   296  C CE2 . PHE A 1 49  ? 16.637  2.082   -5.684  1.00 23.16 ? 48  PHE A CE2 1 
ATOM   297  C CZ  . PHE A 1 49  ? 15.735  1.109   -6.042  1.00 26.53 ? 48  PHE A CZ  1 
ATOM   298  N N   . ALA A 1 50  ? 17.487  5.521   -11.761 1.00 24.41 ? 49  ALA A N   1 
ATOM   299  C CA  . ALA A 1 50  ? 17.896  6.709   -12.502 1.00 24.11 ? 49  ALA A CA  1 
ATOM   300  C C   . ALA A 1 50  ? 17.069  7.962   -12.166 1.00 24.31 ? 49  ALA A C   1 
ATOM   301  O O   . ALA A 1 50  ? 17.577  9.082   -12.302 1.00 23.28 ? 49  ALA A O   1 
ATOM   302  C CB  . ALA A 1 50  ? 17.822  6.418   -13.982 1.00 24.45 ? 49  ALA A CB  1 
ATOM   303  N N   . THR A 1 51  ? 15.808  7.818   -11.738 1.00 21.50 ? 50  THR A N   1 
ATOM   304  C CA  . THR A 1 51  ? 14.897  8.940   -11.593 1.00 22.00 ? 50  THR A CA  1 
ATOM   305  C C   . THR A 1 51  ? 14.120  8.687   -10.308 1.00 20.18 ? 50  THR A C   1 
ATOM   306  O O   . THR A 1 51  ? 13.960  7.526   -9.915  1.00 23.82 ? 50  THR A O   1 
ATOM   307  C CB  . THR A 1 51  ? 13.919  9.117   -12.776 1.00 25.61 ? 50  THR A CB  1 
ATOM   308  O OG1 . THR A 1 51  ? 12.991  8.010   -12.911 1.00 23.67 ? 50  THR A OG1 1 
ATOM   309  C CG2 . THR A 1 51  ? 14.684  9.309   -14.090 1.00 23.03 ? 50  THR A CG2 1 
ATOM   310  N N   . LYS A 1 52  ? 13.693  9.797   -9.717  1.00 21.53 ? 51  LYS A N   1 
ATOM   311  C CA  . LYS A 1 52  ? 12.801  9.683   -8.570  1.00 21.96 ? 51  LYS A CA  1 
ATOM   312  C C   . LYS A 1 52  ? 11.540  8.918   -8.998  1.00 24.11 ? 51  LYS A C   1 
ATOM   313  O O   . LYS A 1 52  ? 10.964  8.173   -8.191  1.00 22.66 ? 51  LYS A O   1 
ATOM   314  C CB  . LYS A 1 52  ? 12.508  11.086  -8.040  1.00 23.68 ? 51  LYS A CB  1 
ATOM   315  C CG  . LYS A 1 52  ? 11.614  11.146  -6.812  1.00 26.80 ? 51  LYS A CG  1 
ATOM   316  C CD  . LYS A 1 52  ? 12.169  10.409  -5.629  1.00 29.91 ? 51  LYS A CD  1 
ATOM   317  C CE  . LYS A 1 52  ? 11.274  10.713  -4.432  1.00 35.74 ? 51  LYS A CE  1 
ATOM   318  N NZ  . LYS A 1 52  ? 11.179  12.182  -4.178  1.00 37.67 ? 51  LYS A NZ  1 
ATOM   319  N N   . ASP A 1 53  ? 11.036  9.157   -10.220 1.00 24.68 ? 52  ASP A N   1 
ATOM   320  C CA  . ASP A 1 53  ? 9.830   8.485   -10.717 1.00 22.23 ? 52  ASP A CA  1 
ATOM   321  C C   . ASP A 1 53  ? 10.041  6.976   -10.711 1.00 23.14 ? 52  ASP A C   1 
ATOM   322  O O   . ASP A 1 53  ? 9.192   6.223   -10.264 1.00 23.79 ? 52  ASP A O   1 
ATOM   323  C CB  . ASP A 1 53  ? 9.396   8.996   -12.101 1.00 25.21 ? 52  ASP A CB  1 
ATOM   324  C CG  . ASP A 1 53  ? 8.944   10.444  -12.080 1.00 31.90 ? 52  ASP A CG  1 
ATOM   325  O OD1 . ASP A 1 53  ? 8.816   10.990  -10.977 1.00 33.54 ? 52  ASP A OD1 1 
ATOM   326  O OD2 . ASP A 1 53  ? 8.610   10.972  -13.166 1.00 40.30 ? 52  ASP A OD2 1 
ATOM   327  N N   . GLU A 1 54  ? 11.196  6.505   -11.148 1.00 21.35 ? 53  GLU A N   1 
ATOM   328  C CA  . GLU A 1 54  ? 11.510  5.062   -11.137 1.00 22.41 ? 53  GLU A CA  1 
ATOM   329  C C   . GLU A 1 54  ? 11.523  4.511   -9.726  1.00 23.95 ? 53  GLU A C   1 
ATOM   330  O O   . GLU A 1 54  ? 10.997  3.406   -9.487  1.00 23.05 ? 53  GLU A O   1 
ATOM   331  C CB  . GLU A 1 54  ? 12.811  4.711   -11.852 1.00 25.16 ? 53  GLU A CB  1 
ATOM   332  C CG  . GLU A 1 54  ? 12.628  4.811   -13.349 1.00 28.75 ? 53  GLU A CG  1 
ATOM   333  C CD  . GLU A 1 54  ? 13.915  4.905   -14.151 1.00 42.75 ? 53  GLU A CD  1 
ATOM   334  O OE1 . GLU A 1 54  ? 14.457  6.013   -14.259 1.00 38.17 ? 53  GLU A OE1 1 
ATOM   335  O OE2 . GLU A 1 54  ? 14.365  3.859   -14.670 1.00 42.84 ? 53  GLU A OE2 1 
ATOM   336  N N   . LEU A 1 55  ? 12.142  5.265   -8.814  1.00 21.81 ? 54  LEU A N   1 
ATOM   337  C CA  . LEU A 1 55  ? 12.123  4.877   -7.410  1.00 20.85 ? 54  LEU A CA  1 
ATOM   338  C C   . LEU A 1 55  ? 10.695  4.764   -6.840  1.00 20.44 ? 54  LEU A C   1 
ATOM   339  O O   . LEU A 1 55  ? 10.402  3.762   -6.159  1.00 22.29 ? 54  LEU A O   1 
ATOM   340  C CB  . LEU A 1 55  ? 12.944  5.869   -6.580  1.00 20.34 ? 54  LEU A CB  1 
ATOM   341  C CG  . LEU A 1 55  ? 12.943  5.589   -5.081  1.00 19.78 ? 54  LEU A CG  1 
ATOM   342  C CD1 . LEU A 1 55  ? 13.374  4.154   -4.706  1.00 22.94 ? 54  LEU A CD1 1 
ATOM   343  C CD2 . LEU A 1 55  ? 13.853  6.623   -4.404  1.00 26.46 ? 54  LEU A CD2 1 
ATOM   344  N N   . ILE A 1 56  ? 9.822   5.763   -7.128  1.00 19.48 ? 55  ILE A N   1 
ATOM   345  C CA  . ILE A 1 56  ? 8.427   5.711   -6.669  1.00 19.73 ? 55  ILE A CA  1 
ATOM   346  C C   . ILE A 1 56  ? 7.794   4.422   -7.218  1.00 21.28 ? 55  ILE A C   1 
ATOM   347  O O   . ILE A 1 56  ? 7.110   3.692   -6.488  1.00 21.53 ? 55  ILE A O   1 
ATOM   348  C CB  . ILE A 1 56  ? 7.690   6.955   -7.169  1.00 22.14 ? 55  ILE A CB  1 
ATOM   349  C CG1 . ILE A 1 56  ? 8.157   8.145   -6.359  1.00 21.59 ? 55  ILE A CG1 1 
ATOM   350  C CG2 . ILE A 1 56  ? 6.199   6.776   -6.991  1.00 24.43 ? 55  ILE A CG2 1 
ATOM   351  C CD1 . ILE A 1 56  ? 7.782   9.458   -6.966  1.00 24.11 ? 55  ILE A CD1 1 
ATOM   352  N N   . ASN A 1 57  ? 7.959   4.141   -8.525  1.00 20.75 ? 56  ASN A N   1 
ATOM   353  C CA  . ASN A 1 57  ? 7.263   3.017   -9.118  1.00 20.21 ? 56  ASN A CA  1 
ATOM   354  C C   . ASN A 1 57  ? 7.794   1.690   -8.546  1.00 20.64 ? 56  ASN A C   1 
ATOM   355  O O   . ASN A 1 57  ? 7.025   0.792   -8.158  1.00 23.17 ? 56  ASN A O   1 
ATOM   356  C CB  . ASN A 1 57  ? 7.514   3.053   -10.614 1.00 21.95 ? 56  ASN A CB  1 
ATOM   357  C CG  . ASN A 1 57  ? 6.529   3.942   -11.300 1.00 21.47 ? 56  ASN A CG  1 
ATOM   358  O OD1 . ASN A 1 57  ? 5.479   3.454   -11.763 1.00 23.35 ? 56  ASN A OD1 1 
ATOM   359  N ND2 . ASN A 1 57  ? 6.849   5.233   -11.396 1.00 22.22 ? 56  ASN A ND2 1 
ATOM   360  N N   . THR A 1 58  ? 9.134   1.557   -8.475  1.00 20.65 ? 57  THR A N   1 
ATOM   361  C CA  . THR A 1 58  ? 9.711   0.327   -7.940  1.00 21.27 ? 57  THR A CA  1 
ATOM   362  C C   . THR A 1 58  ? 9.399   0.107   -6.450  1.00 20.92 ? 57  THR A C   1 
ATOM   363  O O   . THR A 1 58  ? 9.112   -1.044  -6.018  1.00 23.27 ? 57  THR A O   1 
ATOM   364  C CB  . THR A 1 58  ? 11.239  0.342   -8.095  1.00 24.54 ? 57  THR A CB  1 
ATOM   365  O OG1 . THR A 1 58  ? 11.426  0.317   -9.505  1.00 24.18 ? 57  THR A OG1 1 
ATOM   366  C CG2 . THR A 1 58  ? 11.811  -0.959  -7.594  1.00 23.46 ? 57  THR A CG2 1 
ATOM   367  N N   . LEU A 1 59  ? 9.525   1.165   -5.651  1.00 21.07 ? 58  LEU A N   1 
ATOM   368  C CA  . LEU A 1 59  ? 9.206   1.066   -4.231  1.00 21.68 ? 58  LEU A CA  1 
ATOM   369  C C   . LEU A 1 59  ? 7.745   0.675   -4.027  1.00 21.69 ? 58  LEU A C   1 
ATOM   370  O O   . LEU A 1 59  ? 7.461   -0.177  -3.131  1.00 21.59 ? 58  LEU A O   1 
ATOM   371  C CB  . LEU A 1 59  ? 9.588   2.334   -3.461  1.00 20.22 ? 58  LEU A CB  1 
ATOM   372  C CG  . LEU A 1 59  ? 9.294   2.244   -1.967  1.00 17.94 ? 58  LEU A CG  1 
ATOM   373  C CD1 . LEU A 1 59  ? 10.201  1.150   -1.349  1.00 20.76 ? 58  LEU A CD1 1 
ATOM   374  C CD2 . LEU A 1 59  ? 9.498   3.629   -1.339  1.00 25.72 ? 58  LEU A CD2 1 
ATOM   375  N N   . TYR A 1 60  ? 6.845   1.277   -4.813  1.00 21.13 ? 59  TYR A N   1 
ATOM   376  C CA  . TYR A 1 60  ? 5.425   0.931   -4.637  1.00 21.84 ? 59  TYR A CA  1 
ATOM   377  C C   . TYR A 1 60  ? 5.210   -0.556  -4.955  1.00 20.29 ? 59  TYR A C   1 
ATOM   378  O O   . TYR A 1 60  ? 4.567   -1.268  -4.160  1.00 21.96 ? 59  TYR A O   1 
ATOM   379  C CB  . TYR A 1 60  ? 4.608   1.711   -5.662  1.00 20.17 ? 59  TYR A CB  1 
ATOM   380  C CG  . TYR A 1 60  ? 3.110   1.509   -5.638  1.00 19.68 ? 59  TYR A CG  1 
ATOM   381  C CD1 . TYR A 1 60  ? 2.415   1.368   -4.452  1.00 23.34 ? 59  TYR A CD1 1 
ATOM   382  C CD2 . TYR A 1 60  ? 2.397   1.453   -6.832  1.00 19.23 ? 59  TYR A CD2 1 
ATOM   383  C CE1 . TYR A 1 60  ? 1.048   1.180   -4.446  1.00 22.90 ? 59  TYR A CE1 1 
ATOM   384  C CE2 . TYR A 1 60  ? 1.021   1.278   -6.833  1.00 19.96 ? 59  TYR A CE2 1 
ATOM   385  C CZ  . TYR A 1 60  ? 0.352   1.081   -5.636  1.00 21.18 ? 59  TYR A CZ  1 
ATOM   386  O OH  . TYR A 1 60  ? -0.996  0.933   -5.738  1.00 24.52 ? 59  TYR A OH  1 
ATOM   387  N N   . LEU A 1 61  ? 5.748   -1.067  -6.084  1.00 21.84 ? 60  LEU A N   1 
ATOM   388  C CA  . LEU A 1 61  ? 5.608   -2.497  -6.356  1.00 24.20 ? 60  LEU A CA  1 
ATOM   389  C C   . LEU A 1 61  ? 6.202   -3.346  -5.232  1.00 22.15 ? 60  LEU A C   1 
ATOM   390  O O   . LEU A 1 61  ? 5.601   -4.332  -4.836  1.00 22.50 ? 60  LEU A O   1 
ATOM   391  C CB  . LEU A 1 61  ? 6.251   -2.819  -7.716  1.00 24.73 ? 60  LEU A CB  1 
ATOM   392  C CG  . LEU A 1 61  ? 5.454   -2.294  -8.901  1.00 26.84 ? 60  LEU A CG  1 
ATOM   393  C CD1 . LEU A 1 61  ? 6.343   -1.974  -10.113 1.00 25.90 ? 60  LEU A CD1 1 
ATOM   394  C CD2 . LEU A 1 61  ? 4.282   -3.204  -9.270  1.00 30.18 ? 60  LEU A CD2 1 
ATOM   395  N N   . HIS A 1 62  ? 7.339   -2.930  -4.642  1.00 21.14 ? 61  HIS A N   1 
ATOM   396  C CA  . HIS A 1 62  ? 8.029   -3.732  -3.652  1.00 22.23 ? 61  HIS A CA  1 
ATOM   397  C C   . HIS A 1 62  ? 7.191   -3.806  -2.364  1.00 24.26 ? 61  HIS A C   1 
ATOM   398  O O   . HIS A 1 62  ? 7.054   -4.882  -1.775  1.00 23.62 ? 61  HIS A O   1 
ATOM   399  C CB  . HIS A 1 62  ? 9.318   -2.969  -3.357  1.00 23.99 ? 61  HIS A CB  1 
ATOM   400  C CG  . HIS A 1 62  ? 10.099  -3.566  -2.249  1.00 29.70 ? 61  HIS A CG  1 
ATOM   401  N ND1 . HIS A 1 62  ? 10.849  -4.725  -2.432  1.00 34.98 ? 61  HIS A ND1 1 
ATOM   402  C CD2 . HIS A 1 62  ? 10.279  -3.158  -0.969  1.00 31.19 ? 61  HIS A CD2 1 
ATOM   403  C CE1 . HIS A 1 62  ? 11.471  -4.999  -1.302  1.00 34.71 ? 61  HIS A CE1 1 
ATOM   404  N NE2 . HIS A 1 62  ? 11.144  -4.058  -0.397  1.00 38.22 ? 61  HIS A NE2 1 
ATOM   405  N N   . LEU A 1 63  ? 6.699   -2.650  -1.917  1.00 21.51 ? 62  LEU A N   1 
ATOM   406  C CA  . LEU A 1 63  ? 5.891   -2.581  -0.679  1.00 20.63 ? 62  LEU A CA  1 
ATOM   407  C C   . LEU A 1 63  ? 4.549   -3.276  -0.887  1.00 23.18 ? 62  LEU A C   1 
ATOM   408  O O   . LEU A 1 63  ? 4.084   -3.996  -0.008  1.00 22.70 ? 62  LEU A O   1 
ATOM   409  C CB  . LEU A 1 63  ? 5.668   -1.138  -0.227  1.00 21.47 ? 62  LEU A CB  1 
ATOM   410  C CG  . LEU A 1 63  ? 6.900   -0.397  0.282   1.00 19.19 ? 62  LEU A CG  1 
ATOM   411  C CD1 . LEU A 1 63  ? 6.584   1.045   0.590   1.00 22.52 ? 62  LEU A CD1 1 
ATOM   412  C CD2 . LEU A 1 63  ? 7.501   -1.085  1.481   1.00 21.97 ? 62  LEU A CD2 1 
ATOM   413  N N   . TYR A 1 64  ? 3.912   -3.096  -2.062  1.00 22.77 ? 63  TYR A N   1 
ATOM   414  C CA  . TYR A 1 64  ? 2.619   -3.739  -2.325  1.00 19.66 ? 63  TYR A CA  1 
ATOM   415  C C   . TYR A 1 64  ? 2.841   -5.254  -2.258  1.00 21.75 ? 63  TYR A C   1 
ATOM   416  O O   . TYR A 1 64  ? 2.077   -5.982  -1.616  1.00 25.09 ? 63  TYR A O   1 
ATOM   417  C CB  . TYR A 1 64  ? 2.010   -3.260  -3.638  1.00 24.92 ? 63  TYR A CB  1 
ATOM   418  C CG  . TYR A 1 64  ? 0.617   -3.799  -3.882  1.00 22.54 ? 63  TYR A CG  1 
ATOM   419  C CD1 . TYR A 1 64  ? 0.499   -5.072  -4.432  1.00 23.62 ? 63  TYR A CD1 1 
ATOM   420  C CD2 . TYR A 1 64  ? -0.530  -3.111  -3.504  1.00 27.42 ? 63  TYR A CD2 1 
ATOM   421  C CE1 . TYR A 1 64  ? -0.749  -5.604  -4.696  1.00 28.56 ? 63  TYR A CE1 1 
ATOM   422  C CE2 . TYR A 1 64  ? -1.794  -3.648  -3.733  1.00 27.37 ? 63  TYR A CE2 1 
ATOM   423  C CZ  . TYR A 1 64  ? -1.886  -4.903  -4.331  1.00 27.35 ? 63  TYR A CZ  1 
ATOM   424  O OH  . TYR A 1 64  ? -3.102  -5.518  -4.518  1.00 32.59 ? 63  TYR A OH  1 
ATOM   425  N N   . GLN A 1 65  ? 3.915   -5.692  -2.890  1.00 23.59 ? 64  GLN A N   1 
ATOM   426  C CA  . GLN A 1 65  ? 4.232   -7.123  -2.880  1.00 27.37 ? 64  GLN A CA  1 
ATOM   427  C C   . GLN A 1 65  ? 4.557   -7.622  -1.482  1.00 27.44 ? 64  GLN A C   1 
ATOM   428  O O   . GLN A 1 65  ? 4.216   -8.768  -1.145  1.00 24.50 ? 64  GLN A O   1 
ATOM   429  C CB  . GLN A 1 65  ? 5.491   -7.411  -3.690  1.00 32.40 ? 64  GLN A CB  1 
ATOM   430  C CG  . GLN A 1 65  ? 5.222   -7.653  -5.164  1.00 47.10 ? 64  GLN A CG  1 
ATOM   431  C CD  . GLN A 1 65  ? 6.214   -8.583  -5.833  1.00 58.93 ? 64  GLN A CD  1 
ATOM   432  O OE1 . GLN A 1 65  ? 6.973   -9.311  -5.185  1.00 63.22 ? 64  GLN A OE1 1 
ATOM   433  N NE2 . GLN A 1 65  ? 6.205   -8.574  -7.158  1.00 63.94 ? 64  GLN A NE2 1 
ATOM   434  N N   . ASP A 1 66  ? 5.163   -6.779  -0.631  1.00 25.68 ? 65  ASP A N   1 
ATOM   435  C CA  . ASP A 1 66  ? 5.505   -7.195  0.731   1.00 21.89 ? 65  ASP A CA  1 
ATOM   436  C C   . ASP A 1 66  ? 4.249   -7.660  1.501   1.00 24.42 ? 65  ASP A C   1 
ATOM   437  O O   . ASP A 1 66  ? 4.286   -8.624  2.264   1.00 28.95 ? 65  ASP A O   1 
ATOM   438  C CB  . ASP A 1 66  ? 6.184   -6.017  1.439   1.00 22.64 ? 65  ASP A CB  1 
ATOM   439  C CG  . ASP A 1 66  ? 6.703   -6.328  2.832   1.00 25.07 ? 65  ASP A CG  1 
ATOM   440  O OD1 . ASP A 1 66  ? 7.738   -7.116  2.957   1.00 27.66 ? 65  ASP A OD1 1 
ATOM   441  O OD2 . ASP A 1 66  ? 6.081   -5.887  3.798   1.00 24.62 ? 65  ASP A OD2 1 
ATOM   442  N N   . HIS A 1 67  ? 3.146   -6.955  1.301   1.00 22.54 ? 66  HIS A N   1 
ATOM   443  C CA  . HIS A 1 67  ? 1.878   -7.305  1.928   1.00 20.20 ? 66  HIS A CA  1 
ATOM   444  C C   . HIS A 1 67  ? 1.205   -8.380  1.091   1.00 22.67 ? 66  HIS A C   1 
ATOM   445  O O   . HIS A 1 67  ? 0.773   -9.387  1.675   1.00 22.97 ? 66  HIS A O   1 
ATOM   446  C CB  . HIS A 1 67  ? 0.965   -6.086  2.062   1.00 22.67 ? 66  HIS A CB  1 
ATOM   447  C CG  . HIS A 1 67  ? -0.390  -6.444  2.606   1.00 21.98 ? 66  HIS A CG  1 
ATOM   448  N ND1 . HIS A 1 67  ? -1.570  -6.232  1.881   1.00 23.86 ? 66  HIS A ND1 1 
ATOM   449  C CD2 . HIS A 1 67  ? -0.729  -7.102  3.735   1.00 26.78 ? 66  HIS A CD2 1 
ATOM   450  C CE1 . HIS A 1 67  ? -2.615  -6.656  2.617   1.00 25.65 ? 66  HIS A CE1 1 
ATOM   451  N NE2 . HIS A 1 67  ? -2.103  -7.232  3.767   1.00 26.28 ? 66  HIS A NE2 1 
ATOM   452  N N   . CYS A 1 68  ? 1.059   -8.162  -0.214  1.00 21.81 ? 67  CYS A N   1 
ATOM   453  C CA  . CYS A 1 68  ? 0.213   -9.002  -1.054  1.00 22.38 ? 67  CYS A CA  1 
ATOM   454  C C   . CYS A 1 68  ? 0.663   -10.477 -1.104  1.00 26.48 ? 67  CYS A C   1 
ATOM   455  O O   . CYS A 1 68  ? -0.188  -11.398 -1.133  1.00 25.11 ? 67  CYS A O   1 
ATOM   456  C CB  . CYS A 1 68  ? 0.163   -8.439  -2.472  1.00 27.15 ? 67  CYS A CB  1 
ATOM   457  S SG  . CYS A 1 68  ? -1.111  -9.214  -3.489  1.00 27.03 ? 67  CYS A SG  1 
ATOM   458  N N   . GLN A 1 69  ? 1.976   -10.708 -1.136  1.00 24.10 ? 68  GLN A N   1 
ATOM   459  C CA  . GLN A 1 69  ? 2.519   -12.071 -1.239  1.00 24.65 ? 68  GLN A CA  1 
ATOM   460  C C   . GLN A 1 69  ? 2.144   -12.920 -0.007  1.00 23.43 ? 68  GLN A C   1 
ATOM   461  O O   . GLN A 1 69  ? 1.731   -14.075 -0.166  1.00 25.55 ? 68  GLN A O   1 
ATOM   462  C CB  . GLN A 1 69  ? 4.022   -11.993 -1.508  1.00 28.18 ? 68  GLN A CB  1 
ATOM   463  C CG  . GLN A 1 69  ? 4.754   -11.528 -0.263  1.00 38.22 ? 68  GLN A CG  1 
ATOM   464  C CD  . GLN A 1 69  ? 6.259   -11.451 -0.247  1.00 47.42 ? 68  GLN A CD  1 
ATOM   465  O OE1 . GLN A 1 69  ? 6.937   -11.569 -1.276  1.00 53.66 ? 68  GLN A OE1 1 
ATOM   466  N NE2 . GLN A 1 69  ? 6.774   -11.255 0.964   1.00 41.95 ? 68  GLN A NE2 1 
ATOM   467  N N   . SER A 1 70  ? 2.146   -12.316 1.170   1.00 25.17 ? 69  SER A N   1 
ATOM   468  C CA  . SER A 1 70  ? 1.772   -13.073 2.360   1.00 26.52 ? 69  SER A CA  1 
ATOM   469  C C   . SER A 1 70  ? 0.263   -13.296 2.377   1.00 21.79 ? 69  SER A C   1 
ATOM   470  O O   . SER A 1 70  ? -0.231  -14.382 2.680   1.00 23.58 ? 69  SER A O   1 
ATOM   471  C CB  . SER A 1 70  ? 2.311   -12.457 3.633   1.00 37.85 ? 69  SER A CB  1 
ATOM   472  O OG  . SER A 1 70  ? 2.022   -11.077 3.687   1.00 47.75 ? 69  SER A OG  1 
ATOM   473  N N   . LEU A 1 71  ? -0.509  -12.314 1.889   1.00 23.85 ? 70  LEU A N   1 
ATOM   474  C CA  . LEU A 1 71  ? -1.949  -12.455 1.836   1.00 25.89 ? 70  LEU A CA  1 
ATOM   475  C C   . LEU A 1 71  ? -2.368  -13.558 0.854   1.00 22.49 ? 70  LEU A C   1 
ATOM   476  O O   . LEU A 1 71  ? -3.343  -14.278 1.097   1.00 24.64 ? 70  LEU A O   1 
ATOM   477  C CB  . LEU A 1 71  ? -2.540  -11.101 1.432   1.00 29.07 ? 70  LEU A CB  1 
ATOM   478  C CG  . LEU A 1 71  ? -4.061  -11.071 1.323   1.00 25.08 ? 70  LEU A CG  1 
ATOM   479  C CD1 . LEU A 1 71  ? -4.696  -11.357 2.678   1.00 24.87 ? 70  LEU A CD1 1 
ATOM   480  C CD2 . LEU A 1 71  ? -4.583  -9.781  0.662   1.00 25.10 ? 70  LEU A CD2 1 
ATOM   481  N N   . ILE A 1 72  ? -1.725  -13.622 -0.321  1.00 20.70 ? 71  ILE A N   1 
ATOM   482  C CA  . ILE A 1 72  ? -2.008  -14.660 -1.315  1.00 17.63 ? 71  ILE A CA  1 
ATOM   483  C C   . ILE A 1 72  ? -1.718  -16.027 -0.656  1.00 21.12 ? 71  ILE A C   1 
ATOM   484  O O   . ILE A 1 72  ? -2.502  -16.965 -0.824  1.00 22.91 ? 71  ILE A O   1 
ATOM   485  C CB  . ILE A 1 72  ? -1.112  -14.450 -2.554  1.00 21.11 ? 71  ILE A CB  1 
ATOM   486  C CG1 . ILE A 1 72  ? -1.623  -13.260 -3.354  1.00 22.14 ? 71  ILE A CG1 1 
ATOM   487  C CG2 . ILE A 1 72  ? -1.080  -15.683 -3.423  1.00 25.29 ? 71  ILE A CG2 1 
ATOM   488  C CD1 . ILE A 1 72  ? -0.640  -12.818 -4.397  1.00 23.10 ? 71  ILE A CD1 1 
ATOM   489  N N   . MET A 1 73  ? -0.639  -16.091 0.128   1.00 20.24 ? 72  MET A N   1 
ATOM   490  C CA  . MET A 1 73  ? -0.293  -17.403 0.693   1.00 19.03 ? 72  MET A CA  1 
ATOM   491  C C   . MET A 1 73  ? -1.350  -17.859 1.714   1.00 22.86 ? 72  MET A C   1 
ATOM   492  O O   . MET A 1 73  ? -1.703  -19.056 1.808   1.00 21.12 ? 72  MET A O   1 
ATOM   493  C CB  . MET A 1 73  ? 1.089   -17.318 1.336   1.00 23.47 ? 72  MET A CB  1 
ATOM   494  C CG  . MET A 1 73  ? 1.602   -18.635 1.815   1.00 23.23 ? 72  MET A CG  1 
ATOM   495  S SD  . MET A 1 73  ? 3.359   -18.577 2.226   1.00 27.90 ? 72  MET A SD  1 
ATOM   496  C CE  . MET A 1 73  ? 4.135   -18.673 0.613   1.00 28.32 ? 72  MET A CE  1 
ATOM   497  N N   . GLU A 1 74  ? -1.836  -16.910 2.531   1.00 21.86 ? 73  GLU A N   1 
ATOM   498  C CA  . GLU A 1 74  ? -2.828  -17.200 3.570   1.00 20.13 ? 73  GLU A CA  1 
ATOM   499  C C   . GLU A 1 74  ? -4.178  -17.590 2.986   1.00 23.37 ? 73  GLU A C   1 
ATOM   500  O O   . GLU A 1 74  ? -4.824  -18.515 3.435   1.00 23.48 ? 73  GLU A O   1 
ATOM   501  C CB  . GLU A 1 74  ? -2.966  -16.010 4.505   1.00 24.04 ? 73  GLU A CB  1 
ATOM   502  C CG  . GLU A 1 74  ? -1.654  -15.700 5.227   1.00 29.57 ? 73  GLU A CG  1 
ATOM   503  C CD  . GLU A 1 74  ? -1.626  -14.420 6.065   1.00 39.06 ? 73  GLU A CD  1 
ATOM   504  O OE1 . GLU A 1 74  ? -2.310  -13.405 5.711   1.00 40.35 ? 73  GLU A OE1 1 
ATOM   505  O OE2 . GLU A 1 74  ? -0.864  -14.401 7.049   1.00 44.15 ? 73  GLU A OE2 1 
ATOM   506  N N   . LEU A 1 75  ? -4.632  -16.868 1.944   1.00 23.51 ? 74  LEU A N   1 
ATOM   507  C CA  . LEU A 1 75  ? -5.940  -17.066 1.355   1.00 24.26 ? 74  LEU A CA  1 
ATOM   508  C C   . LEU A 1 75  ? -6.023  -18.268 0.411   1.00 25.63 ? 74  LEU A C   1 
ATOM   509  O O   . LEU A 1 75  ? -7.111  -18.642 -0.026  1.00 31.56 ? 74  LEU A O   1 
ATOM   510  C CB  . LEU A 1 75  ? -6.277  -15.768 0.632   1.00 21.74 ? 74  LEU A CB  1 
ATOM   511  C CG  . LEU A 1 75  ? -6.636  -14.693 1.642   1.00 22.28 ? 74  LEU A CG  1 
ATOM   512  C CD1 . LEU A 1 75  ? -7.044  -13.415 0.900   1.00 26.99 ? 74  LEU A CD1 1 
ATOM   513  C CD2 . LEU A 1 75  ? -7.821  -15.159 2.446   1.00 28.99 ? 74  LEU A CD2 1 
ATOM   514  N N   . ASP A 1 76  ? -4.879  -18.824 -0.019  1.00 26.04 ? 75  ASP A N   1 
ATOM   515  C CA  . ASP A 1 76  ? -4.879  -19.845 -1.049  1.00 25.96 ? 75  ASP A CA  1 
ATOM   516  C C   . ASP A 1 76  ? -5.770  -21.032 -0.674  1.00 27.00 ? 75  ASP A C   1 
ATOM   517  O O   . ASP A 1 76  ? -5.783  -21.489 0.476   1.00 28.56 ? 75  ASP A O   1 
ATOM   518  C CB  . ASP A 1 76  ? -3.451  -20.209 -1.386  1.00 26.61 ? 75  ASP A CB  1 
ATOM   519  C CG  . ASP A 1 76  ? -3.357  -21.087 -2.624  1.00 36.01 ? 75  ASP A CG  1 
ATOM   520  O OD1 . ASP A 1 76  ? -3.868  -20.663 -3.662  1.00 36.36 ? 75  ASP A OD1 1 
ATOM   521  O OD2 . ASP A 1 76  ? -2.726  -22.170 -2.569  1.00 38.33 ? 75  ASP A OD2 1 
ATOM   522  N N   . ARG A 1 77  ? -6.553  -21.492 -1.663  1.00 31.79 ? 76  ARG A N   1 
ATOM   523  C CA  . ARG A 1 77  ? -7.461  -22.631 -1.536  1.00 32.51 ? 76  ARG A CA  1 
ATOM   524  C C   . ARG A 1 77  ? -8.570  -22.391 -0.509  1.00 34.02 ? 76  ARG A C   1 
ATOM   525  O O   . ARG A 1 77  ? -9.246  -23.341 -0.126  1.00 43.53 ? 76  ARG A O   1 
ATOM   526  C CB  . ARG A 1 77  ? -6.716  -23.952 -1.277  1.00 33.29 ? 76  ARG A CB  1 
ATOM   527  C CG  . ARG A 1 77  ? -6.108  -24.595 -2.523  1.00 43.69 ? 76  ARG A CG  1 
ATOM   528  C CD  . ARG A 1 77  ? -4.689  -24.118 -2.781  1.00 49.47 ? 76  ARG A CD  1 
ATOM   529  N NE  . ARG A 1 77  ? -3.865  -24.585 -3.908  1.00 46.31 ? 76  ARG A NE  1 
ATOM   530  C CZ  . ARG A 1 77  ? -3.928  -25.806 -4.406  1.00 34.63 ? 76  ARG A CZ  1 
ATOM   531  N NH1 . ARG A 1 77  ? -4.792  -26.663 -3.889  1.00 42.98 ? 76  ARG A NH1 1 
ATOM   532  N NH2 . ARG A 1 77  ? -3.142  -26.172 -5.403  1.00 44.23 ? 76  ARG A NH2 1 
ATOM   533  N N   . SER A 1 78  ? -8.797  -21.138 -0.078  1.00 32.55 ? 77  SER A N   1 
ATOM   534  C CA  . SER A 1 78  ? -10.023 -20.865 0.655   1.00 36.69 ? 77  SER A CA  1 
ATOM   535  C C   . SER A 1 78  ? -11.187 -20.662 -0.335  1.00 34.92 ? 77  SER A C   1 
ATOM   536  O O   . SER A 1 78  ? -10.974 -20.329 -1.490  1.00 36.50 ? 77  SER A O   1 
ATOM   537  C CB  . SER A 1 78  ? -9.820  -19.713 1.610   1.00 34.92 ? 77  SER A CB  1 
ATOM   538  O OG  . SER A 1 78  ? -9.772  -18.478 0.894   1.00 43.90 ? 77  SER A OG  1 
ATOM   539  N N   . ILE A 1 79  ? -12.424 -20.897 0.117   1.00 44.56 ? 78  ILE A N   1 
ATOM   540  C CA  . ILE A 1 79  ? -13.593 -20.485 -0.647  1.00 46.53 ? 78  ILE A CA  1 
ATOM   541  C C   . ILE A 1 79  ? -14.197 -19.271 0.057   1.00 43.19 ? 78  ILE A C   1 
ATOM   542  O O   . ILE A 1 79  ? -14.658 -19.368 1.192   1.00 42.37 ? 78  ILE A O   1 
ATOM   543  C CB  . ILE A 1 79  ? -14.582 -21.665 -0.794  1.00 44.93 ? 78  ILE A CB  1 
ATOM   544  N N   . THR A 1 80  ? -14.141 -18.096 -0.585  1.00 41.33 ? 79  THR A N   1 
ATOM   545  C CA  . THR A 1 80  ? -14.690 -16.907 0.049   1.00 47.46 ? 79  THR A CA  1 
ATOM   546  C C   . THR A 1 80  ? -15.710 -16.258 -0.881  1.00 41.34 ? 79  THR A C   1 
ATOM   547  O O   . THR A 1 80  ? -15.594 -16.366 -2.101  1.00 47.66 ? 79  THR A O   1 
ATOM   548  C CB  . THR A 1 80  ? -13.590 -15.892 0.408   1.00 41.35 ? 79  THR A CB  1 
ATOM   549  O OG1 . THR A 1 80  ? -12.835 -15.645 -0.774  1.00 46.31 ? 79  THR A OG1 1 
ATOM   550  C CG2 . THR A 1 80  ? -12.656 -16.378 1.501   1.00 48.42 ? 79  THR A CG2 1 
ATOM   551  N N   . ASP A 1 81  ? -16.683 -15.550 -0.290  1.00 39.93 ? 80  ASP A N   1 
ATOM   552  C CA  . ASP A 1 81  ? -17.414 -14.587 -1.095  1.00 35.76 ? 80  ASP A CA  1 
ATOM   553  C C   . ASP A 1 81  ? -16.604 -13.283 -1.148  1.00 33.66 ? 80  ASP A C   1 
ATOM   554  O O   . ASP A 1 81  ? -15.608 -13.158 -0.420  1.00 34.93 ? 80  ASP A O   1 
ATOM   555  C CB  . ASP A 1 81  ? -18.888 -14.529 -0.658  1.00 35.52 ? 80  ASP A CB  1 
ATOM   556  C CG  . ASP A 1 81  ? -19.142 -14.046 0.763   1.00 41.31 ? 80  ASP A CG  1 
ATOM   557  O OD1 . ASP A 1 81  ? -18.253 -13.439 1.379   1.00 41.00 ? 80  ASP A OD1 1 
ATOM   558  O OD2 . ASP A 1 81  ? -20.286 -14.210 1.232   1.00 50.54 ? 80  ASP A OD2 1 
ATOM   559  N N   . ALA A 1 82  ? -17.019 -12.368 -2.029  1.00 32.74 ? 81  ALA A N   1 
ATOM   560  C CA  . ALA A 1 82  ? -16.471 -11.022 -2.154  1.00 31.45 ? 81  ALA A CA  1 
ATOM   561  C C   . ALA A 1 82  ? -16.185 -10.426 -0.781  1.00 27.10 ? 81  ALA A C   1 
ATOM   562  O O   . ALA A 1 82  ? -15.053 -9.999  -0.501  1.00 24.76 ? 81  ALA A O   1 
ATOM   563  C CB  . ALA A 1 82  ? -17.404 -10.090 -2.902  1.00 29.15 ? 81  ALA A CB  1 
ATOM   564  N N   . LYS A 1 83  ? -17.221 -10.345 0.065   1.00 27.66 ? 82  LYS A N   1 
ATOM   565  C CA  . LYS A 1 83  ? -17.064 -9.546  1.267   1.00 25.05 ? 82  LYS A CA  1 
ATOM   566  C C   . LYS A 1 83  ? -16.080 -10.181 2.250   1.00 25.68 ? 82  LYS A C   1 
ATOM   567  O O   . LYS A 1 83  ? -15.278 -9.480  2.876   1.00 23.85 ? 82  LYS A O   1 
ATOM   568  C CB  . LYS A 1 83  ? -18.416 -9.287  1.933   1.00 28.27 ? 82  LYS A CB  1 
ATOM   569  C CG  . LYS A 1 83  ? -18.378 -8.177  2.965   1.00 26.45 ? 82  LYS A CG  1 
ATOM   570  C CD  . LYS A 1 83  ? -19.771 -7.832  3.525   1.00 28.90 ? 82  LYS A CD  1 
ATOM   571  C CE  . LYS A 1 83  ? -19.763 -6.666  4.476   1.00 35.09 ? 82  LYS A CE  1 
ATOM   572  N NZ  . LYS A 1 83  ? -21.116 -6.516  5.066   1.00 35.98 ? 82  LYS A NZ  1 
ATOM   573  N N   . MET A 1 84  ? -16.194 -11.505 2.433   1.00 26.30 ? 83  MET A N   1 
ATOM   574  C CA  . MET A 1 84  ? -15.221 -12.251 3.214   1.00 30.02 ? 83  MET A CA  1 
ATOM   575  C C   . MET A 1 84  ? -13.770 -12.009 2.745   1.00 25.69 ? 83  MET A C   1 
ATOM   576  O O   . MET A 1 84  ? -12.894 -11.740 3.588   1.00 26.37 ? 83  MET A O   1 
ATOM   577  C CB  . MET A 1 84  ? -15.562 -13.739 3.103   1.00 30.45 ? 83  MET A CB  1 
ATOM   578  C CG  . MET A 1 84  ? -14.455 -14.597 3.648   1.00 40.56 ? 83  MET A CG  1 
ATOM   579  S SD  . MET A 1 84  ? -15.003 -16.230 4.221   1.00 57.85 ? 83  MET A SD  1 
ATOM   580  C CE  . MET A 1 84  ? -15.230 -15.802 5.947   1.00 45.52 ? 83  MET A CE  1 
ATOM   581  N N   . MET A 1 85  ? -13.503 -12.129 1.442   1.00 26.22 ? 84  MET A N   1 
ATOM   582  C CA  . MET A 1 85  ? -12.149 -11.937 0.912   1.00 24.04 ? 84  MET A CA  1 
ATOM   583  C C   . MET A 1 85  ? -11.722 -10.500 1.241   1.00 22.04 ? 84  MET A C   1 
ATOM   584  O O   . MET A 1 85  ? -10.580 -10.253 1.665   1.00 22.97 ? 84  MET A O   1 
ATOM   585  C CB  . MET A 1 85  ? -11.992 -12.192 -0.592  1.00 28.48 ? 84  MET A CB  1 
ATOM   586  C CG  . MET A 1 85  ? -10.537 -11.925 -1.074  1.00 30.43 ? 84  MET A CG  1 
ATOM   587  S SD  . MET A 1 85  ? -10.400 -12.645 -2.724  1.00 52.20 ? 84  MET A SD  1 
ATOM   588  C CE  . MET A 1 85  ? -9.043  -13.771 -2.437  1.00 41.23 ? 84  MET A CE  1 
ATOM   589  N N   . ILE A 1 86  ? -12.649 -9.537  1.023   1.00 21.76 ? 85  ILE A N   1 
ATOM   590  C CA  . ILE A 1 86  ? -12.284 -8.138  1.236   1.00 22.74 ? 85  ILE A CA  1 
ATOM   591  C C   . ILE A 1 86  ? -12.056 -7.847  2.718   1.00 22.73 ? 85  ILE A C   1 
ATOM   592  O O   . ILE A 1 86  ? -11.146 -7.076  3.085   1.00 19.46 ? 85  ILE A O   1 
ATOM   593  C CB  . ILE A 1 86  ? -13.232 -7.132  0.542   1.00 20.54 ? 85  ILE A CB  1 
ATOM   594  C CG1 . ILE A 1 86  ? -13.210 -7.403  -0.973  1.00 23.86 ? 85  ILE A CG1 1 
ATOM   595  C CG2 . ILE A 1 86  ? -12.807 -5.686  0.875   1.00 23.72 ? 85  ILE A CG2 1 
ATOM   596  C CD1 . ILE A 1 86  ? -14.343 -6.837  -1.757  1.00 25.70 ? 85  ILE A CD1 1 
ATOM   597  N N   . ARG A 1 87  ? -12.843 -8.505  3.605   1.00 19.67 ? 86  ARG A N   1 
ATOM   598  C CA  . ARG A 1 87  ? -12.603 -8.289  5.017   1.00 20.12 ? 86  ARG A CA  1 
ATOM   599  C C   . ARG A 1 87  ? -11.228 -8.852  5.411   1.00 23.46 ? 86  ARG A C   1 
ATOM   600  O O   . ARG A 1 87  ? -10.526 -8.214  6.196   1.00 21.48 ? 86  ARG A O   1 
ATOM   601  C CB  . ARG A 1 87  ? -13.608 -9.059  5.862   1.00 27.09 ? 86  ARG A CB  1 
ATOM   602  C CG  . ARG A 1 87  ? -13.491 -8.658  7.309   1.00 26.25 ? 86  ARG A CG  1 
ATOM   603  C CD  . ARG A 1 87  ? -14.567 -9.448  8.054   1.00 35.02 ? 86  ARG A CD  1 
ATOM   604  N NE  . ARG A 1 87  ? -14.795 -8.386  8.975   1.00 44.74 ? 86  ARG A NE  1 
ATOM   605  C CZ  . ARG A 1 87  ? -15.881 -7.677  9.256   1.00 29.48 ? 86  ARG A CZ  1 
ATOM   606  N NH1 . ARG A 1 87  ? -17.084 -7.850  8.715   1.00 35.92 ? 86  ARG A NH1 1 
ATOM   607  N NH2 . ARG A 1 87  ? -15.682 -6.721  10.101  1.00 26.15 ? 86  ARG A NH2 1 
ATOM   608  N N   . PHE A 1 88  ? -10.887 -10.057 4.918   1.00 22.40 ? 87  PHE A N   1 
ATOM   609  C CA  . PHE A 1 88  ? -9.559  -10.625 5.158   1.00 21.92 ? 87  PHE A CA  1 
ATOM   610  C C   . PHE A 1 88  ? -8.435  -9.696  4.682   1.00 22.92 ? 87  PHE A C   1 
ATOM   611  O O   . PHE A 1 88  ? -7.486  -9.452  5.410   1.00 19.35 ? 87  PHE A O   1 
ATOM   612  C CB  . PHE A 1 88  ? -9.333  -11.936 4.380   1.00 25.10 ? 87  PHE A CB  1 
ATOM   613  C CG  . PHE A 1 88  ? -9.970  -13.163 4.971   1.00 37.03 ? 87  PHE A CG  1 
ATOM   614  C CD1 . PHE A 1 88  ? -9.714  -13.531 6.283   1.00 40.79 ? 87  PHE A CD1 1 
ATOM   615  C CD2 . PHE A 1 88  ? -10.804 -13.964 4.197   1.00 43.27 ? 87  PHE A CD2 1 
ATOM   616  C CE1 . PHE A 1 88  ? -10.333 -14.644 6.839   1.00 48.94 ? 87  PHE A CE1 1 
ATOM   617  C CE2 . PHE A 1 88  ? -11.408 -15.089 4.748   1.00 46.97 ? 87  PHE A CE2 1 
ATOM   618  C CZ  . PHE A 1 88  ? -11.180 -15.415 6.069   1.00 52.12 ? 87  PHE A CZ  1 
ATOM   619  N N   . THR A 1 89  ? -8.648  -9.077  3.509   1.00 19.44 ? 88  THR A N   1 
ATOM   620  C CA  . THR A 1 89  ? -7.646  -8.197  2.898   1.00 20.52 ? 88  THR A CA  1 
ATOM   621  C C   . THR A 1 89  ? -7.472  -6.965  3.816   1.00 18.56 ? 88  THR A C   1 
ATOM   622  O O   . THR A 1 89  ? -6.356  -6.515  4.106   1.00 20.12 ? 88  THR A O   1 
ATOM   623  C CB  . THR A 1 89  ? -8.095  -7.793  1.484   1.00 24.81 ? 88  THR A CB  1 
ATOM   624  O OG1 . THR A 1 89  ? -8.111  -9.005  0.708   1.00 21.89 ? 88  THR A OG1 1 
ATOM   625  C CG2 . THR A 1 89  ? -7.119  -6.819  0.875   1.00 21.06 ? 88  THR A CG2 1 
ATOM   626  N N   . TRP A 1 90  ? -8.619  -6.392  4.245   1.00 18.39 ? 89  TRP A N   1 
ATOM   627  C CA  . TRP A 1 90  ? -8.593  -5.229  5.139   1.00 17.59 ? 89  TRP A CA  1 
ATOM   628  C C   . TRP A 1 90  ? -7.923  -5.579  6.475   1.00 18.06 ? 89  TRP A C   1 
ATOM   629  O O   . TRP A 1 90  ? -7.028  -4.925  6.916   1.00 17.96 ? 89  TRP A O   1 
ATOM   630  C CB  . TRP A 1 90  ? -10.016 -4.744  5.414   1.00 19.24 ? 89  TRP A CB  1 
ATOM   631  C CG  . TRP A 1 90  ? -10.102 -3.772  6.533   1.00 20.01 ? 89  TRP A CG  1 
ATOM   632  C CD1 . TRP A 1 90  ? -10.457 -4.031  7.829   1.00 18.54 ? 89  TRP A CD1 1 
ATOM   633  C CD2 . TRP A 1 90  ? -10.002 -2.324  6.448   1.00 20.69 ? 89  TRP A CD2 1 
ATOM   634  N NE1 . TRP A 1 90  ? -10.486 -2.888  8.587   1.00 17.46 ? 89  TRP A NE1 1 
ATOM   635  C CE2 . TRP A 1 90  ? -10.293 -1.807  7.736   1.00 18.87 ? 89  TRP A CE2 1 
ATOM   636  C CE3 . TRP A 1 90  ? -9.706  -1.449  5.389   1.00 19.37 ? 89  TRP A CE3 1 
ATOM   637  C CZ2 . TRP A 1 90  ? -10.222 -0.429  8.032   1.00 18.55 ? 89  TRP A CZ2 1 
ATOM   638  C CZ3 . TRP A 1 90  ? -9.680  -0.094  5.662   1.00 17.64 ? 89  TRP A CZ3 1 
ATOM   639  C CH2 . TRP A 1 90  ? -9.929  0.415   6.970   1.00 20.22 ? 89  TRP A CH2 1 
ATOM   640  N N   . ASN A 1 91  ? -8.338  -6.670  7.136   1.00 20.50 ? 90  ASN A N   1 
ATOM   641  C CA  . ASN A 1 91  ? -7.738  -6.991  8.422   1.00 20.08 ? 90  ASN A CA  1 
ATOM   642  C C   . ASN A 1 91  ? -6.226  -7.246  8.267   1.00 19.04 ? 90  ASN A C   1 
ATOM   643  O O   . ASN A 1 91  ? -5.442  -6.839  9.139   1.00 19.67 ? 90  ASN A O   1 
ATOM   644  C CB  . ASN A 1 91  ? -8.366  -8.311  8.871   1.00 18.23 ? 90  ASN A CB  1 
ATOM   645  C CG  . ASN A 1 91  ? -9.804  -8.139  9.323   1.00 18.56 ? 90  ASN A CG  1 
ATOM   646  O OD1 . ASN A 1 91  ? -10.469 -7.071  9.219   1.00 20.20 ? 90  ASN A OD1 1 
ATOM   647  N ND2 . ASN A 1 91  ? -10.361 -9.193  9.875   1.00 24.47 ? 90  ASN A ND2 1 
ATOM   648  N N   . SER A 1 92  ? -5.845  -7.982  7.228   1.00 20.33 ? 91  SER A N   1 
ATOM   649  C CA  . SER A 1 92  ? -4.445  -8.250  6.879   1.00 19.38 ? 91  SER A CA  1 
ATOM   650  C C   . SER A 1 92  ? -3.699  -6.914  6.698   1.00 19.76 ? 91  SER A C   1 
ATOM   651  O O   . SER A 1 92  ? -2.601  -6.733  7.248   1.00 20.22 ? 91  SER A O   1 
ATOM   652  C CB  . SER A 1 92  ? -4.328  -9.155  5.689   1.00 19.61 ? 91  SER A CB  1 
ATOM   653  O OG  . SER A 1 92  ? -2.951  -9.345  5.272   1.00 21.81 ? 91  SER A OG  1 
ATOM   654  N N   . TYR A 1 93  ? -4.300  -5.984  5.974   1.00 20.96 ? 92  TYR A N   1 
ATOM   655  C CA  . TYR A 1 93  ? -3.646  -4.715  5.748   1.00 18.70 ? 92  TYR A CA  1 
ATOM   656  C C   . TYR A 1 93  ? -3.442  -3.936  7.035   1.00 19.15 ? 92  TYR A C   1 
ATOM   657  O O   . TYR A 1 93  ? -2.372  -3.381  7.233   1.00 18.43 ? 92  TYR A O   1 
ATOM   658  C CB  . TYR A 1 93  ? -4.420  -3.876  4.718   1.00 17.75 ? 92  TYR A CB  1 
ATOM   659  C CG  . TYR A 1 93  ? -3.630  -2.631  4.394   1.00 17.94 ? 92  TYR A CG  1 
ATOM   660  C CD1 . TYR A 1 93  ? -2.456  -2.755  3.657   1.00 20.34 ? 92  TYR A CD1 1 
ATOM   661  C CD2 . TYR A 1 93  ? -3.950  -1.373  4.925   1.00 19.43 ? 92  TYR A CD2 1 
ATOM   662  C CE1 . TYR A 1 93  ? -1.666  -1.648  3.386   1.00 20.35 ? 92  TYR A CE1 1 
ATOM   663  C CE2 . TYR A 1 93  ? -3.114  -0.273  4.746   1.00 17.57 ? 92  TYR A CE2 1 
ATOM   664  C CZ  . TYR A 1 93  ? -1.973  -0.428  3.967   1.00 19.38 ? 92  TYR A CZ  1 
ATOM   665  O OH  . TYR A 1 93  ? -1.135  0.642   3.816   1.00 17.72 ? 92  TYR A OH  1 
ATOM   666  N N   . ILE A 1 94  ? -4.452  -3.919  7.929   1.00 17.03 ? 93  ILE A N   1 
ATOM   667  C CA  . ILE A 1 94  ? -4.247  -3.232  9.204   1.00 17.23 ? 93  ILE A CA  1 
ATOM   668  C C   . ILE A 1 94  ? -3.129  -3.933  10.017  1.00 16.72 ? 93  ILE A C   1 
ATOM   669  O O   . ILE A 1 94  ? -2.320  -3.252  10.594  1.00 18.47 ? 93  ILE A O   1 
ATOM   670  C CB  . ILE A 1 94  ? -5.567  -3.233  9.999   1.00 19.78 ? 93  ILE A CB  1 
ATOM   671  C CG1 . ILE A 1 94  ? -6.737  -2.646  9.179   1.00 18.32 ? 93  ILE A CG1 1 
ATOM   672  C CG2 . ILE A 1 94  ? -5.342  -2.460  11.306  1.00 20.43 ? 93  ILE A CG2 1 
ATOM   673  C CD1 . ILE A 1 94  ? -6.381  -1.275  8.574   1.00 19.64 ? 93  ILE A CD1 1 
ATOM   674  N N   . SER A 1 95  ? -3.151  -5.252  10.094  1.00 20.81 ? 94  SER A N   1 
ATOM   675  C CA  . SER A 1 95  ? -2.058  -5.934  10.763  1.00 18.20 ? 94  SER A CA  1 
ATOM   676  C C   . SER A 1 95  ? -0.674  -5.561  10.235  1.00 18.90 ? 94  SER A C   1 
ATOM   677  O O   . SER A 1 95  ? 0.247   -5.227  11.005  1.00 21.29 ? 94  SER A O   1 
ATOM   678  C CB  . SER A 1 95  ? -2.333  -7.386  10.618  1.00 20.95 ? 94  SER A CB  1 
ATOM   679  O OG  . SER A 1 95  ? -1.320  -8.128  11.324  1.00 25.93 ? 94  SER A OG  1 
ATOM   680  N N   . TRP A 1 96  ? -0.554  -5.555  8.915   1.00 20.86 ? 95  TRP A N   1 
ATOM   681  C CA  . TRP A 1 96  ? 0.696   -5.205  8.236   1.00 20.21 ? 95  TRP A CA  1 
ATOM   682  C C   . TRP A 1 96  ? 1.175   -3.804  8.613   1.00 21.06 ? 95  TRP A C   1 
ATOM   683  O O   . TRP A 1 96  ? 2.347   -3.582  8.854   1.00 20.91 ? 95  TRP A O   1 
ATOM   684  C CB  . TRP A 1 96  ? 0.457   -5.328  6.738   1.00 19.59 ? 95  TRP A CB  1 
ATOM   685  C CG  . TRP A 1 96  ? 1.641   -5.081  5.851   1.00 18.87 ? 95  TRP A CG  1 
ATOM   686  C CD1 . TRP A 1 96  ? 2.711   -5.895  5.613   1.00 22.98 ? 95  TRP A CD1 1 
ATOM   687  C CD2 . TRP A 1 96  ? 1.863   -3.879  5.094   1.00 18.45 ? 95  TRP A CD2 1 
ATOM   688  N NE1 . TRP A 1 96  ? 3.540   -5.310  4.672   1.00 20.59 ? 95  TRP A NE1 1 
ATOM   689  C CE2 . TRP A 1 96  ? 3.077   -4.058  4.382   1.00 20.67 ? 95  TRP A CE2 1 
ATOM   690  C CE3 . TRP A 1 96  ? 1.188   -2.665  4.925   1.00 22.15 ? 95  TRP A CE3 1 
ATOM   691  C CZ2 . TRP A 1 96  ? 3.565   -3.125  3.472   1.00 20.71 ? 95  TRP A CZ2 1 
ATOM   692  C CZ3 . TRP A 1 96  ? 1.711   -1.698  4.095   1.00 21.12 ? 95  TRP A CZ3 1 
ATOM   693  C CH2 . TRP A 1 96  ? 2.910   -1.918  3.403   1.00 23.09 ? 95  TRP A CH2 1 
ATOM   694  N N   . GLY A 1 97  ? 0.288   -2.800  8.573   1.00 19.66 ? 96  GLY A N   1 
ATOM   695  C CA  . GLY A 1 97  ? 0.562   -1.401  8.898   1.00 19.55 ? 96  GLY A CA  1 
ATOM   696  C C   . GLY A 1 97  ? 0.861   -1.162  10.371  1.00 19.82 ? 96  GLY A C   1 
ATOM   697  O O   . GLY A 1 97  ? 1.632   -0.280  10.702  1.00 21.39 ? 96  GLY A O   1 
ATOM   698  N N   . LEU A 1 98  ? 0.250   -2.007  11.230  1.00 21.00 ? 97  LEU A N   1 
ATOM   699  C CA  . LEU A 1 98  ? 0.581   -1.954  12.643  1.00 21.18 ? 97  LEU A CA  1 
ATOM   700  C C   . LEU A 1 98  ? 1.986   -2.503  12.866  1.00 20.79 ? 97  LEU A C   1 
ATOM   701  O O   . LEU A 1 98  ? 2.742   -1.981  13.692  1.00 21.90 ? 97  LEU A O   1 
ATOM   702  C CB  . LEU A 1 98  ? -0.486  -2.737  13.414  1.00 19.71 ? 97  LEU A CB  1 
ATOM   703  C CG  . LEU A 1 98  ? -1.813  -1.970  13.570  1.00 18.44 ? 97  LEU A CG  1 
ATOM   704  C CD1 . LEU A 1 98  ? -2.878  -2.885  14.181  1.00 20.45 ? 97  LEU A CD1 1 
ATOM   705  C CD2 . LEU A 1 98  ? -1.710  -0.704  14.425  1.00 19.17 ? 97  LEU A CD2 1 
ATOM   706  N N   . ASN A 1 99  ? 2.311   -3.585  12.149  1.00 21.11 ? 98  ASN A N   1 
ATOM   707  C CA  . ASN A 1 99  ? 3.611   -4.233  12.251  1.00 24.34 ? 98  ASN A CA  1 
ATOM   708  C C   . ASN A 1 99  ? 4.678   -3.401  11.547  1.00 26.46 ? 98  ASN A C   1 
ATOM   709  O O   . ASN A 1 99  ? 5.810   -3.402  11.988  1.00 27.13 ? 98  ASN A O   1 
ATOM   710  C CB  . ASN A 1 99  ? 3.593   -5.665  11.720  1.00 23.21 ? 98  ASN A CB  1 
ATOM   711  C CG  . ASN A 1 99  ? 2.965   -6.580  12.754  1.00 33.45 ? 98  ASN A CG  1 
ATOM   712  O OD1 . ASN A 1 99  ? 3.530   -6.782  13.827  1.00 38.16 ? 98  ASN A OD1 1 
ATOM   713  N ND2 . ASN A 1 99  ? 1.753   -7.025  12.506  1.00 39.11 ? 98  ASN A ND2 1 
ATOM   714  N N   . HIS A 1 100 ? 4.259   -2.560  10.572  1.00 21.58 ? 99  HIS A N   1 
ATOM   715  C CA  . HIS A 1 100 ? 5.244   -1.944  9.689   1.00 20.79 ? 99  HIS A CA  1 
ATOM   716  C C   . HIS A 1 100 ? 4.739   -0.543  9.397   1.00 24.22 ? 99  HIS A C   1 
ATOM   717  O O   . HIS A 1 100 ? 4.315   -0.296  8.272   1.00 26.03 ? 99  HIS A O   1 
ATOM   718  C CB  . HIS A 1 100 ? 5.376   -2.773  8.386   1.00 20.72 ? 99  HIS A CB  1 
ATOM   719  C CG  . HIS A 1 100 ? 5.830   -4.190  8.567   1.00 25.00 ? 99  HIS A CG  1 
ATOM   720  N ND1 . HIS A 1 100 ? 7.082   -4.494  9.057   1.00 31.83 ? 99  HIS A ND1 1 
ATOM   721  C CD2 . HIS A 1 100 ? 5.191   -5.360  8.360   1.00 27.66 ? 99  HIS A CD2 1 
ATOM   722  C CE1 . HIS A 1 100 ? 7.214   -5.800  9.134   1.00 29.18 ? 99  HIS A CE1 1 
ATOM   723  N NE2 . HIS A 1 100 ? 6.072   -6.363  8.707   1.00 32.35 ? 99  HIS A NE2 1 
ATOM   724  N N   . PRO A 1 101 ? 4.702   0.374   10.392  1.00 22.81 ? 100 PRO A N   1 
ATOM   725  C CA  . PRO A 1 101 ? 4.157   1.720   10.190  1.00 22.27 ? 100 PRO A CA  1 
ATOM   726  C C   . PRO A 1 101 ? 4.748   2.458   9.003   1.00 23.08 ? 100 PRO A C   1 
ATOM   727  O O   . PRO A 1 101 ? 3.988   3.104   8.258   1.00 24.78 ? 100 PRO A O   1 
ATOM   728  C CB  . PRO A 1 101 ? 4.348   2.483   11.508  1.00 21.80 ? 100 PRO A CB  1 
ATOM   729  C CG  . PRO A 1 101 ? 5.164   1.540   12.388  1.00 29.65 ? 100 PRO A CG  1 
ATOM   730  C CD  . PRO A 1 101 ? 5.080   0.163   11.799  1.00 22.94 ? 100 PRO A CD  1 
ATOM   731  N N   . ALA A 1 102 ? 6.073   2.334   8.842   1.00 22.73 ? 101 ALA A N   1 
ATOM   732  C CA  . ALA A 1 102 ? 6.672   3.144   7.766   1.00 23.43 ? 101 ALA A CA  1 
ATOM   733  C C   . ALA A 1 102 ? 6.239   2.610   6.401   1.00 21.34 ? 101 ALA A C   1 
ATOM   734  O O   . ALA A 1 102 ? 5.976   3.391   5.488   1.00 21.75 ? 101 ALA A O   1 
ATOM   735  C CB  . ALA A 1 102 ? 8.174   3.190   7.887   1.00 22.46 ? 101 ALA A CB  1 
ATOM   736  N N   . ARG A 1 103 ? 6.101   1.292   6.291   1.00 19.75 ? 102 ARG A N   1 
ATOM   737  C CA  . ARG A 1 103 ? 5.707   0.660   5.021   1.00 19.90 ? 102 ARG A CA  1 
ATOM   738  C C   . ARG A 1 103 ? 4.321   1.195   4.629   1.00 20.56 ? 102 ARG A C   1 
ATOM   739  O O   . ARG A 1 103 ? 4.061   1.582   3.492   1.00 21.47 ? 102 ARG A O   1 
ATOM   740  C CB  . ARG A 1 103 ? 5.707   -0.864  5.083   1.00 21.68 ? 102 ARG A CB  1 
ATOM   741  C CG  . ARG A 1 103 ? 7.116   -1.433  5.276   1.00 20.92 ? 102 ARG A CG  1 
ATOM   742  C CD  . ARG A 1 103 ? 7.173   -2.928  5.221   1.00 24.10 ? 102 ARG A CD  1 
ATOM   743  N NE  . ARG A 1 103 ? 8.399   -3.262  5.897   1.00 25.54 ? 102 ARG A NE  1 
ATOM   744  C CZ  . ARG A 1 103 ? 8.719   -4.498  6.272   1.00 22.78 ? 102 ARG A CZ  1 
ATOM   745  N NH1 . ARG A 1 103 ? 8.032   -5.559  5.861   1.00 26.45 ? 102 ARG A NH1 1 
ATOM   746  N NH2 . ARG A 1 103 ? 9.848   -4.645  6.952   1.00 29.31 ? 102 ARG A NH2 1 
ATOM   747  N N   . HIS A 1 104 ? 3.363   1.181   5.569   1.00 19.37 ? 103 HIS A N   1 
ATOM   748  C CA  . HIS A 1 104 ? 2.057   1.778   5.297   1.00 19.61 ? 103 HIS A CA  1 
ATOM   749  C C   . HIS A 1 104 ? 2.148   3.275   4.998   1.00 19.03 ? 103 HIS A C   1 
ATOM   750  O O   . HIS A 1 104 ? 1.488   3.735   4.077   1.00 20.14 ? 103 HIS A O   1 
ATOM   751  C CB  . HIS A 1 104 ? 1.111   1.599   6.508   1.00 20.67 ? 103 HIS A CB  1 
ATOM   752  C CG  . HIS A 1 104 ? 0.012   2.619   6.586   1.00 19.65 ? 103 HIS A CG  1 
ATOM   753  N ND1 . HIS A 1 104 ? -1.136  2.517   5.800   1.00 20.39 ? 103 HIS A ND1 1 
ATOM   754  C CD2 . HIS A 1 104 ? -0.154  3.736   7.352   1.00 21.71 ? 103 HIS A CD2 1 
ATOM   755  C CE1 . HIS A 1 104 ? -1.918  3.562   6.040   1.00 24.86 ? 103 HIS A CE1 1 
ATOM   756  N NE2 . HIS A 1 104 ? -1.363  4.306   7.012   1.00 24.30 ? 103 HIS A NE2 1 
ATOM   757  N N   . ARG A 1 105 ? 2.932   4.051   5.786   1.00 19.11 ? 104 ARG A N   1 
ATOM   758  C CA  . ARG A 1 105 ? 2.979   5.502   5.587   1.00 19.76 ? 104 ARG A CA  1 
ATOM   759  C C   . ARG A 1 105 ? 3.536   5.863   4.197   1.00 18.50 ? 104 ARG A C   1 
ATOM   760  O O   . ARG A 1 105 ? 3.096   6.863   3.621   1.00 19.85 ? 104 ARG A O   1 
ATOM   761  C CB  . ARG A 1 105 ? 3.775   6.125   6.733   1.00 18.89 ? 104 ARG A CB  1 
ATOM   762  C CG  . ARG A 1 105 ? 3.022   6.065   8.050   1.00 19.92 ? 104 ARG A CG  1 
ATOM   763  C CD  . ARG A 1 105 ? 3.993   6.453   9.171   1.00 28.17 ? 104 ARG A CD  1 
ATOM   764  N NE  . ARG A 1 105 ? 3.044   6.811   10.220  1.00 36.47 ? 104 ARG A NE  1 
ATOM   765  C CZ  . ARG A 1 105 ? 3.202   6.669   11.535  1.00 45.45 ? 104 ARG A CZ  1 
ATOM   766  N NH1 . ARG A 1 105 ? 2.263   7.119   12.347  1.00 48.96 ? 104 ARG A NH1 1 
ATOM   767  N NH2 . ARG A 1 105 ? 4.251   6.057   12.043  1.00 47.77 ? 104 ARG A NH2 1 
ATOM   768  N N   . ALA A 1 106 ? 4.579   5.150   3.766   1.00 21.29 ? 105 ALA A N   1 
ATOM   769  C CA  . ALA A 1 106 ? 5.159   5.309   2.423   1.00 20.63 ? 105 ALA A CA  1 
ATOM   770  C C   . ALA A 1 106 ? 4.154   4.837   1.353   1.00 18.93 ? 105 ALA A C   1 
ATOM   771  O O   . ALA A 1 106 ? 3.866   5.573   0.394   1.00 19.43 ? 105 ALA A O   1 
ATOM   772  C CB  . ALA A 1 106 ? 6.462   4.515   2.325   1.00 19.83 ? 105 ALA A CB  1 
ATOM   773  N N   . ILE A 1 107 ? 3.568   3.625   1.508   1.00 19.89 ? 106 ILE A N   1 
ATOM   774  C CA  . ILE A 1 107 ? 2.807   3.051   0.405   1.00 19.28 ? 106 ILE A CA  1 
ATOM   775  C C   . ILE A 1 107 ? 1.573   3.890   0.059   1.00 20.52 ? 106 ILE A C   1 
ATOM   776  O O   . ILE A 1 107 ? 1.177   4.011   -1.098  1.00 21.39 ? 106 ILE A O   1 
ATOM   777  C CB  . ILE A 1 107 ? 2.448   1.562   0.570   1.00 18.62 ? 106 ILE A CB  1 
ATOM   778  C CG1 . ILE A 1 107 ? 2.284   0.926   -0.828  1.00 19.58 ? 106 ILE A CG1 1 
ATOM   779  C CG2 . ILE A 1 107 ? 1.216   1.346   1.490   1.00 19.95 ? 106 ILE A CG2 1 
ATOM   780  C CD1 . ILE A 1 107 ? 1.873   -0.573  -0.772  1.00 22.87 ? 106 ILE A CD1 1 
ATOM   781  N N   . ARG A 1 108 ? 0.921   4.428   1.067   1.00 21.31 ? 107 ARG A N   1 
ATOM   782  C CA  . ARG A 1 108 ? -0.302  5.172   0.779   1.00 18.26 ? 107 ARG A CA  1 
ATOM   783  C C   . ARG A 1 108 ? 0.005   6.466   0.034   1.00 21.43 ? 107 ARG A C   1 
ATOM   784  O O   . ARG A 1 108 ? -0.893  6.943   -0.679  1.00 24.58 ? 107 ARG A O   1 
ATOM   785  C CB  . ARG A 1 108 ? -1.034  5.440   2.080   1.00 22.99 ? 107 ARG A CB  1 
ATOM   786  C CG  . ARG A 1 108 ? -0.381  6.485   2.954   1.00 22.08 ? 107 ARG A CG  1 
ATOM   787  C CD  . ARG A 1 108 ? -1.696  7.253   2.963   1.00 34.67 ? 107 ARG A CD  1 
ATOM   788  N NE  . ARG A 1 108 ? -1.902  7.765   4.287   1.00 39.46 ? 107 ARG A NE  1 
ATOM   789  C CZ  . ARG A 1 108 ? -2.993  8.409   4.728   1.00 33.94 ? 107 ARG A CZ  1 
ATOM   790  N NH1 . ARG A 1 108 ? -2.989  8.811   5.982   1.00 40.06 ? 107 ARG A NH1 1 
ATOM   791  N NH2 . ARG A 1 108 ? -4.042  8.647   3.957   1.00 39.74 ? 107 ARG A NH2 1 
ATOM   792  N N   . GLN A 1 109 ? 1.271   6.935   0.141   1.00 18.96 ? 108 GLN A N   1 
ATOM   793  C CA  . GLN A 1 109 ? 1.613   8.108   -0.673  1.00 21.41 ? 108 GLN A CA  1 
ATOM   794  C C   . GLN A 1 109 ? 1.980   7.668   -2.101  1.00 20.48 ? 108 GLN A C   1 
ATOM   795  O O   . GLN A 1 109 ? 1.636   8.344   -3.078  1.00 23.91 ? 108 GLN A O   1 
ATOM   796  C CB  . GLN A 1 109 ? 2.797   8.840   -0.055  1.00 21.78 ? 108 GLN A CB  1 
ATOM   797  C CG  . GLN A 1 109 ? 2.466   9.417   1.309   1.00 23.69 ? 108 GLN A CG  1 
ATOM   798  C CD  . GLN A 1 109 ? 3.717   10.068  1.829   1.00 27.84 ? 108 GLN A CD  1 
ATOM   799  O OE1 . GLN A 1 109 ? 4.080   11.167  1.376   1.00 27.28 ? 108 GLN A OE1 1 
ATOM   800  N NE2 . GLN A 1 109 ? 4.400   9.358   2.729   1.00 26.29 ? 108 GLN A NE2 1 
ATOM   801  N N   . LEU A 1 110 ? 2.749   6.583   -2.228  1.00 19.90 ? 109 LEU A N   1 
ATOM   802  C CA  . LEU A 1 110 ? 3.113   6.001   -3.525  1.00 19.61 ? 109 LEU A CA  1 
ATOM   803  C C   . LEU A 1 110 ? 1.915   5.639   -4.399  1.00 19.73 ? 109 LEU A C   1 
ATOM   804  O O   . LEU A 1 110 ? 1.921   5.915   -5.584  1.00 22.54 ? 109 LEU A O   1 
ATOM   805  C CB  . LEU A 1 110 ? 4.058   4.818   -3.393  1.00 20.35 ? 109 LEU A CB  1 
ATOM   806  C CG  . LEU A 1 110 ? 5.261   5.058   -2.489  1.00 18.66 ? 109 LEU A CG  1 
ATOM   807  C CD1 . LEU A 1 110 ? 5.927   3.739   -2.131  1.00 21.87 ? 109 LEU A CD1 1 
ATOM   808  C CD2 . LEU A 1 110 ? 6.277   5.942   -3.228  1.00 24.11 ? 109 LEU A CD2 1 
ATOM   809  N N   . ALA A 1 111 ? 0.872   5.063   -3.777  1.00 19.92 ? 110 ALA A N   1 
ATOM   810  C CA  . ALA A 1 111 ? -0.252  4.494   -4.506  1.00 19.93 ? 110 ALA A CA  1 
ATOM   811  C C   . ALA A 1 111 ? -1.099  5.599   -5.158  1.00 22.29 ? 110 ALA A C   1 
ATOM   812  O O   . ALA A 1 111 ? -1.838  5.304   -6.098  1.00 27.30 ? 110 ALA A O   1 
ATOM   813  C CB  . ALA A 1 111 ? -1.092  3.691   -3.508  1.00 21.84 ? 110 ALA A CB  1 
ATOM   814  N N   . VAL A 1 112 ? -1.010  6.858   -4.685  1.00 21.00 ? 111 VAL A N   1 
ATOM   815  C CA  . VAL A 1 112 ? -1.828  7.936   -5.260  1.00 24.64 ? 111 VAL A CA  1 
ATOM   816  C C   . VAL A 1 112 ? -0.958  8.873   -6.097  1.00 25.56 ? 111 VAL A C   1 
ATOM   817  O O   . VAL A 1 112 ? -1.448  9.929   -6.601  1.00 26.47 ? 111 VAL A O   1 
ATOM   818  C CB  . VAL A 1 112 ? -2.611  8.713   -4.184  1.00 25.01 ? 111 VAL A CB  1 
ATOM   819  C CG1 . VAL A 1 112 ? -3.533  7.750   -3.416  1.00 23.73 ? 111 VAL A CG1 1 
ATOM   820  C CG2 . VAL A 1 112 ? -1.730  9.471   -3.220  1.00 22.11 ? 111 VAL A CG2 1 
ATOM   821  N N   . SER A 1 113 ? 0.309   8.513   -6.241  1.00 24.61 ? 112 SER A N   1 
ATOM   822  C CA  . SER A 1 113 ? 1.275   9.307   -7.006  1.00 24.75 ? 112 SER A CA  1 
ATOM   823  C C   . SER A 1 113 ? 0.913   9.429   -8.489  1.00 24.81 ? 112 SER A C   1 
ATOM   824  O O   . SER A 1 113 ? 0.734   8.422   -9.194  1.00 26.99 ? 112 SER A O   1 
ATOM   825  C CB  . SER A 1 113 ? 2.686   8.767   -6.893  1.00 24.33 ? 112 SER A CB  1 
ATOM   826  O OG  . SER A 1 113 ? 3.557   9.672   -7.580  1.00 27.15 ? 112 SER A OG  1 
ATOM   827  N N   . GLU A 1 114 ? 0.962   10.692  -8.957  1.00 27.14 ? 113 GLU A N   1 
ATOM   828  C CA  . GLU A 1 114 ? 0.892   11.006  -10.374 1.00 35.44 ? 113 GLU A CA  1 
ATOM   829  C C   . GLU A 1 114 ? 2.028   10.352  -11.167 1.00 29.30 ? 113 GLU A C   1 
ATOM   830  O O   . GLU A 1 114 ? 1.893   10.167  -12.391 1.00 32.07 ? 113 GLU A O   1 
ATOM   831  C CB  . GLU A 1 114 ? 0.950   12.522  -10.581 1.00 36.46 ? 113 GLU A CB  1 
ATOM   832  C CG  . GLU A 1 114 ? -0.041  13.296  -9.740  1.00 53.54 ? 113 GLU A CG  1 
ATOM   833  C CD  . GLU A 1 114 ? 0.560   14.521  -9.059  1.00 63.18 ? 113 GLU A CD  1 
ATOM   834  O OE1 . GLU A 1 114 ? 1.734   14.893  -9.387  1.00 64.06 ? 113 GLU A OE1 1 
ATOM   835  O OE2 . GLU A 1 114 ? -0.137  15.093  -8.182  1.00 53.26 ? 113 GLU A OE2 1 
ATOM   836  N N   . LYS A 1 115 ? 3.131   9.943   -10.508 1.00 24.83 ? 114 LYS A N   1 
ATOM   837  C CA  . LYS A 1 115 ? 4.274   9.444   -11.282 1.00 25.35 ? 114 LYS A CA  1 
ATOM   838  C C   . LYS A 1 115 ? 4.182   7.945   -11.603 1.00 24.28 ? 114 LYS A C   1 
ATOM   839  O O   . LYS A 1 115 ? 5.058   7.377   -12.267 1.00 25.20 ? 114 LYS A O   1 
ATOM   840  C CB  . LYS A 1 115 ? 5.619   9.810   -10.644 1.00 26.06 ? 114 LYS A CB  1 
ATOM   841  C CG  . LYS A 1 115 ? 5.742   11.253  -10.170 1.00 28.31 ? 114 LYS A CG  1 
ATOM   842  C CD  . LYS A 1 115 ? 5.603   12.308  -11.223 1.00 37.94 ? 114 LYS A CD  1 
ATOM   843  C CE  . LYS A 1 115 ? 5.637   13.708  -10.638 1.00 46.06 ? 114 LYS A CE  1 
ATOM   844  N NZ  . LYS A 1 115 ? 6.236   14.668  -11.590 1.00 46.38 ? 114 LYS A NZ  1 
ATOM   845  N N   . LEU A 1 116 ? 3.134   7.254   -11.089 1.00 24.71 ? 115 LEU A N   1 
ATOM   846  C CA  . LEU A 1 116 ? 3.024   5.827   -11.386 1.00 25.49 ? 115 LEU A CA  1 
ATOM   847  C C   . LEU A 1 116 ? 2.741   5.679   -12.870 1.00 25.30 ? 115 LEU A C   1 
ATOM   848  O O   . LEU A 1 116 ? 1.953   6.433   -13.451 1.00 29.42 ? 115 LEU A O   1 
ATOM   849  C CB  . LEU A 1 116 ? 1.859   5.175   -10.616 1.00 26.42 ? 115 LEU A CB  1 
ATOM   850  C CG  . LEU A 1 116 ? 2.022   5.118   -9.098  1.00 26.12 ? 115 LEU A CG  1 
ATOM   851  C CD1 . LEU A 1 116 ? 0.816   4.398   -8.485  1.00 27.54 ? 115 LEU A CD1 1 
ATOM   852  C CD2 . LEU A 1 116 ? 3.306   4.404   -8.726  1.00 25.97 ? 115 LEU A CD2 1 
ATOM   853  N N   . THR A 1 117 ? 3.391   4.702   -13.470 1.00 24.17 ? 116 THR A N   1 
ATOM   854  C CA  . THR A 1 117 ? 3.185   4.397   -14.884 1.00 26.85 ? 116 THR A CA  1 
ATOM   855  C C   . THR A 1 117 ? 1.966   3.497   -15.061 1.00 28.65 ? 116 THR A C   1 
ATOM   856  O O   . THR A 1 117 ? 1.463   2.891   -14.115 1.00 27.51 ? 116 THR A O   1 
ATOM   857  C CB  . THR A 1 117 ? 4.389   3.667   -15.464 1.00 25.60 ? 116 THR A CB  1 
ATOM   858  O OG1 . THR A 1 117 ? 4.561   2.441   -14.737 1.00 26.70 ? 116 THR A OG1 1 
ATOM   859  C CG2 . THR A 1 117 ? 5.681   4.463   -15.409 1.00 24.76 ? 116 THR A CG2 1 
ATOM   860  N N   . LYS A 1 118 ? 1.520   3.377   -16.305 1.00 32.29 ? 117 LYS A N   1 
ATOM   861  C CA  . LYS A 1 118 ? 0.404   2.494   -16.600 1.00 32.30 ? 117 LYS A CA  1 
ATOM   862  C C   . LYS A 1 118 ? 0.829   1.061   -16.307 1.00 30.09 ? 117 LYS A C   1 
ATOM   863  O O   . LYS A 1 118 ? 0.019   0.303   -15.755 1.00 29.11 ? 117 LYS A O   1 
ATOM   864  C CB  . LYS A 1 118 ? 0.037   2.553   -18.092 1.00 36.03 ? 117 LYS A CB  1 
ATOM   865  C CG  . LYS A 1 118 ? 0.080   3.917   -18.782 1.00 50.95 ? 117 LYS A CG  1 
ATOM   866  C CD  . LYS A 1 118 ? -0.802  5.039   -18.215 1.00 53.38 ? 117 LYS A CD  1 
ATOM   867  C CE  . LYS A 1 118 ? -1.370  5.975   -19.269 1.00 56.05 ? 117 LYS A CE  1 
ATOM   868  N NZ  . LYS A 1 118 ? -2.764  5.613   -19.632 1.00 53.75 ? 117 LYS A NZ  1 
ATOM   869  N N   . GLU A 1 119 ? 2.086   0.710   -16.692 1.00 28.94 ? 118 GLU A N   1 
ATOM   870  C CA  . GLU A 1 119 ? 2.625   -0.626  -16.473 1.00 24.23 ? 118 GLU A CA  1 
ATOM   871  C C   . GLU A 1 119 ? 2.596   -0.963  -14.978 1.00 25.64 ? 118 GLU A C   1 
ATOM   872  O O   . GLU A 1 119 ? 2.267   -2.089  -14.603 1.00 27.48 ? 118 GLU A O   1 
ATOM   873  C CB  . GLU A 1 119 ? 4.056   -0.775  -17.031 1.00 31.17 ? 118 GLU A CB  1 
ATOM   874  C CG  . GLU A 1 119 ? 4.206   -0.217  -18.449 1.00 43.45 ? 118 GLU A CG  1 
ATOM   875  C CD  . GLU A 1 119 ? 4.613   1.256   -18.558 1.00 48.01 ? 118 GLU A CD  1 
ATOM   876  O OE1 . GLU A 1 119 ? 5.837   1.523   -18.713 1.00 59.16 ? 118 GLU A OE1 1 
ATOM   877  O OE2 . GLU A 1 119 ? 3.728   2.143   -18.485 1.00 34.97 ? 118 GLU A OE2 1 
ATOM   878  N N   . THR A 1 120 ? 3.022   -0.015  -14.142 1.00 26.02 ? 119 THR A N   1 
ATOM   879  C CA  . THR A 1 120 ? 3.072   -0.317  -12.723 1.00 24.70 ? 119 THR A CA  1 
ATOM   880  C C   . THR A 1 120 ? 1.660   -0.588  -12.206 1.00 24.89 ? 119 THR A C   1 
ATOM   881  O O   . THR A 1 120 ? 1.468   -1.534  -11.443 1.00 25.74 ? 119 THR A O   1 
ATOM   882  C CB  . THR A 1 120 ? 3.693   0.813   -11.889 1.00 23.76 ? 119 THR A CB  1 
ATOM   883  O OG1 . THR A 1 120 ? 5.075   0.897   -12.233 1.00 24.78 ? 119 THR A OG1 1 
ATOM   884  C CG2 . THR A 1 120 ? 3.452   0.696   -10.390 1.00 23.45 ? 119 THR A CG2 1 
ATOM   885  N N   . LYS A 1 121 ? 0.727   0.278   -12.609 1.00 25.05 ? 120 LYS A N   1 
ATOM   886  C CA  . LYS A 1 121 ? -0.661  0.208   -12.141 1.00 25.32 ? 120 LYS A CA  1 
ATOM   887  C C   . LYS A 1 121 ? -1.257  -1.133  -12.565 1.00 27.01 ? 120 LYS A C   1 
ATOM   888  O O   . LYS A 1 121 ? -1.938  -1.830  -11.797 1.00 27.24 ? 120 LYS A O   1 
ATOM   889  C CB  . LYS A 1 121 ? -1.464  1.392   -12.655 1.00 24.25 ? 120 LYS A CB  1 
ATOM   890  C CG  . LYS A 1 121 ? -1.153  2.739   -12.027 1.00 27.74 ? 120 LYS A CG  1 
ATOM   891  C CD  . LYS A 1 121 ? -1.967  3.825   -12.674 1.00 26.13 ? 120 LYS A CD  1 
ATOM   892  C CE  . LYS A 1 121 ? -1.607  5.254   -12.332 1.00 33.87 ? 120 LYS A CE  1 
ATOM   893  N NZ  . LYS A 1 121 ? -2.594  6.195   -12.918 1.00 37.79 ? 120 LYS A NZ  1 
ATOM   894  N N   . GLN A 1 122 ? -0.924  -1.545  -13.788 1.00 27.55 ? 121 GLN A N   1 
ATOM   895  C CA  . GLN A 1 122 ? -1.425  -2.804  -14.307 1.00 29.02 ? 121 GLN A CA  1 
ATOM   896  C C   . GLN A 1 122 ? -0.825  -3.959  -13.510 1.00 27.50 ? 121 GLN A C   1 
ATOM   897  O O   . GLN A 1 122 ? -1.533  -4.895  -13.187 1.00 29.16 ? 121 GLN A O   1 
ATOM   898  C CB  . GLN A 1 122 ? -1.185  -2.915  -15.816 1.00 30.18 ? 121 GLN A CB  1 
ATOM   899  C CG  . GLN A 1 122 ? -1.619  -4.257  -16.393 1.00 40.40 ? 121 GLN A CG  1 
ATOM   900  C CD  . GLN A 1 122 ? -3.091  -4.292  -16.744 1.00 52.15 ? 121 GLN A CD  1 
ATOM   901  O OE1 . GLN A 1 122 ? -3.484  -4.007  -17.876 1.00 67.48 ? 121 GLN A OE1 1 
ATOM   902  N NE2 . GLN A 1 122 ? -3.932  -4.639  -15.776 1.00 45.51 ? 121 GLN A NE2 1 
ATOM   903  N N   . ARG A 1 123 ? 0.477   -3.896  -13.177 1.00 24.35 ? 122 ARG A N   1 
ATOM   904  C CA  . ARG A 1 123 ? 1.120   -4.955  -12.395 1.00 24.60 ? 122 ARG A CA  1 
ATOM   905  C C   . ARG A 1 123 ? 0.479   -5.075  -11.011 1.00 24.26 ? 122 ARG A C   1 
ATOM   906  O O   . ARG A 1 123 ? 0.375   -6.184  -10.468 1.00 25.18 ? 122 ARG A O   1 
ATOM   907  C CB  . ARG A 1 123 ? 2.624   -4.753  -12.259 1.00 25.21 ? 122 ARG A CB  1 
ATOM   908  C CG  . ARG A 1 123 ? 3.347   -4.802  -13.598 1.00 30.51 ? 122 ARG A CG  1 
ATOM   909  C CD  . ARG A 1 123 ? 4.762   -4.248  -13.549 1.00 41.18 ? 122 ARG A CD  1 
ATOM   910  N NE  . ARG A 1 123 ? 5.640   -5.162  -12.825 1.00 52.57 ? 122 ARG A NE  1 
ATOM   911  C CZ  . ARG A 1 123 ? 6.967   -5.041  -12.749 1.00 50.77 ? 122 ARG A CZ  1 
ATOM   912  N NH1 . ARG A 1 123 ? 7.585   -4.048  -13.364 1.00 49.25 ? 122 ARG A NH1 1 
ATOM   913  N NH2 . ARG A 1 123 ? 7.668   -5.915  -12.049 1.00 56.27 ? 122 ARG A NH2 1 
ATOM   914  N N   . ILE A 1 124 ? 0.205   -3.928  -10.401 1.00 24.62 ? 123 ILE A N   1 
ATOM   915  C CA  . ILE A 1 124 ? -0.438  -3.934  -9.091  1.00 25.40 ? 123 ILE A CA  1 
ATOM   916  C C   . ILE A 1 124 ? -1.830  -4.576  -9.226  1.00 21.38 ? 123 ILE A C   1 
ATOM   917  O O   . ILE A 1 124 ? -2.191  -5.438  -8.427  1.00 23.37 ? 123 ILE A O   1 
ATOM   918  C CB  . ILE A 1 124 ? -0.546  -2.491  -8.566  1.00 26.57 ? 123 ILE A CB  1 
ATOM   919  C CG1 . ILE A 1 124 ? 0.842   -1.880  -8.288  1.00 29.35 ? 123 ILE A CG1 1 
ATOM   920  C CG2 . ILE A 1 124 ? -1.458  -2.480  -7.354  1.00 25.95 ? 123 ILE A CG2 1 
ATOM   921  C CD1 . ILE A 1 124 ? 1.498   -2.339  -6.986  1.00 28.79 ? 123 ILE A CD1 1 
ATOM   922  N N   . GLU A 1 125 ? -2.650  -4.128  -10.201 1.00 28.52 ? 124 GLU A N   1 
ATOM   923  C CA  . GLU A 1 125 ? -3.983  -4.689  -10.425 1.00 27.89 ? 124 GLU A CA  1 
ATOM   924  C C   . GLU A 1 125 ? -3.949  -6.226  -10.552 1.00 27.89 ? 124 GLU A C   1 
ATOM   925  O O   . GLU A 1 125 ? -4.831  -6.903  -10.027 1.00 26.39 ? 124 GLU A O   1 
ATOM   926  C CB  . GLU A 1 125 ? -4.490  -4.071  -11.721 1.00 31.27 ? 124 GLU A CB  1 
ATOM   927  C CG  . GLU A 1 125 ? -5.984  -3.796  -11.872 1.00 38.44 ? 124 GLU A CG  1 
ATOM   928  C CD  . GLU A 1 125 ? -6.932  -3.476  -10.720 1.00 39.71 ? 124 GLU A CD  1 
ATOM   929  O OE1 . GLU A 1 125 ? -8.102  -3.901  -10.851 1.00 33.17 ? 124 GLU A OE1 1 
ATOM   930  O OE2 . GLU A 1 125 ? -6.554  -2.805  -9.734  1.00 32.40 ? 124 GLU A OE2 1 
ATOM   931  N N   . ASP A 1 126 ? -2.979  -6.775  -11.313 1.00 25.35 ? 125 ASP A N   1 
ATOM   932  C CA  . ASP A 1 126 ? -2.919  -8.193  -11.663 1.00 27.23 ? 125 ASP A CA  1 
ATOM   933  C C   . ASP A 1 126 ? -2.106  -9.090  -10.725 1.00 28.07 ? 125 ASP A C   1 
ATOM   934  O O   . ASP A 1 126 ? -2.080  -10.333 -10.867 1.00 27.24 ? 125 ASP A O   1 
ATOM   935  C CB  . ASP A 1 126 ? -2.313  -8.301  -13.057 1.00 26.36 ? 125 ASP A CB  1 
ATOM   936  C CG  . ASP A 1 126 ? -3.224  -7.717  -14.109 1.00 29.78 ? 125 ASP A CG  1 
ATOM   937  O OD1 . ASP A 1 126 ? -4.440  -7.613  -13.866 1.00 30.62 ? 125 ASP A OD1 1 
ATOM   938  O OD2 . ASP A 1 126 ? -2.697  -7.448  -15.202 1.00 32.80 ? 125 ASP A OD2 1 
ATOM   939  N N   . MET A 1 127 ? -1.466  -8.486  -9.733  1.00 25.51 ? 126 MET A N   1 
ATOM   940  C CA  . MET A 1 127 ? -0.645  -9.269  -8.834  1.00 24.05 ? 126 MET A CA  1 
ATOM   941  C C   . MET A 1 127 ? -1.442  -10.364 -8.114  1.00 24.04 ? 126 MET A C   1 
ATOM   942  O O   . MET A 1 127 ? -0.908  -11.428 -7.774  1.00 27.77 ? 126 MET A O   1 
ATOM   943  C CB  . MET A 1 127 ? 0.008   -8.337  -7.810  1.00 22.49 ? 126 MET A CB  1 
ATOM   944  C CG  . MET A 1 127 ? 1.035   -9.121  -7.060  1.00 24.71 ? 126 MET A CG  1 
ATOM   945  S SD  . MET A 1 127 ? 2.048   -8.144  -5.963  1.00 33.75 ? 126 MET A SD  1 
ATOM   946  C CE  . MET A 1 127 ? 2.581   -6.878  -7.111  1.00 35.34 ? 126 MET A CE  1 
ATOM   947  N N   . PHE A 1 128 ? -2.673  -10.043 -7.689  1.00 22.96 ? 127 PHE A N   1 
ATOM   948  C CA  . PHE A 1 128 ? -3.534  -11.017 -7.019  1.00 23.16 ? 127 PHE A CA  1 
ATOM   949  C C   . PHE A 1 128 ? -4.851  -11.160 -7.795  1.00 25.63 ? 127 PHE A C   1 
ATOM   950  O O   . PHE A 1 128 ? -5.822  -10.444 -7.493  1.00 25.22 ? 127 PHE A O   1 
ATOM   951  C CB  . PHE A 1 128 ? -3.726  -10.591 -5.550  1.00 25.99 ? 127 PHE A CB  1 
ATOM   952  C CG  . PHE A 1 128 ? -4.444  -11.569 -4.647  1.00 25.20 ? 127 PHE A CG  1 
ATOM   953  C CD1 . PHE A 1 128 ? -4.839  -12.836 -5.111  1.00 23.17 ? 127 PHE A CD1 1 
ATOM   954  C CD2 . PHE A 1 128 ? -4.681  -11.255 -3.317  1.00 28.24 ? 127 PHE A CD2 1 
ATOM   955  C CE1 . PHE A 1 128 ? -5.468  -13.751 -4.268  1.00 26.30 ? 127 PHE A CE1 1 
ATOM   956  C CE2 . PHE A 1 128 ? -5.309  -12.176 -2.482  1.00 28.09 ? 127 PHE A CE2 1 
ATOM   957  C CZ  . PHE A 1 128 ? -5.683  -13.425 -2.961  1.00 28.64 ? 127 PHE A CZ  1 
ATOM   958  N N   . PRO A 1 129 ? -4.905  -11.989 -8.876  1.00 26.17 ? 128 PRO A N   1 
ATOM   959  C CA  . PRO A 1 129 ? -6.072  -12.027 -9.763  1.00 27.49 ? 128 PRO A CA  1 
ATOM   960  C C   . PRO A 1 129 ? -7.401  -12.278 -9.053  1.00 22.70 ? 128 PRO A C   1 
ATOM   961  O O   . PRO A 1 129 ? -8.372  -11.640 -9.428  1.00 24.99 ? 128 PRO A O   1 
ATOM   962  C CB  . PRO A 1 129 ? -5.687  -13.128 -10.778 1.00 30.84 ? 128 PRO A CB  1 
ATOM   963  C CG  . PRO A 1 129 ? -4.183  -13.007 -10.866 1.00 29.30 ? 128 PRO A CG  1 
ATOM   964  C CD  . PRO A 1 129 ? -3.781  -12.779 -9.424  1.00 28.85 ? 128 PRO A CD  1 
ATOM   965  N N   . GLU A 1 130 ? -7.428  -13.146 -8.033  1.00 27.36 ? 129 GLU A N   1 
ATOM   966  C CA  . GLU A 1 130 ? -8.667  -13.512 -7.367  1.00 27.12 ? 129 GLU A CA  1 
ATOM   967  C C   . GLU A 1 130 ? -9.263  -12.284 -6.684  1.00 27.90 ? 129 GLU A C   1 
ATOM   968  O O   . GLU A 1 130 ? -10.463 -11.954 -6.810  1.00 27.13 ? 129 GLU A O   1 
ATOM   969  C CB  . GLU A 1 130 ? -8.416  -14.676 -6.408  1.00 26.64 ? 129 GLU A CB  1 
ATOM   970  C CG  . GLU A 1 130 ? -8.071  -15.963 -7.165  1.00 31.79 ? 129 GLU A CG  1 
ATOM   971  C CD  . GLU A 1 130 ? -6.613  -16.231 -7.509  1.00 37.30 ? 129 GLU A CD  1 
ATOM   972  O OE1 . GLU A 1 130 ? -5.777  -15.311 -7.506  1.00 34.78 ? 129 GLU A OE1 1 
ATOM   973  O OE2 . GLU A 1 130 ? -6.321  -17.412 -7.777  1.00 41.23 ? 129 GLU A OE2 1 
ATOM   974  N N   . LEU A 1 131 ? -8.379  -11.513 -6.049  1.00 24.28 ? 130 LEU A N   1 
ATOM   975  C CA  . LEU A 1 131 ? -8.824  -10.279 -5.401  1.00 22.96 ? 130 LEU A CA  1 
ATOM   976  C C   . LEU A 1 131 ? -9.237  -9.231  -6.442  1.00 24.49 ? 130 LEU A C   1 
ATOM   977  O O   . LEU A 1 131 ? -10.228 -8.555  -6.245  1.00 25.45 ? 130 LEU A O   1 
ATOM   978  C CB  . LEU A 1 131 ? -7.704  -9.757  -4.498  1.00 23.19 ? 130 LEU A CB  1 
ATOM   979  C CG  . LEU A 1 131 ? -8.057  -8.431  -3.833  1.00 24.02 ? 130 LEU A CG  1 
ATOM   980  C CD1 . LEU A 1 131 ? -9.240  -8.632  -2.872  1.00 25.66 ? 130 LEU A CD1 1 
ATOM   981  C CD2 . LEU A 1 131 ? -6.796  -7.825  -3.192  1.00 28.81 ? 130 LEU A CD2 1 
ATOM   982  N N   . ARG A 1 132 ? -8.481  -9.117  -7.541  1.00 25.78 ? 131 ARG A N   1 
ATOM   983  C CA  . ARG A 1 132 ? -8.800  -8.129  -8.585  1.00 23.60 ? 131 ARG A CA  1 
ATOM   984  C C   . ARG A 1 132 ? -10.223 -8.414  -9.064  1.00 24.42 ? 131 ARG A C   1 
ATOM   985  O O   . ARG A 1 132 ? -11.070 -7.521  -9.127  1.00 24.48 ? 131 ARG A O   1 
ATOM   986  C CB  . ARG A 1 132 ? -7.781  -8.289  -9.714  1.00 28.35 ? 131 ARG A CB  1 
ATOM   987  C CG  . ARG A 1 132 ? -8.170  -7.461  -10.914 1.00 27.02 ? 131 ARG A CG  1 
ATOM   988  C CD  . ARG A 1 132 ? -7.471  -7.926  -12.179 1.00 29.29 ? 131 ARG A CD  1 
ATOM   989  N NE  . ARG A 1 132 ? -8.017  -9.223  -12.541 1.00 27.14 ? 131 ARG A NE  1 
ATOM   990  C CZ  . ARG A 1 132 ? -7.284  -10.189 -13.093 1.00 32.81 ? 131 ARG A CZ  1 
ATOM   991  N NH1 . ARG A 1 132 ? -6.010  -9.965  -13.381 1.00 30.07 ? 131 ARG A NH1 1 
ATOM   992  N NH2 . ARG A 1 132 ? -7.832  -11.363 -13.361 1.00 30.91 ? 131 ARG A NH2 1 
ATOM   993  N N   . ASP A 1 133 ? -10.485 -9.701  -9.350  1.00 26.43 ? 132 ASP A N   1 
ATOM   994  C CA  . ASP A 1 133 ? -11.796 -10.067 -9.874  1.00 25.75 ? 132 ASP A CA  1 
ATOM   995  C C   . ASP A 1 133 ? -12.909 -9.710  -8.882  1.00 26.49 ? 132 ASP A C   1 
ATOM   996  O O   . ASP A 1 133 ? -13.966 -9.178  -9.287  1.00 25.48 ? 132 ASP A O   1 
ATOM   997  C CB  . ASP A 1 133 ? -11.848 -11.561 -10.231 1.00 26.29 ? 132 ASP A CB  1 
ATOM   998  C CG  . ASP A 1 133 ? -10.950 -11.945 -11.410 1.00 30.08 ? 132 ASP A CG  1 
ATOM   999  O OD1 . ASP A 1 133 ? -10.473 -11.057 -12.125 1.00 34.23 ? 132 ASP A OD1 1 
ATOM   1000 O OD2 . ASP A 1 133 ? -10.747 -13.160 -11.584 1.00 35.80 ? 132 ASP A OD2 1 
ATOM   1001 N N   . ILE A 1 134 ? -12.711 -10.052 -7.592  1.00 25.56 ? 133 ILE A N   1 
ATOM   1002 C CA  . ILE A 1 134 ? -13.673 -9.729  -6.540  1.00 23.45 ? 133 ILE A CA  1 
ATOM   1003 C C   . ILE A 1 134 ? -13.901 -8.217  -6.467  1.00 24.64 ? 133 ILE A C   1 
ATOM   1004 O O   . ILE A 1 134 ? -15.022 -7.766  -6.402  1.00 23.75 ? 133 ILE A O   1 
ATOM   1005 C CB  . ILE A 1 134 ? -13.215 -10.330 -5.207  1.00 24.30 ? 133 ILE A CB  1 
ATOM   1006 C CG1 . ILE A 1 134 ? -13.676 -11.787 -5.144  1.00 23.63 ? 133 ILE A CG1 1 
ATOM   1007 C CG2 . ILE A 1 134 ? -13.761 -9.582  -4.009  1.00 21.01 ? 133 ILE A CG2 1 
ATOM   1008 C CD1 . ILE A 1 134 ? -13.108 -12.490 -3.929  1.00 33.17 ? 133 ILE A CD1 1 
ATOM   1009 N N   . LEU A 1 135 ? -12.824 -7.440  -6.487  1.00 23.06 ? 134 LEU A N   1 
ATOM   1010 C CA  . LEU A 1 135 ? -12.939 -5.992  -6.405  1.00 22.12 ? 134 LEU A CA  1 
ATOM   1011 C C   . LEU A 1 135 ? -13.688 -5.465  -7.625  1.00 23.22 ? 134 LEU A C   1 
ATOM   1012 O O   . LEU A 1 135 ? -14.452 -4.519  -7.523  1.00 26.03 ? 134 LEU A O   1 
ATOM   1013 C CB  . LEU A 1 135 ? -11.560 -5.335  -6.249  1.00 23.82 ? 134 LEU A CB  1 
ATOM   1014 C CG  . LEU A 1 135 ? -10.928 -5.545  -4.867  1.00 22.76 ? 134 LEU A CG  1 
ATOM   1015 C CD1 . LEU A 1 135 ? -9.521  -4.994  -4.812  1.00 27.34 ? 134 LEU A CD1 1 
ATOM   1016 C CD2 . LEU A 1 135 ? -11.822 -4.993  -3.744  1.00 26.08 ? 134 LEU A CD2 1 
ATOM   1017 N N   . HIS A 1 136 ? -13.457 -6.057  -8.800  1.00 23.29 ? 135 HIS A N   1 
ATOM   1018 C CA  . HIS A 1 136 ? -14.129 -5.519  -9.980  1.00 27.61 ? 135 HIS A CA  1 
ATOM   1019 C C   . HIS A 1 136 ? -15.648 -5.649  -9.864  1.00 29.07 ? 135 HIS A C   1 
ATOM   1020 O O   . HIS A 1 136 ? -16.395 -4.827  -10.398 1.00 31.20 ? 135 HIS A O   1 
ATOM   1021 C CB  . HIS A 1 136 ? -13.606 -6.194  -11.231 1.00 27.50 ? 135 HIS A CB  1 
ATOM   1022 C CG  . HIS A 1 136 ? -12.268 -5.707  -11.647 1.00 28.48 ? 135 HIS A CG  1 
ATOM   1023 N ND1 . HIS A 1 136 ? -11.831 -5.833  -12.947 1.00 39.52 ? 135 HIS A ND1 1 
ATOM   1024 C CD2 . HIS A 1 136 ? -11.250 -5.162  -10.954 1.00 25.21 ? 135 HIS A CD2 1 
ATOM   1025 C CE1 . HIS A 1 136 ? -10.614 -5.344  -13.039 1.00 42.33 ? 135 HIS A CE1 1 
ATOM   1026 N NE2 . HIS A 1 136 ? -10.240 -4.932  -11.848 1.00 35.54 ? 135 HIS A NE2 1 
ATOM   1027 N N   . ARG A 1 137 ? -16.108 -6.694  -9.179  1.00 27.84 ? 136 ARG A N   1 
ATOM   1028 C CA  . ARG A 1 137 ? -17.535 -6.903  -8.973  1.00 30.31 ? 136 ARG A CA  1 
ATOM   1029 C C   . ARG A 1 137 ? -18.058 -6.073  -7.796  1.00 27.81 ? 136 ARG A C   1 
ATOM   1030 O O   . ARG A 1 137 ? -19.266 -6.017  -7.597  1.00 32.82 ? 136 ARG A O   1 
ATOM   1031 C CB  . ARG A 1 137 ? -17.766 -8.312  -8.415  1.00 33.33 ? 136 ARG A CB  1 
ATOM   1032 C CG  . ARG A 1 137 ? -17.480 -9.439  -9.382  1.00 39.63 ? 136 ARG A CG  1 
ATOM   1033 C CD  . ARG A 1 137 ? -18.127 -10.706 -8.880  1.00 34.92 ? 136 ARG A CD  1 
ATOM   1034 N NE  . ARG A 1 137 ? -17.999 -11.286 -7.552  1.00 32.60 ? 136 ARG A NE  1 
ATOM   1035 C CZ  . ARG A 1 137 ? -17.157 -12.275 -7.278  1.00 28.50 ? 136 ARG A CZ  1 
ATOM   1036 N NH1 . ARG A 1 137 ? -17.134 -12.826 -6.077  1.00 38.25 ? 136 ARG A NH1 1 
ATOM   1037 N NH2 . ARG A 1 137 ? -16.352 -12.710 -8.237  1.00 33.91 ? 136 ARG A NH2 1 
ATOM   1038 N N   . SER A 1 138 ? -17.166 -5.522  -6.939  1.00 25.25 ? 137 SER A N   1 
ATOM   1039 C CA  . SER A 1 138 ? -17.632 -4.970  -5.667  1.00 23.72 ? 137 SER A CA  1 
ATOM   1040 C C   . SER A 1 138 ? -17.452 -3.453  -5.565  1.00 20.93 ? 137 SER A C   1 
ATOM   1041 O O   . SER A 1 138 ? -18.272 -2.759  -4.914  1.00 22.99 ? 137 SER A O   1 
ATOM   1042 C CB  . SER A 1 138 ? -16.917 -5.588  -4.497  1.00 26.85 ? 137 SER A CB  1 
ATOM   1043 O OG  . SER A 1 138 ? -17.010 -6.995  -4.547  1.00 27.79 ? 137 SER A OG  1 
ATOM   1044 N N   . VAL A 1 139 ? -16.360 -2.967  -6.136  1.00 22.54 ? 138 VAL A N   1 
ATOM   1045 C CA  . VAL A 1 139 ? -15.989 -1.553  -5.999  1.00 20.88 ? 138 VAL A CA  1 
ATOM   1046 C C   . VAL A 1 139 ? -16.970 -0.705  -6.816  1.00 21.67 ? 138 VAL A C   1 
ATOM   1047 O O   . VAL A 1 139 ? -17.310 -1.089  -7.948  1.00 28.90 ? 138 VAL A O   1 
ATOM   1048 C CB  . VAL A 1 139 ? -14.523 -1.364  -6.452  1.00 19.72 ? 138 VAL A CB  1 
ATOM   1049 C CG1 . VAL A 1 139 ? -14.146 0.113   -6.428  1.00 21.66 ? 138 VAL A CG1 1 
ATOM   1050 C CG2 . VAL A 1 139 ? -13.545 -2.104  -5.515  1.00 26.44 ? 138 VAL A CG2 1 
ATOM   1051 N N   . LEU A 1 140 ? -17.401 0.440   -6.251  1.00 21.84 ? 139 LEU A N   1 
ATOM   1052 C CA  . LEU A 1 140 ? -18.188 1.440   -6.980  1.00 22.81 ? 139 LEU A CA  1 
ATOM   1053 C C   . LEU A 1 140 ? -17.509 1.767   -8.307  1.00 24.45 ? 139 LEU A C   1 
ATOM   1054 O O   . LEU A 1 140 ? -16.279 1.878   -8.372  1.00 22.29 ? 139 LEU A O   1 
ATOM   1055 C CB  . LEU A 1 140 ? -18.369 2.689   -6.123  1.00 24.07 ? 139 LEU A CB  1 
ATOM   1056 C CG  . LEU A 1 140 ? -19.398 2.589   -5.010  1.00 24.86 ? 139 LEU A CG  1 
ATOM   1057 C CD1 . LEU A 1 140 ? -19.225 3.765   -4.044  1.00 25.39 ? 139 LEU A CD1 1 
ATOM   1058 C CD2 . LEU A 1 140 ? -20.805 2.605   -5.611  1.00 29.87 ? 139 LEU A CD2 1 
ATOM   1059 N N   . MET A 1 141 ? -18.299 1.895   -9.392  1.00 23.86 ? 140 MET A N   1 
ATOM   1060 C CA  . MET A 1 141 ? -17.659 1.961   -10.695 1.00 27.12 ? 140 MET A CA  1 
ATOM   1061 C C   . MET A 1 141 ? -16.787 3.220   -10.770 1.00 24.76 ? 140 MET A C   1 
ATOM   1062 O O   . MET A 1 141 ? -15.734 3.198   -11.437 1.00 23.30 ? 140 MET A O   1 
ATOM   1063 C CB  . MET A 1 141 ? -18.745 2.022   -11.781 1.00 32.76 ? 140 MET A CB  1 
ATOM   1064 C CG  . MET A 1 141 ? -18.229 1.705   -13.141 1.00 40.62 ? 140 MET A CG  1 
ATOM   1065 S SD  . MET A 1 141 ? -17.951 -0.113  -13.237 1.00 55.24 ? 140 MET A SD  1 
ATOM   1066 C CE  . MET A 1 141 ? -19.629 -0.653  -13.580 1.00 54.43 ? 140 MET A CE  1 
ATOM   1067 N N   . VAL A 1 142 ? -17.235 4.294   -10.093 1.00 23.70 ? 141 VAL A N   1 
ATOM   1068 C CA  . VAL A 1 142 ? -16.461 5.534   -10.162 1.00 23.58 ? 141 VAL A CA  1 
ATOM   1069 C C   . VAL A 1 142 ? -15.023 5.266   -9.702  1.00 24.78 ? 141 VAL A C   1 
ATOM   1070 O O   . VAL A 1 142 ? -14.073 5.850   -10.249 1.00 21.80 ? 141 VAL A O   1 
ATOM   1071 C CB  . VAL A 1 142 ? -17.094 6.748   -9.435  1.00 21.60 ? 141 VAL A CB  1 
ATOM   1072 C CG1 . VAL A 1 142 ? -17.288 6.582   -7.933  1.00 24.08 ? 141 VAL A CG1 1 
ATOM   1073 C CG2 . VAL A 1 142 ? -16.402 8.063   -9.808  1.00 24.60 ? 141 VAL A CG2 1 
ATOM   1074 N N   . PHE A 1 143 ? -14.849 4.388   -8.686  1.00 22.14 ? 142 PHE A N   1 
ATOM   1075 C CA  . PHE A 1 143 ? -13.507 4.204   -8.143  1.00 21.39 ? 142 PHE A CA  1 
ATOM   1076 C C   . PHE A 1 143 ? -12.711 3.164   -8.917  1.00 23.31 ? 142 PHE A C   1 
ATOM   1077 O O   . PHE A 1 143 ? -11.561 2.888   -8.588  1.00 21.67 ? 142 PHE A O   1 
ATOM   1078 C CB  . PHE A 1 143 ? -13.553 3.852   -6.646  1.00 19.05 ? 142 PHE A CB  1 
ATOM   1079 C CG  . PHE A 1 143 ? -14.095 4.962   -5.788  1.00 19.26 ? 142 PHE A CG  1 
ATOM   1080 C CD1 . PHE A 1 143 ? -13.588 6.231   -5.901  1.00 21.28 ? 142 PHE A CD1 1 
ATOM   1081 C CD2 . PHE A 1 143 ? -15.141 4.728   -4.886  1.00 18.51 ? 142 PHE A CD2 1 
ATOM   1082 C CE1 . PHE A 1 143 ? -14.102 7.291   -5.159  1.00 19.82 ? 142 PHE A CE1 1 
ATOM   1083 C CE2 . PHE A 1 143 ? -15.629 5.764   -4.098  1.00 23.39 ? 142 PHE A CE2 1 
ATOM   1084 C CZ  . PHE A 1 143 ? -15.105 7.029   -4.224  1.00 22.01 ? 142 PHE A CZ  1 
ATOM   1085 N N   . MET A 1 144 ? -13.267 2.728   -10.053 1.00 23.91 ? 143 MET A N   1 
ATOM   1086 C CA  . MET A 1 144 ? -12.425 1.968   -10.957 1.00 25.15 ? 143 MET A CA  1 
ATOM   1087 C C   . MET A 1 144 ? -12.167 2.699   -12.275 1.00 22.05 ? 143 MET A C   1 
ATOM   1088 O O   . MET A 1 144 ? -11.437 2.185   -13.162 1.00 24.50 ? 143 MET A O   1 
ATOM   1089 C CB  . MET A 1 144 ? -12.923 0.548   -11.145 1.00 28.91 ? 143 MET A CB  1 
ATOM   1090 C CG  . MET A 1 144 ? -12.577 -0.265  -9.884  1.00 33.32 ? 143 MET A CG  1 
ATOM   1091 S SD  . MET A 1 144 ? -13.180 -1.841  -10.098 1.00 44.16 ? 143 MET A SD  1 
ATOM   1092 C CE  . MET A 1 144 ? -14.913 -1.517  -10.415 1.00 36.26 ? 143 MET A CE  1 
ATOM   1093 N N   . SER A 1 145 ? -12.591 3.981   -12.312 1.00 21.89 ? 144 SER A N   1 
ATOM   1094 C CA  . SER A 1 145 ? -12.347 4.822   -13.482 1.00 22.15 ? 144 SER A CA  1 
ATOM   1095 C C   . SER A 1 145 ? -10.894 5.266   -13.504 1.00 22.92 ? 144 SER A C   1 
ATOM   1096 O O   . SER A 1 145 ? -10.215 5.332   -12.480 1.00 23.25 ? 144 SER A O   1 
ATOM   1097 C CB  . SER A 1 145 ? -13.251 6.069   -13.531 1.00 22.44 ? 144 SER A CB  1 
ATOM   1098 O OG  . SER A 1 145 ? -12.951 6.959   -12.446 1.00 21.85 ? 144 SER A OG  1 
ATOM   1099 N N   . ASP A 1 146 ? -10.370 5.603   -14.692 1.00 24.06 ? 145 ASP A N   1 
ATOM   1100 C CA  . ASP A 1 146 ? -8.976  6.018   -14.735 1.00 22.64 ? 145 ASP A CA  1 
ATOM   1101 C C   . ASP A 1 146 ? -8.775  7.243   -13.852 1.00 22.15 ? 145 ASP A C   1 
ATOM   1102 O O   . ASP A 1 146 ? -7.724  7.436   -13.236 1.00 24.20 ? 145 ASP A O   1 
ATOM   1103 C CB  . ASP A 1 146 ? -8.514  6.333   -16.170 1.00 30.56 ? 145 ASP A CB  1 
ATOM   1104 C CG  . ASP A 1 146 ? -8.281  5.105   -17.049 1.00 39.75 ? 145 ASP A CG  1 
ATOM   1105 O OD1 . ASP A 1 146 ? -8.342  3.947   -16.524 1.00 36.36 ? 145 ASP A OD1 1 
ATOM   1106 O OD2 . ASP A 1 146 ? -8.026  5.309   -18.277 1.00 40.17 ? 145 ASP A OD2 1 
ATOM   1107 N N   . GLU A 1 147 ? -9.776  8.147   -13.863 1.00 20.90 ? 146 GLU A N   1 
ATOM   1108 C CA  . GLU A 1 147 ? -9.626  9.428   -13.207 1.00 19.02 ? 146 GLU A CA  1 
ATOM   1109 C C   . GLU A 1 147 ? -9.647  9.323   -11.687 1.00 18.22 ? 146 GLU A C   1 
ATOM   1110 O O   . GLU A 1 147 ? -8.875  10.039  -11.044 1.00 21.62 ? 146 GLU A O   1 
ATOM   1111 C CB  . GLU A 1 147 ? -10.617 10.528  -13.636 1.00 19.78 ? 146 GLU A CB  1 
ATOM   1112 C CG  . GLU A 1 147 ? -10.422 10.953  -15.097 1.00 21.87 ? 146 GLU A CG  1 
ATOM   1113 C CD  . GLU A 1 147 ? -11.061 10.036  -16.145 1.00 24.84 ? 146 GLU A CD  1 
ATOM   1114 O OE1 . GLU A 1 147 ? -10.911 10.388  -17.339 1.00 23.05 ? 146 GLU A OE1 1 
ATOM   1115 O OE2 . GLU A 1 147 ? -11.657 8.975   -15.820 1.00 24.74 ? 146 GLU A OE2 1 
ATOM   1116 N N   . TYR A 1 148 ? -10.446 8.388   -11.131 1.00 18.61 ? 147 TYR A N   1 
ATOM   1117 C CA  . TYR A 1 148 ? -10.766 8.416   -9.699  1.00 17.07 ? 147 TYR A CA  1 
ATOM   1118 C C   . TYR A 1 148 ? -10.256 7.134   -9.039  1.00 19.32 ? 147 TYR A C   1 
ATOM   1119 O O   . TYR A 1 148 ? -10.527 6.961   -7.837  1.00 19.97 ? 147 TYR A O   1 
ATOM   1120 C CB  . TYR A 1 148 ? -12.236 8.674   -9.395  1.00 19.94 ? 147 TYR A CB  1 
ATOM   1121 C CG  . TYR A 1 148 ? -12.627 10.025  -9.958  1.00 18.20 ? 147 TYR A CG  1 
ATOM   1122 C CD1 . TYR A 1 148 ? -12.009 11.208  -9.534  1.00 20.82 ? 147 TYR A CD1 1 
ATOM   1123 C CD2 . TYR A 1 148 ? -13.607 10.090  -10.934 1.00 20.13 ? 147 TYR A CD2 1 
ATOM   1124 C CE1 . TYR A 1 148 ? -12.379 12.478  -10.025 1.00 19.89 ? 147 TYR A CE1 1 
ATOM   1125 C CE2 . TYR A 1 148 ? -13.987 11.341  -11.415 1.00 20.19 ? 147 TYR A CE2 1 
ATOM   1126 C CZ  . TYR A 1 148 ? -13.392 12.512  -10.965 1.00 21.39 ? 147 TYR A CZ  1 
ATOM   1127 O OH  . TYR A 1 148 ? -13.773 13.710  -11.485 1.00 21.99 ? 147 TYR A OH  1 
ATOM   1128 N N   . SER A 1 149 ? -9.559  6.291   -9.802  1.00 20.20 ? 148 SER A N   1 
ATOM   1129 C CA  . SER A 1 149 ? -9.044  5.063   -9.184  1.00 17.88 ? 148 SER A CA  1 
ATOM   1130 C C   . SER A 1 149 ? -8.103  5.425   -8.027  1.00 17.63 ? 148 SER A C   1 
ATOM   1131 O O   . SER A 1 149 ? -8.154  4.780   -6.948  1.00 20.05 ? 148 SER A O   1 
ATOM   1132 C CB  . SER A 1 149 ? -8.225  4.265   -10.219 1.00 18.70 ? 148 SER A CB  1 
ATOM   1133 O OG  . SER A 1 149 ? -7.668  3.124   -9.569  1.00 27.07 ? 148 SER A OG  1 
ATOM   1134 N N   . ALA A 1 150 ? -7.128  6.293   -8.269  1.00 19.80 ? 149 ALA A N   1 
ATOM   1135 C CA  . ALA A 1 150 ? -6.219  6.668   -7.190  1.00 21.37 ? 149 ALA A CA  1 
ATOM   1136 C C   . ALA A 1 150 ? -6.944  7.317   -6.005  1.00 18.04 ? 149 ALA A C   1 
ATOM   1137 O O   . ALA A 1 150 ? -6.611  6.989   -4.861  1.00 18.71 ? 149 ALA A O   1 
ATOM   1138 C CB  . ALA A 1 150 ? -5.144  7.539   -7.745  1.00 21.60 ? 149 ALA A CB  1 
ATOM   1139 N N   . PHE A 1 151 ? -7.959  8.169   -6.262  1.00 18.20 ? 150 PHE A N   1 
ATOM   1140 C CA  . PHE A 1 151 ? -8.728  8.716   -5.156  1.00 18.26 ? 150 PHE A CA  1 
ATOM   1141 C C   . PHE A 1 151 ? -9.425  7.607   -4.347  1.00 17.45 ? 150 PHE A C   1 
ATOM   1142 O O   . PHE A 1 151 ? -9.352  7.630   -3.114  1.00 19.41 ? 150 PHE A O   1 
ATOM   1143 C CB  . PHE A 1 151 ? -9.773  9.674   -5.712  1.00 18.85 ? 150 PHE A CB  1 
ATOM   1144 C CG  . PHE A 1 151 ? -10.478 10.496  -4.652  1.00 20.51 ? 150 PHE A CG  1 
ATOM   1145 C CD1 . PHE A 1 151 ? -9.744  11.214  -3.709  1.00 20.13 ? 150 PHE A CD1 1 
ATOM   1146 C CD2 . PHE A 1 151 ? -11.877 10.573  -4.555  1.00 19.57 ? 150 PHE A CD2 1 
ATOM   1147 C CE1 . PHE A 1 151 ? -10.389 12.021  -2.774  1.00 21.03 ? 150 PHE A CE1 1 
ATOM   1148 C CE2 . PHE A 1 151 ? -12.526 11.321  -3.582  1.00 20.43 ? 150 PHE A CE2 1 
ATOM   1149 C CZ  . PHE A 1 151 ? -11.781 12.088  -2.698  1.00 21.99 ? 150 PHE A CZ  1 
ATOM   1150 N N   . GLY A 1 152 ? -9.964  6.547   -4.971  1.00 20.45 ? 151 GLY A N   1 
ATOM   1151 C CA  . GLY A 1 152 ? -10.618 5.510   -4.188  1.00 22.14 ? 151 GLY A CA  1 
ATOM   1152 C C   . GLY A 1 152 ? -9.617  4.734   -3.322  1.00 19.90 ? 151 GLY A C   1 
ATOM   1153 O O   . GLY A 1 152 ? -9.895  4.422   -2.161  1.00 20.46 ? 151 GLY A O   1 
ATOM   1154 N N   . LYS A 1 153 ? -8.419  4.519   -3.894  1.00 18.13 ? 152 LYS A N   1 
ATOM   1155 C CA  . LYS A 1 153 ? -7.335  3.917   -3.100  1.00 19.41 ? 152 LYS A CA  1 
ATOM   1156 C C   . LYS A 1 153 ? -6.955  4.840   -1.928  1.00 19.21 ? 152 LYS A C   1 
ATOM   1157 O O   . LYS A 1 153 ? -6.822  4.397   -0.785  1.00 18.96 ? 152 LYS A O   1 
ATOM   1158 C CB  . LYS A 1 153 ? -6.129  3.659   -3.976  1.00 16.05 ? 152 LYS A CB  1 
ATOM   1159 C CG  . LYS A 1 153 ? -6.341  2.593   -5.052  1.00 19.04 ? 152 LYS A CG  1 
ATOM   1160 C CD  . LYS A 1 153 ? -5.061  2.326   -5.778  1.00 19.83 ? 152 LYS A CD  1 
ATOM   1161 C CE  . LYS A 1 153 ? -5.333  1.438   -6.994  1.00 23.53 ? 152 LYS A CE  1 
ATOM   1162 N NZ  . LYS A 1 153 ? -5.976  0.113   -6.738  1.00 22.57 ? 152 LYS A NZ  1 
ATOM   1163 N N   . GLY A 1 154 ? -6.900  6.157   -2.190  1.00 17.86 ? 153 GLY A N   1 
ATOM   1164 C CA  . GLY A 1 154 ? -6.572  7.113   -1.160  1.00 19.96 ? 153 GLY A CA  1 
ATOM   1165 C C   . GLY A 1 154 ? -7.565  7.011   -0.010  1.00 17.35 ? 153 GLY A C   1 
ATOM   1166 O O   . GLY A 1 154 ? -7.149  7.130   1.173   1.00 18.69 ? 153 GLY A O   1 
ATOM   1167 N N   . LEU A 1 155 ? -8.856  6.885   -0.335  1.00 16.16 ? 154 LEU A N   1 
ATOM   1168 C CA  . LEU A 1 155 ? -9.881  6.865   0.720   1.00 15.69 ? 154 LEU A CA  1 
ATOM   1169 C C   . LEU A 1 155 ? -9.688  5.578   1.529   1.00 17.88 ? 154 LEU A C   1 
ATOM   1170 O O   . LEU A 1 155 ? -9.708  5.655   2.763   1.00 19.12 ? 154 LEU A O   1 
ATOM   1171 C CB  . LEU A 1 155 ? -11.299 6.988   0.137   1.00 20.19 ? 154 LEU A CB  1 
ATOM   1172 C CG  . LEU A 1 155 ? -11.551 8.330   -0.597  1.00 18.79 ? 154 LEU A CG  1 
ATOM   1173 C CD1 . LEU A 1 155 ? -12.840 8.221   -1.384  1.00 23.50 ? 154 LEU A CD1 1 
ATOM   1174 C CD2 . LEU A 1 155 ? -11.615 9.484   0.392   1.00 21.81 ? 154 LEU A CD2 1 
ATOM   1175 N N   . PHE A 1 156 ? -9.451  4.476   0.848   1.00 17.89 ? 155 PHE A N   1 
ATOM   1176 C CA  . PHE A 1 156 ? -9.169  3.228   1.583   1.00 17.84 ? 155 PHE A CA  1 
ATOM   1177 C C   . PHE A 1 156 ? -8.008  3.497   2.556   1.00 18.39 ? 155 PHE A C   1 
ATOM   1178 O O   . PHE A 1 156 ? -8.058  3.072   3.708   1.00 19.53 ? 155 PHE A O   1 
ATOM   1179 C CB  . PHE A 1 156 ? -8.832  2.126   0.575   1.00 18.70 ? 155 PHE A CB  1 
ATOM   1180 C CG  . PHE A 1 156 ? -8.357  0.830   1.190   1.00 15.50 ? 155 PHE A CG  1 
ATOM   1181 C CD1 . PHE A 1 156 ? -7.038  0.713   1.625   1.00 17.65 ? 155 PHE A CD1 1 
ATOM   1182 C CD2 . PHE A 1 156 ? -9.226  -0.223  1.251   1.00 17.15 ? 155 PHE A CD2 1 
ATOM   1183 C CE1 . PHE A 1 156 ? -6.617  -0.507  2.130   1.00 18.64 ? 155 PHE A CE1 1 
ATOM   1184 C CE2 . PHE A 1 156 ? -8.818  -1.435  1.828   1.00 16.99 ? 155 PHE A CE2 1 
ATOM   1185 C CZ  . PHE A 1 156 ? -7.528  -1.531  2.292   1.00 20.54 ? 155 PHE A CZ  1 
ATOM   1186 N N   . TYR A 1 157 ? -6.872  3.995   2.039   1.00 18.93 ? 156 TYR A N   1 
ATOM   1187 C CA  . TYR A 1 157 ? -5.717  4.156   2.905   1.00 17.50 ? 156 TYR A CA  1 
ATOM   1188 C C   . TYR A 1 157 ? -5.981  5.076   4.075   1.00 17.58 ? 156 TYR A C   1 
ATOM   1189 O O   . TYR A 1 157 ? -5.361  4.925   5.116   1.00 19.95 ? 156 TYR A O   1 
ATOM   1190 C CB  . TYR A 1 157 ? -4.517  4.598   2.059   1.00 19.40 ? 156 TYR A CB  1 
ATOM   1191 C CG  . TYR A 1 157 ? -3.867  3.519   1.243   1.00 18.50 ? 156 TYR A CG  1 
ATOM   1192 C CD1 . TYR A 1 157 ? -3.180  2.433   1.834   1.00 18.50 ? 156 TYR A CD1 1 
ATOM   1193 C CD2 . TYR A 1 157 ? -3.949  3.516   -0.147  1.00 18.91 ? 156 TYR A CD2 1 
ATOM   1194 C CE1 . TYR A 1 157 ? -2.482  1.492   1.094   1.00 20.56 ? 156 TYR A CE1 1 
ATOM   1195 C CE2 . TYR A 1 157 ? -3.254  2.586   -0.919  1.00 17.73 ? 156 TYR A CE2 1 
ATOM   1196 C CZ  . TYR A 1 157 ? -2.577  1.522   -0.302  1.00 18.13 ? 156 TYR A CZ  1 
ATOM   1197 O OH  . TYR A 1 157 ? -1.884  0.620   -1.024  1.00 19.93 ? 156 TYR A OH  1 
ATOM   1198 N N   . ALA A 1 158 ? -6.762  6.153   3.819   1.00 16.36 ? 157 ALA A N   1 
ATOM   1199 C CA  . ALA A 1 158 ? -7.133  7.085   4.871   1.00 17.90 ? 157 ALA A CA  1 
ATOM   1200 C C   . ALA A 1 158 ? -7.884  6.400   6.005   1.00 16.64 ? 157 ALA A C   1 
ATOM   1201 O O   . ALA A 1 158 ? -7.610  6.628   7.165   1.00 16.92 ? 157 ALA A O   1 
ATOM   1202 C CB  . ALA A 1 158 ? -7.910  8.262   4.295   1.00 18.49 ? 157 ALA A CB  1 
ATOM   1203 N N   . LEU A 1 159 ? -8.920  5.664   5.673   1.00 16.68 ? 158 LEU A N   1 
ATOM   1204 C CA  . LEU A 1 159 ? -9.692  4.892   6.644   1.00 16.39 ? 158 LEU A CA  1 
ATOM   1205 C C   . LEU A 1 159 ? -8.759  3.858   7.304   1.00 16.42 ? 158 LEU A C   1 
ATOM   1206 O O   . LEU A 1 159 ? -8.844  3.783   8.546   1.00 18.47 ? 158 LEU A O   1 
ATOM   1207 C CB  . LEU A 1 159 ? -10.837 4.170   5.920   1.00 17.30 ? 158 LEU A CB  1 
ATOM   1208 C CG  . LEU A 1 159 ? -11.922 5.114   5.346   1.00 18.03 ? 158 LEU A CG  1 
ATOM   1209 C CD1 . LEU A 1 159 ? -12.938 4.326   4.518   1.00 20.46 ? 158 LEU A CD1 1 
ATOM   1210 C CD2 . LEU A 1 159 ? -12.570 5.997   6.481   1.00 15.77 ? 158 LEU A CD2 1 
ATOM   1211 N N   . ALA A 1 160 ? -7.858  3.191   6.521   1.00 17.18 ? 159 ALA A N   1 
ATOM   1212 C CA  . ALA A 1 160 ? -6.939  2.194   7.105   1.00 18.13 ? 159 ALA A CA  1 
ATOM   1213 C C   . ALA A 1 160 ? -6.024  2.916   8.104   1.00 18.42 ? 159 ALA A C   1 
ATOM   1214 O O   . ALA A 1 160 ? -5.731  2.420   9.198   1.00 17.88 ? 159 ALA A O   1 
ATOM   1215 C CB  . ALA A 1 160 ? -6.109  1.563   6.024   1.00 18.11 ? 159 ALA A CB  1 
ATOM   1216 N N   . GLU A 1 161 ? -5.549  4.107   7.753   1.00 18.61 ? 160 GLU A N   1 
ATOM   1217 C CA  . GLU A 1 161 ? -4.613  4.803   8.617   1.00 21.18 ? 160 GLU A CA  1 
ATOM   1218 C C   . GLU A 1 161 ? -5.267  5.132   9.952   1.00 19.08 ? 160 GLU A C   1 
ATOM   1219 O O   . GLU A 1 161 ? -4.626  5.005   11.013  1.00 19.89 ? 160 GLU A O   1 
ATOM   1220 C CB  . GLU A 1 161 ? -4.353  6.179   8.003   1.00 23.90 ? 160 GLU A CB  1 
ATOM   1221 C CG  . GLU A 1 161 ? -3.678  7.105   8.993   1.00 26.21 ? 160 GLU A CG  1 
ATOM   1222 C CD  . GLU A 1 161 ? -2.231  6.927   8.624   1.00 40.97 ? 160 GLU A CD  1 
ATOM   1223 O OE1 . GLU A 1 161 ? -1.605  6.191   9.317   1.00 32.27 ? 160 GLU A OE1 1 
ATOM   1224 O OE2 . GLU A 1 161 ? -1.805  7.353   7.503   1.00 45.67 ? 160 GLU A OE2 1 
ATOM   1225 N N   . THR A 1 162 ? -6.496  5.698   9.895   1.00 17.85 ? 161 THR A N   1 
ATOM   1226 C CA  . THR A 1 162 ? -7.256  6.037   11.117  1.00 18.67 ? 161 THR A CA  1 
ATOM   1227 C C   . THR A 1 162 ? -7.426  4.812   12.032  1.00 18.88 ? 161 THR A C   1 
ATOM   1228 O O   . THR A 1 162 ? -7.217  4.868   13.232  1.00 19.12 ? 161 THR A O   1 
ATOM   1229 C CB  . THR A 1 162 ? -8.601  6.660   10.759  1.00 23.24 ? 161 THR A CB  1 
ATOM   1230 O OG1 . THR A 1 162 ? -8.124  7.856   10.140  1.00 28.69 ? 161 THR A OG1 1 
ATOM   1231 C CG2 . THR A 1 162 ? -9.379  7.057   11.990  1.00 24.78 ? 161 THR A CG2 1 
ATOM   1232 N N   . THR A 1 163 ? -7.786  3.725   11.405  1.00 16.87 ? 162 THR A N   1 
ATOM   1233 C CA  . THR A 1 163 ? -8.013  2.436   12.072  1.00 18.06 ? 162 THR A CA  1 
ATOM   1234 C C   . THR A 1 163 ? -6.739  1.988   12.781  1.00 21.61 ? 162 THR A C   1 
ATOM   1235 O O   . THR A 1 163 ? -6.768  1.627   13.961  1.00 22.13 ? 162 THR A O   1 
ATOM   1236 C CB  . THR A 1 163 ? -8.560  1.441   11.065  1.00 17.83 ? 162 THR A CB  1 
ATOM   1237 O OG1 . THR A 1 163 ? -9.810  1.837   10.487  1.00 18.29 ? 162 THR A OG1 1 
ATOM   1238 C CG2 . THR A 1 163 ? -8.796  0.070   11.677  1.00 16.70 ? 162 THR A CG2 1 
ATOM   1239 N N   . MET A 1 164 ? -5.613  2.069   12.063  1.00 19.69 ? 163 MET A N   1 
ATOM   1240 C CA  . MET A 1 164 ? -4.339  1.703   12.664  1.00 19.16 ? 163 MET A CA  1 
ATOM   1241 C C   . MET A 1 164 ? -3.992  2.630   13.826  1.00 18.63 ? 163 MET A C   1 
ATOM   1242 O O   . MET A 1 164 ? -3.517  2.153   14.858  1.00 20.71 ? 163 MET A O   1 
ATOM   1243 C CB  . MET A 1 164 ? -3.200  1.771   11.649  1.00 17.92 ? 163 MET A CB  1 
ATOM   1244 C CG  . MET A 1 164 ? -3.371  0.870   10.518  1.00 18.64 ? 163 MET A CG  1 
ATOM   1245 S SD  . MET A 1 164 ? -2.079  1.251   9.293   1.00 22.04 ? 163 MET A SD  1 
ATOM   1246 C CE  . MET A 1 164 ? -2.558  0.173   7.967   1.00 20.78 ? 163 MET A CE  1 
ATOM   1247 N N   . ASP A 1 165 ? -4.261  3.945   13.659  1.00 18.35 ? 164 ASP A N   1 
ATOM   1248 C CA  . ASP A 1 165 ? -3.919  4.903   14.696  1.00 20.01 ? 164 ASP A CA  1 
ATOM   1249 C C   . ASP A 1 165 ? -4.678  4.563   15.991  1.00 18.58 ? 164 ASP A C   1 
ATOM   1250 O O   . ASP A 1 165 ? -4.076  4.510   17.051  1.00 19.01 ? 164 ASP A O   1 
ATOM   1251 C CB  . ASP A 1 165 ? -4.309  6.313   14.245  1.00 21.22 ? 164 ASP A CB  1 
ATOM   1252 C CG  . ASP A 1 165 ? -4.049  7.363   15.318  1.00 32.77 ? 164 ASP A CG  1 
ATOM   1253 O OD1 . ASP A 1 165 ? -2.936  7.359   15.890  1.00 38.35 ? 164 ASP A OD1 1 
ATOM   1254 O OD2 . ASP A 1 165 ? -4.984  8.165   15.606  1.00 38.19 ? 164 ASP A OD2 1 
ATOM   1255 N N   . PHE A 1 166 ? -5.963  4.227   15.901  1.00 19.43 ? 165 PHE A N   1 
ATOM   1256 C CA  . PHE A 1 166 ? -6.770  3.958   17.079  1.00 17.94 ? 165 PHE A CA  1 
ATOM   1257 C C   . PHE A 1 166 ? -6.382  2.581   17.624  1.00 17.24 ? 165 PHE A C   1 
ATOM   1258 O O   . PHE A 1 166 ? -6.276  2.477   18.842  1.00 18.06 ? 165 PHE A O   1 
ATOM   1259 C CB  . PHE A 1 166 ? -8.268  4.084   16.761  1.00 21.23 ? 165 PHE A CB  1 
ATOM   1260 C CG  . PHE A 1 166 ? -8.789  5.494   16.774  1.00 20.07 ? 165 PHE A CG  1 
ATOM   1261 C CD1 . PHE A 1 166 ? -8.480  6.429   15.804  1.00 20.64 ? 165 PHE A CD1 1 
ATOM   1262 C CD2 . PHE A 1 166 ? -9.600  5.905   17.839  1.00 21.46 ? 165 PHE A CD2 1 
ATOM   1263 C CE1 . PHE A 1 166 ? -9.008  7.727   15.872  1.00 20.64 ? 165 PHE A CE1 1 
ATOM   1264 C CE2 . PHE A 1 166 ? -10.114 7.187   17.928  1.00 20.38 ? 165 PHE A CE2 1 
ATOM   1265 C CZ  . PHE A 1 166 ? -9.829  8.116   16.927  1.00 20.09 ? 165 PHE A CZ  1 
ATOM   1266 N N   . ALA A 1 167 ? -6.135  1.612   16.725  1.00 17.67 ? 166 ALA A N   1 
ATOM   1267 C CA  . ALA A 1 167 ? -5.752  0.279   17.196  1.00 16.17 ? 166 ALA A CA  1 
ATOM   1268 C C   . ALA A 1 167 ? -4.407  0.319   17.929  1.00 20.36 ? 166 ALA A C   1 
ATOM   1269 O O   . ALA A 1 167 ? -4.172  -0.524  18.839  1.00 23.32 ? 166 ALA A O   1 
ATOM   1270 C CB  . ALA A 1 167 ? -5.751  -0.693  16.054  1.00 19.94 ? 166 ALA A CB  1 
ATOM   1271 N N   . ALA A 1 168 ? -3.461  1.164   17.477  1.00 20.52 ? 167 ALA A N   1 
ATOM   1272 C CA  . ALA A 1 168 ? -2.163  1.289   18.129  1.00 24.55 ? 167 ALA A CA  1 
ATOM   1273 C C   . ALA A 1 168 ? -2.260  2.029   19.461  1.00 22.23 ? 167 ALA A C   1 
ATOM   1274 O O   . ALA A 1 168 ? -1.552  1.661   20.414  1.00 24.63 ? 167 ALA A O   1 
ATOM   1275 C CB  . ALA A 1 168 ? -1.197  2.013   17.199  1.00 24.05 ? 167 ALA A CB  1 
ATOM   1276 N N   . ARG A 1 169 ? -3.098  3.065   19.530  1.00 21.78 ? 168 ARG A N   1 
ATOM   1277 C CA  . ARG A 1 169 ? -3.194  3.875   20.749  1.00 23.32 ? 168 ARG A CA  1 
ATOM   1278 C C   . ARG A 1 169 ? -4.056  3.174   21.818  1.00 21.13 ? 168 ARG A C   1 
ATOM   1279 O O   . ARG A 1 169 ? -3.797  3.351   23.024  1.00 26.79 ? 168 ARG A O   1 
ATOM   1280 C CB  . ARG A 1 169 ? -3.821  5.200   20.318  1.00 23.25 ? 168 ARG A CB  1 
ATOM   1281 C CG  . ARG A 1 169 ? -2.774  6.047   19.614  1.00 30.28 ? 168 ARG A CG  1 
ATOM   1282 C CD  . ARG A 1 169 ? -3.177  7.505   19.414  1.00 35.54 ? 168 ARG A CD  1 
ATOM   1283 N NE  . ARG A 1 169 ? -4.387  7.790   18.633  1.00 40.32 ? 168 ARG A NE  1 
ATOM   1284 C CZ  . ARG A 1 169 ? -5.641  7.889   19.093  1.00 50.23 ? 168 ARG A CZ  1 
ATOM   1285 N NH1 . ARG A 1 169 ? -6.622  8.180   18.252  1.00 45.19 ? 168 ARG A NH1 1 
ATOM   1286 N NH2 . ARG A 1 169 ? -5.918  7.687   20.371  1.00 42.80 ? 168 ARG A NH2 1 
ATOM   1287 N N   . ASP A 1 170 ? -5.074  2.446   21.377  1.00 22.07 ? 169 ASP A N   1 
ATOM   1288 C CA  . ASP A 1 170 ? -6.006  1.767   22.273  1.00 24.74 ? 169 ASP A CA  1 
ATOM   1289 C C   . ASP A 1 170 ? -6.065  0.264   21.936  1.00 24.40 ? 169 ASP A C   1 
ATOM   1290 O O   . ASP A 1 170 ? -7.055  -0.227  21.375  1.00 23.62 ? 169 ASP A O   1 
ATOM   1291 C CB  . ASP A 1 170 ? -7.301  2.554   22.288  1.00 27.06 ? 169 ASP A CB  1 
ATOM   1292 C CG  . ASP A 1 170 ? -8.348  1.862   23.101  1.00 23.08 ? 169 ASP A CG  1 
ATOM   1293 O OD1 . ASP A 1 170 ? -7.941  1.195   24.124  1.00 27.37 ? 169 ASP A OD1 1 
ATOM   1294 O OD2 . ASP A 1 170 ? -9.523  2.034   22.791  1.00 22.19 ? 169 ASP A OD2 1 
ATOM   1295 N N   . PRO A 1 171 ? -4.955  -0.498  22.099  1.00 27.02 ? 170 PRO A N   1 
ATOM   1296 C CA  . PRO A 1 171 ? -4.875  -1.875  21.622  1.00 26.20 ? 170 PRO A CA  1 
ATOM   1297 C C   . PRO A 1 171 ? -5.927  -2.794  22.249  1.00 21.70 ? 170 PRO A C   1 
ATOM   1298 O O   . PRO A 1 171 ? -6.359  -3.761  21.616  1.00 21.25 ? 170 PRO A O   1 
ATOM   1299 C CB  . PRO A 1 171 ? -3.471  -2.393  21.992  1.00 28.25 ? 170 PRO A CB  1 
ATOM   1300 C CG  . PRO A 1 171 ? -2.909  -1.331  22.915  1.00 26.21 ? 170 PRO A CG  1 
ATOM   1301 C CD  . PRO A 1 171 ? -3.671  -0.034  22.663  1.00 27.26 ? 170 PRO A CD  1 
ATOM   1302 N N   . ALA A 1 172 ? -6.416  -2.396  23.428  1.00 23.18 ? 171 ALA A N   1 
ATOM   1303 C CA  . ALA A 1 172 ? -7.497  -3.150  24.063  1.00 25.46 ? 171 ALA A CA  1 
ATOM   1304 C C   . ALA A 1 172 ? -8.734  -3.286  23.170  1.00 23.63 ? 171 ALA A C   1 
ATOM   1305 O O   . ALA A 1 172 ? -9.514  -4.262  23.289  1.00 24.88 ? 171 ALA A O   1 
ATOM   1306 C CB  . ALA A 1 172 ? -7.858  -2.524  25.375  1.00 26.05 ? 171 ALA A CB  1 
ATOM   1307 N N   . ARG A 1 173 ? -8.949  -2.268  22.298  1.00 20.99 ? 172 ARG A N   1 
ATOM   1308 C CA  . ARG A 1 173 ? -10.119 -2.319  21.418  1.00 24.85 ? 172 ARG A CA  1 
ATOM   1309 C C   . ARG A 1 173 ? -9.751  -2.527  19.941  1.00 21.49 ? 172 ARG A C   1 
ATOM   1310 O O   . ARG A 1 173 ? -10.569 -2.133  19.090  1.00 22.88 ? 172 ARG A O   1 
ATOM   1311 C CB  . ARG A 1 173 ? -11.020 -1.080  21.592  1.00 20.86 ? 172 ARG A CB  1 
ATOM   1312 C CG  . ARG A 1 173 ? -11.587 -0.897  23.014  1.00 21.51 ? 172 ARG A CG  1 
ATOM   1313 C CD  . ARG A 1 173 ? -12.477 0.333   23.051  1.00 22.91 ? 172 ARG A CD  1 
ATOM   1314 N NE  . ARG A 1 173 ? -13.096 0.755   24.326  1.00 23.62 ? 172 ARG A NE  1 
ATOM   1315 C CZ  . ARG A 1 173 ? -12.593 1.648   25.182  1.00 26.72 ? 172 ARG A CZ  1 
ATOM   1316 N NH1 . ARG A 1 173 ? -13.293 1.980   26.261  1.00 24.68 ? 172 ARG A NH1 1 
ATOM   1317 N NH2 . ARG A 1 173 ? -11.463 2.310   24.925  1.00 25.76 ? 172 ARG A NH2 1 
ATOM   1318 N N   . ALA A 1 174 ? -8.571  -3.089  19.640  1.00 22.01 ? 173 ALA A N   1 
ATOM   1319 C CA  . ALA A 1 174 ? -8.024  -3.090  18.284  1.00 21.05 ? 173 ALA A CA  1 
ATOM   1320 C C   . ALA A 1 174 ? -9.044  -3.731  17.356  1.00 21.96 ? 173 ALA A C   1 
ATOM   1321 O O   . ALA A 1 174 ? -9.327  -3.199  16.263  1.00 21.65 ? 173 ALA A O   1 
ATOM   1322 C CB  . ALA A 1 174 ? -6.684  -3.821  18.197  1.00 21.94 ? 173 ALA A CB  1 
ATOM   1323 N N   . GLY A 1 175 ? -9.550  -4.929  17.723  1.00 21.85 ? 174 GLY A N   1 
ATOM   1324 C CA  . GLY A 1 175 ? -10.431 -5.621  16.783  1.00 21.39 ? 174 GLY A CA  1 
ATOM   1325 C C   . GLY A 1 175 ? -11.712 -4.824  16.494  1.00 19.70 ? 174 GLY A C   1 
ATOM   1326 O O   . GLY A 1 175 ? -12.300 -4.956  15.417  1.00 21.07 ? 174 GLY A O   1 
ATOM   1327 N N   . GLU A 1 176 ? -12.201 -4.075  17.504  1.00 21.99 ? 175 GLU A N   1 
ATOM   1328 C CA  . GLU A 1 176 ? -13.406 -3.274  17.359  1.00 20.19 ? 175 GLU A CA  1 
ATOM   1329 C C   . GLU A 1 176 ? -13.152 -2.122  16.389  1.00 19.88 ? 175 GLU A C   1 
ATOM   1330 O O   . GLU A 1 176 ? -13.962 -1.913  15.505  1.00 19.18 ? 175 GLU A O   1 
ATOM   1331 C CB  . GLU A 1 176 ? -13.859 -2.742  18.727  1.00 21.34 ? 175 GLU A CB  1 
ATOM   1332 C CG  . GLU A 1 176 ? -14.094 -3.837  19.782  1.00 25.95 ? 175 GLU A CG  1 
ATOM   1333 C CD  . GLU A 1 176 ? -14.957 -4.965  19.256  1.00 36.39 ? 175 GLU A CD  1 
ATOM   1334 O OE1 . GLU A 1 176 ? -16.157 -4.710  19.066  1.00 39.14 ? 175 GLU A OE1 1 
ATOM   1335 O OE2 . GLU A 1 176 ? -14.417 -6.083  18.989  1.00 41.21 ? 175 GLU A OE2 1 
ATOM   1336 N N   . TYR A 1 177 ? -12.011 -1.448  16.557  1.00 19.51 ? 176 TYR A N   1 
ATOM   1337 C CA  . TYR A 1 177 ? -11.737 -0.385  15.553  1.00 20.95 ? 176 TYR A CA  1 
ATOM   1338 C C   . TYR A 1 177 ? -11.540 -0.974  14.149  1.00 18.58 ? 176 TYR A C   1 
ATOM   1339 O O   . TYR A 1 177 ? -12.013 -0.416  13.157  1.00 19.46 ? 176 TYR A O   1 
ATOM   1340 C CB  . TYR A 1 177 ? -10.380 0.237   15.867  1.00 18.22 ? 176 TYR A CB  1 
ATOM   1341 C CG  . TYR A 1 177 ? -10.437 1.049   17.156  1.00 17.30 ? 176 TYR A CG  1 
ATOM   1342 C CD1 . TYR A 1 177 ? -11.390 2.054   17.357  1.00 18.63 ? 176 TYR A CD1 1 
ATOM   1343 C CD2 . TYR A 1 177 ? -9.541  0.782   18.179  1.00 19.04 ? 176 TYR A CD2 1 
ATOM   1344 C CE1 . TYR A 1 177 ? -11.456 2.748   18.575  1.00 20.82 ? 176 TYR A CE1 1 
ATOM   1345 C CE2 . TYR A 1 177 ? -9.587  1.465   19.388  1.00 19.01 ? 176 TYR A CE2 1 
ATOM   1346 C CZ  . TYR A 1 177 ? -10.530 2.465   19.577  1.00 22.09 ? 176 TYR A CZ  1 
ATOM   1347 O OH  . TYR A 1 177 ? -10.504 3.105   20.797  1.00 22.36 ? 176 TYR A OH  1 
ATOM   1348 N N   . ILE A 1 178 ? -10.907 -2.166  14.018  1.00 18.90 ? 177 ILE A N   1 
ATOM   1349 C CA  . ILE A 1 178 ? -10.704 -2.775  12.715  1.00 19.70 ? 177 ILE A CA  1 
ATOM   1350 C C   . ILE A 1 178 ? -12.047 -3.138  12.071  1.00 19.10 ? 177 ILE A C   1 
ATOM   1351 O O   . ILE A 1 178 ? -12.251 -2.932  10.876  1.00 18.99 ? 177 ILE A O   1 
ATOM   1352 C CB  . ILE A 1 178 ? -9.768  -3.968  12.904  1.00 19.10 ? 177 ILE A CB  1 
ATOM   1353 C CG1 . ILE A 1 178 ? -8.371  -3.456  13.344  1.00 18.47 ? 177 ILE A CG1 1 
ATOM   1354 C CG2 . ILE A 1 178 ? -9.772  -4.790  11.610  1.00 19.21 ? 177 ILE A CG2 1 
ATOM   1355 C CD1 . ILE A 1 178 ? -7.375  -4.545  13.707  1.00 22.10 ? 177 ILE A CD1 1 
ATOM   1356 N N   . ALA A 1 179 ? -12.999 -3.671  12.869  1.00 17.49 ? 178 ALA A N   1 
ATOM   1357 C CA  . ALA A 1 179 ? -14.281 -4.105  12.322  1.00 18.63 ? 178 ALA A CA  1 
ATOM   1358 C C   . ALA A 1 179 ? -15.091 -2.864  11.934  1.00 18.88 ? 178 ALA A C   1 
ATOM   1359 O O   . ALA A 1 179 ? -15.718 -2.896  10.904  1.00 21.27 ? 178 ALA A O   1 
ATOM   1360 C CB  . ALA A 1 179 ? -15.084 -4.822  13.374  1.00 24.08 ? 178 ALA A CB  1 
ATOM   1361 N N   . LEU A 1 180 ? -15.108 -1.862  12.830  1.00 18.02 ? 179 LEU A N   1 
ATOM   1362 C CA  . LEU A 1 180 ? -15.814 -0.606  12.501  1.00 18.36 ? 179 LEU A CA  1 
ATOM   1363 C C   . LEU A 1 180 ? -15.191 0.122   11.312  1.00 18.33 ? 179 LEU A C   1 
ATOM   1364 O O   . LEU A 1 180 ? -15.958 0.659   10.447  1.00 19.10 ? 179 LEU A O   1 
ATOM   1365 C CB  . LEU A 1 180 ? -15.851 0.329   13.689  1.00 18.21 ? 179 LEU A CB  1 
ATOM   1366 C CG  . LEU A 1 180 ? -16.720 -0.060  14.888  1.00 20.20 ? 179 LEU A CG  1 
ATOM   1367 C CD1 . LEU A 1 180 ? -16.451 0.851   16.055  1.00 24.27 ? 179 LEU A CD1 1 
ATOM   1368 C CD2 . LEU A 1 180 ? -18.179 -0.001  14.467  1.00 23.94 ? 179 LEU A CD2 1 
ATOM   1369 N N   . GLY A 1 181 ? -13.842 0.107   11.217  1.00 17.86 ? 180 GLY A N   1 
ATOM   1370 C CA  . GLY A 1 181 ? -13.164 0.683   10.046  1.00 17.60 ? 180 GLY A CA  1 
ATOM   1371 C C   . GLY A 1 181 ? -13.566 -0.074  8.784   1.00 18.63 ? 180 GLY A C   1 
ATOM   1372 O O   . GLY A 1 181 ? -13.823 0.544   7.754   1.00 18.74 ? 180 GLY A O   1 
ATOM   1373 N N   . PHE A 1 182 ? -13.596 -1.401  8.893   1.00 18.08 ? 181 PHE A N   1 
ATOM   1374 C CA  . PHE A 1 182 ? -13.875 -2.204  7.714   1.00 19.20 ? 181 PHE A CA  1 
ATOM   1375 C C   . PHE A 1 182 ? -15.286 -1.835  7.231   1.00 20.10 ? 181 PHE A C   1 
ATOM   1376 O O   . PHE A 1 182 ? -15.489 -1.710  6.035   1.00 20.81 ? 181 PHE A O   1 
ATOM   1377 C CB  . PHE A 1 182 ? -13.931 -3.687  8.087   1.00 21.22 ? 181 PHE A CB  1 
ATOM   1378 C CG  . PHE A 1 182 ? -14.525 -4.496  6.965   1.00 19.62 ? 181 PHE A CG  1 
ATOM   1379 C CD1 . PHE A 1 182 ? -13.830 -4.697  5.769   1.00 21.34 ? 181 PHE A CD1 1 
ATOM   1380 C CD2 . PHE A 1 182 ? -15.806 -5.027  7.102   1.00 20.20 ? 181 PHE A CD2 1 
ATOM   1381 C CE1 . PHE A 1 182 ? -14.418 -5.365  4.705   1.00 22.97 ? 181 PHE A CE1 1 
ATOM   1382 C CE2 . PHE A 1 182 ? -16.362 -5.713  6.026   1.00 21.59 ? 181 PHE A CE2 1 
ATOM   1383 C CZ  . PHE A 1 182 ? -15.664 -5.913  4.877   1.00 23.27 ? 181 PHE A CZ  1 
ATOM   1384 N N   . GLU A 1 183 ? -16.223 -1.686  8.180   1.00 19.37 ? 182 GLU A N   1 
ATOM   1385 C CA  . GLU A 1 183 ? -17.649 -1.519  7.869   1.00 20.38 ? 182 GLU A CA  1 
ATOM   1386 C C   . GLU A 1 183 ? -17.820 -0.162  7.186   1.00 21.07 ? 182 GLU A C   1 
ATOM   1387 O O   . GLU A 1 183 ? -18.450 -0.063  6.125   1.00 22.43 ? 182 GLU A O   1 
ATOM   1388 C CB  . GLU A 1 183 ? -18.573 -1.629  9.094   1.00 23.90 ? 182 GLU A CB  1 
ATOM   1389 C CG  . GLU A 1 183 ? -18.653 -3.070  9.605   1.00 28.98 ? 182 GLU A CG  1 
ATOM   1390 C CD  . GLU A 1 183 ? -19.286 -3.213  10.988  1.00 35.57 ? 182 GLU A CD  1 
ATOM   1391 O OE1 . GLU A 1 183 ? -19.539 -2.202  11.666  1.00 39.95 ? 182 GLU A OE1 1 
ATOM   1392 O OE2 . GLU A 1 183 ? -19.482 -4.399  11.416  1.00 38.53 ? 182 GLU A OE2 1 
ATOM   1393 N N   . ALA A 1 184 ? -17.123 0.827   7.727   1.00 17.64 ? 183 ALA A N   1 
ATOM   1394 C CA  . ALA A 1 184 ? -17.184 2.173   7.109   1.00 17.37 ? 183 ALA A CA  1 
ATOM   1395 C C   . ALA A 1 184 ? -16.547 2.162   5.715   1.00 20.25 ? 183 ALA A C   1 
ATOM   1396 O O   . ALA A 1 184 ? -17.070 2.813   4.810   1.00 20.39 ? 183 ALA A O   1 
ATOM   1397 C CB  . ALA A 1 184 ? -16.441 3.112   8.023   1.00 17.57 ? 183 ALA A CB  1 
ATOM   1398 N N   . MET A 1 185 ? -15.368 1.522   5.525   1.00 19.94 ? 184 MET A N   1 
ATOM   1399 C CA  . MET A 1 185 ? -14.679 1.395   4.254   1.00 20.44 ? 184 MET A CA  1 
ATOM   1400 C C   . MET A 1 185 ? -15.604 0.685   3.254   1.00 22.01 ? 184 MET A C   1 
ATOM   1401 O O   . MET A 1 185 ? -15.827 1.167   2.153   1.00 19.76 ? 184 MET A O   1 
ATOM   1402 C CB  . MET A 1 185 ? -13.387 0.572   4.441   1.00 17.60 ? 184 MET A CB  1 
ATOM   1403 C CG  . MET A 1 185 ? -12.494 0.426   3.229   1.00 20.03 ? 184 MET A CG  1 
ATOM   1404 S SD  . MET A 1 185 ? -13.109 -0.896  2.133   1.00 21.41 ? 184 MET A SD  1 
ATOM   1405 C CE  . MET A 1 185 ? -12.739 -2.325  3.130   1.00 22.53 ? 184 MET A CE  1 
ATOM   1406 N N   . TRP A 1 186 ? -16.222 -0.413  3.685   1.00 19.11 ? 185 TRP A N   1 
ATOM   1407 C CA  . TRP A 1 186 ? -17.127 -1.161  2.809   1.00 20.07 ? 185 TRP A CA  1 
ATOM   1408 C C   . TRP A 1 186 ? -18.264 -0.246  2.321   1.00 21.40 ? 185 TRP A C   1 
ATOM   1409 O O   . TRP A 1 186 ? -18.565 -0.237  1.120   1.00 20.31 ? 185 TRP A O   1 
ATOM   1410 C CB  . TRP A 1 186 ? -17.660 -2.370  3.612   1.00 19.56 ? 185 TRP A CB  1 
ATOM   1411 C CG  . TRP A 1 186 ? -18.568 -3.266  2.798   1.00 22.54 ? 185 TRP A CG  1 
ATOM   1412 C CD1 . TRP A 1 186 ? -19.938 -3.239  2.760   1.00 24.49 ? 185 TRP A CD1 1 
ATOM   1413 C CD2 . TRP A 1 186 ? -18.155 -4.265  1.839   1.00 24.03 ? 185 TRP A CD2 1 
ATOM   1414 N NE1 . TRP A 1 186 ? -20.409 -4.166  1.855   1.00 26.46 ? 185 TRP A NE1 1 
ATOM   1415 C CE2 . TRP A 1 186 ? -19.338 -4.799  1.278   1.00 27.34 ? 185 TRP A CE2 1 
ATOM   1416 C CE3 . TRP A 1 186 ? -16.909 -4.729  1.391   1.00 24.31 ? 185 TRP A CE3 1 
ATOM   1417 C CZ2 . TRP A 1 186 ? -19.311 -5.808  0.318   1.00 23.31 ? 185 TRP A CZ2 1 
ATOM   1418 C CZ3 . TRP A 1 186 ? -16.885 -5.732  0.429   1.00 24.91 ? 185 TRP A CZ3 1 
ATOM   1419 C CH2 . TRP A 1 186 ? -18.068 -6.328  0.010   1.00 23.62 ? 185 TRP A CH2 1 
ATOM   1420 N N   . ARG A 1 187 ? -18.927 0.425   3.251   1.00 19.91 ? 186 ARG A N   1 
ATOM   1421 C CA  . ARG A 1 187 ? -19.990 1.348   2.832   1.00 20.46 ? 186 ARG A CA  1 
ATOM   1422 C C   . ARG A 1 187 ? -19.449 2.421   1.908   1.00 21.71 ? 186 ARG A C   1 
ATOM   1423 O O   . ARG A 1 187 ? -20.151 2.845   0.950   1.00 20.52 ? 186 ARG A O   1 
ATOM   1424 C CB  . ARG A 1 187 ? -20.786 1.908   3.997   1.00 20.41 ? 186 ARG A CB  1 
ATOM   1425 C CG  . ARG A 1 187 ? -21.580 0.847   4.750   1.00 19.96 ? 186 ARG A CG  1 
ATOM   1426 C CD  . ARG A 1 187 ? -22.362 1.533   5.857   1.00 19.96 ? 186 ARG A CD  1 
ATOM   1427 N NE  . ARG A 1 187 ? -21.572 2.242   6.851   1.00 19.66 ? 186 ARG A NE  1 
ATOM   1428 C CZ  . ARG A 1 187 ? -21.017 1.668   7.941   1.00 20.76 ? 186 ARG A CZ  1 
ATOM   1429 N NH1 . ARG A 1 187 ? -21.378 0.429   8.255   1.00 22.90 ? 186 ARG A NH1 1 
ATOM   1430 N NH2 . ARG A 1 187 ? -20.271 2.352   8.811   1.00 20.86 ? 186 ARG A NH2 1 
ATOM   1431 N N   . ALA A 1 188 ? -18.236 2.924   2.219   1.00 20.48 ? 187 ALA A N   1 
ATOM   1432 C CA  . ALA A 1 188 ? -17.775 4.091   1.466   1.00 19.34 ? 187 ALA A CA  1 
ATOM   1433 C C   . ALA A 1 188 ? -17.417 3.696   0.021   1.00 18.68 ? 187 ALA A C   1 
ATOM   1434 O O   . ALA A 1 188 ? -17.580 4.507   -0.869  1.00 23.64 ? 187 ALA A O   1 
ATOM   1435 C CB  . ALA A 1 188 ? -16.555 4.613   2.156   1.00 20.08 ? 187 ALA A CB  1 
ATOM   1436 N N   . LEU A 1 189 ? -16.921 2.456   -0.191  1.00 17.06 ? 188 LEU A N   1 
ATOM   1437 C CA  . LEU A 1 189 ? -16.271 2.125   -1.454  1.00 18.23 ? 188 LEU A CA  1 
ATOM   1438 C C   . LEU A 1 189 ? -17.001 1.085   -2.311  1.00 17.06 ? 188 LEU A C   1 
ATOM   1439 O O   . LEU A 1 189 ? -16.531 0.899   -3.420  1.00 19.99 ? 188 LEU A O   1 
ATOM   1440 C CB  . LEU A 1 189 ? -14.801 1.738   -1.281  1.00 18.31 ? 188 LEU A CB  1 
ATOM   1441 C CG  . LEU A 1 189 ? -14.005 2.696   -0.391  1.00 22.36 ? 188 LEU A CG  1 
ATOM   1442 C CD1 . LEU A 1 189 ? -12.568 2.248   -0.266  1.00 24.59 ? 188 LEU A CD1 1 
ATOM   1443 C CD2 . LEU A 1 189 ? -14.073 4.088   -1.009  1.00 22.99 ? 188 LEU A CD2 1 
ATOM   1444 N N   . THR A 1 190 ? -18.040 0.419   -1.798  1.00 20.58 ? 189 THR A N   1 
ATOM   1445 C CA  . THR A 1 190 ? -18.644 -0.657  -2.572  1.00 23.18 ? 189 THR A CA  1 
ATOM   1446 C C   . THR A 1 190 ? -20.053 -0.301  -3.028  1.00 25.65 ? 189 THR A C   1 
ATOM   1447 O O   . THR A 1 190 ? -20.692 0.630   -2.532  1.00 30.48 ? 189 THR A O   1 
ATOM   1448 C CB  . THR A 1 190 ? -18.649 -1.987  -1.816  1.00 19.89 ? 189 THR A CB  1 
ATOM   1449 O OG1 . THR A 1 190 ? -19.529 -1.881  -0.697  1.00 22.69 ? 189 THR A OG1 1 
ATOM   1450 C CG2 . THR A 1 190 ? -17.230 -2.388  -1.460  1.00 23.74 ? 189 THR A CG2 1 
ATOM   1451 N N   . ARG A 1 191 ? -20.496 -1.057  -4.045  1.00 28.33 ? 190 ARG A N   1 
ATOM   1452 C CA  . ARG A 1 191 ? -21.785 -0.825  -4.690  1.00 28.42 ? 190 ARG A CA  1 
ATOM   1453 C C   . ARG A 1 191 ? -22.931 -1.004  -3.680  1.00 36.94 ? 190 ARG A C   1 
ATOM   1454 O O   . ARG A 1 191 ? -22.784 -1.890  -2.807  1.00 43.65 ? 190 ARG A O   1 
ATOM   1455 C CB  . ARG A 1 191 ? -21.906 -1.769  -5.891  1.00 33.50 ? 190 ARG A CB  1 
ATOM   1456 C CG  . ARG A 1 191 ? -20.899 -1.429  -6.977  1.00 29.80 ? 190 ARG A CG  1 
ATOM   1457 C CD  . ARG A 1 191 ? -21.090 -2.142  -8.290  1.00 42.12 ? 190 ARG A CD  1 
ATOM   1458 N NE  . ARG A 1 191 ? -19.709 -2.315  -8.694  1.00 46.13 ? 190 ARG A NE  1 
ATOM   1459 C CZ  . ARG A 1 191 ? -19.286 -2.595  -9.922  1.00 55.55 ? 190 ARG A CZ  1 
ATOM   1460 N NH1 . ARG A 1 191 ? -20.156 -2.741  -10.910 1.00 57.84 ? 190 ARG A NH1 1 
ATOM   1461 N NH2 . ARG A 1 191 ? -17.988 -2.713  -10.148 1.00 47.13 ? 190 ARG A NH2 1 
HETATM 1462 S S   . SO4 B 2 .   ? 8.647   -0.426  9.402   1.00 33.34 ? 201 SO4 A S   1 
HETATM 1463 O O1  . SO4 B 2 .   ? 8.769   -1.842  9.873   1.00 34.93 ? 201 SO4 A O1  1 
HETATM 1464 O O2  . SO4 B 2 .   ? 9.947   -0.123  8.818   1.00 40.06 ? 201 SO4 A O2  1 
HETATM 1465 O O3  . SO4 B 2 .   ? 8.403   0.478   10.484  1.00 32.35 ? 201 SO4 A O3  1 
HETATM 1466 O O4  . SO4 B 2 .   ? 7.617   -0.302  8.449   1.00 34.27 ? 201 SO4 A O4  1 
HETATM 1467 C C1  . GOL C 3 .   ? -0.313  4.607   12.630  1.00 34.01 ? 202 GOL A C1  1 
HETATM 1468 O O1  . GOL C 3 .   ? -1.049  5.823   12.756  1.00 42.24 ? 202 GOL A O1  1 
HETATM 1469 C C2  . GOL C 3 .   ? -0.080  4.171   11.198  1.00 33.32 ? 202 GOL A C2  1 
HETATM 1470 O O2  . GOL C 3 .   ? 0.403   5.262   10.414  1.00 28.93 ? 202 GOL A O2  1 
HETATM 1471 C C3  . GOL C 3 .   ? 0.838   2.982   11.040  1.00 38.74 ? 202 GOL A C3  1 
HETATM 1472 O O3  . GOL C 3 .   ? 0.651   2.009   12.061  1.00 31.35 ? 202 GOL A O3  1 
HETATM 1473 C C30 . P4V D 4 .   ? -9.249  -1.878  -2.489  1.00 20.19 ? 203 P4V A C30 1 
HETATM 1474 C C34 . P4V D 4 .   ? -10.167 -3.220  -0.678  1.00 20.95 ? 203 P4V A C34 1 
HETATM 1475 O O37 . P4V D 4 .   ? -10.611 -0.509  -3.817  1.00 20.39 ? 203 P4V A O37 1 
HETATM 1476 C C49 . P4V D 4 .   ? -3.460  -6.952  -1.594  1.00 25.72 ? 203 P4V A C49 1 
HETATM 1477 O O46 . P4V D 4 .   ? -2.983  -5.953  -0.730  1.00 22.44 ? 203 P4V A O46 1 
HETATM 1478 C C43 . P4V D 4 .   ? -3.489  -4.673  -0.939  1.00 19.92 ? 203 P4V A C43 1 
HETATM 1479 C C42 . P4V D 4 .   ? -4.762  -4.535  -1.432  1.00 19.32 ? 203 P4V A C42 1 
HETATM 1480 C C44 . P4V D 4 .   ? -2.730  -3.640  -0.392  1.00 23.82 ? 203 P4V A C44 1 
HETATM 1481 O O47 . P4V D 4 .   ? -1.477  -3.903  0.121   1.00 25.15 ? 203 P4V A O47 1 
HETATM 1482 C C48 . P4V D 4 .   ? -0.488  -2.856  0.115   1.00 22.96 ? 203 P4V A C48 1 
HETATM 1483 C C45 . P4V D 4 .   ? -3.250  -2.287  -0.441  1.00 18.68 ? 203 P4V A C45 1 
HETATM 1484 C C40 . P4V D 4 .   ? -4.488  -2.158  -0.997  1.00 17.01 ? 203 P4V A C40 1 
HETATM 1485 C C5  . P4V D 4 .   ? -5.026  -0.724  -1.086  1.00 18.69 ? 203 P4V A C5  1 
HETATM 1486 C C6  . P4V D 4 .   ? -6.507  -0.641  -1.529  1.00 19.06 ? 203 P4V A C6  1 
HETATM 1487 N N7  . P4V D 4 .   ? -6.763  -1.602  -2.702  1.00 17.80 ? 203 P4V A N7  1 
HETATM 1488 C C1  . P4V D 4 .   ? -8.064  -1.559  -3.377  1.00 18.79 ? 203 P4V A C1  1 
HETATM 1489 C C4  . P4V D 4 .   ? -6.645  -2.908  -2.034  1.00 18.78 ? 203 P4V A C4  1 
HETATM 1490 C C41 . P4V D 4 .   ? -5.294  -3.186  -1.543  1.00 18.35 ? 203 P4V A C41 1 
HETATM 1491 C C3  . P4V D 4 .   ? -7.718  -3.467  -1.150  1.00 20.23 ? 203 P4V A C3  1 
HETATM 1492 C C35 . P4V D 4 .   ? -9.058  -2.866  -1.472  1.00 18.60 ? 203 P4V A C35 1 
HETATM 1493 C C33 . P4V D 4 .   ? -11.421 -2.681  -0.893  1.00 21.61 ? 203 P4V A C33 1 
HETATM 1494 C C32 . P4V D 4 .   ? -11.589 -1.747  -1.940  1.00 21.06 ? 203 P4V A C32 1 
HETATM 1495 O O36 . P4V D 4 .   ? -12.819 -1.124  -2.215  1.00 23.61 ? 203 P4V A O36 1 
HETATM 1496 C C39 . P4V D 4 .   ? -14.073 -1.703  -1.708  1.00 21.82 ? 203 P4V A C39 1 
HETATM 1497 C C31 . P4V D 4 .   ? -10.464 -1.406  -2.768  1.00 22.79 ? 203 P4V A C31 1 
HETATM 1498 C C38 . P4V D 4 .   ? -10.908 0.848   -3.528  1.00 23.20 ? 203 P4V A C38 1 
HETATM 1499 O O   . HOH E 5 .   ? 10.511  -1.003  6.728   1.00 38.50 ? 301 HOH A O   1 
HETATM 1500 O O   . HOH E 5 .   ? -8.354  0.928   -10.404 1.00 40.35 ? 302 HOH A O   1 
HETATM 1501 O O   . HOH E 5 .   ? -1.760  -23.359 -0.643  1.00 23.69 ? 303 HOH A O   1 
HETATM 1502 O O   . HOH E 5 .   ? 28.352  1.961   -2.864  1.00 50.91 ? 304 HOH A O   1 
HETATM 1503 O O   . HOH E 5 .   ? -3.316  11.360  -7.463  1.00 46.10 ? 305 HOH A O   1 
HETATM 1504 O O   . HOH E 5 .   ? -6.617  9.367   14.034  1.00 38.99 ? 306 HOH A O   1 
HETATM 1505 O O   . HOH E 5 .   ? 18.740  1.041   4.428   1.00 33.15 ? 307 HOH A O   1 
HETATM 1506 O O   . HOH E 5 .   ? 1.179   13.091  -7.239  1.00 53.06 ? 308 HOH A O   1 
HETATM 1507 O O   . HOH E 5 .   ? 26.171  10.882  6.462   1.00 39.57 ? 309 HOH A O   1 
HETATM 1508 O O   . HOH E 5 .   ? -2.873  8.335   0.262   1.00 36.39 ? 310 HOH A O   1 
HETATM 1509 O O   . HOH E 5 .   ? -0.565  6.343   15.438  1.00 40.50 ? 311 HOH A O   1 
HETATM 1510 O O   . HOH E 5 .   ? 29.896  3.771   -14.791 1.00 50.22 ? 312 HOH A O   1 
HETATM 1511 O O   . HOH E 5 .   ? 4.117   11.992  -6.475  1.00 38.08 ? 313 HOH A O   1 
HETATM 1512 O O   . HOH E 5 .   ? -2.700  -2.616  18.224  1.00 32.88 ? 314 HOH A O   1 
HETATM 1513 O O   . HOH E 5 .   ? 8.418   13.582  -13.458 1.00 47.68 ? 315 HOH A O   1 
HETATM 1514 O O   . HOH E 5 .   ? 1.391   2.388   14.567  1.00 34.24 ? 316 HOH A O   1 
HETATM 1515 O O   . HOH E 5 .   ? -13.471 8.631   -17.709 1.00 30.66 ? 317 HOH A O   1 
HETATM 1516 O O   . HOH E 5 .   ? -16.174 13.733  -12.611 1.00 27.79 ? 318 HOH A O   1 
HETATM 1517 O O   . HOH E 5 .   ? -6.170  9.101   8.838   1.00 40.28 ? 319 HOH A O   1 
HETATM 1518 O O   . HOH E 5 .   ? -6.589  7.576   -10.834 1.00 26.43 ? 320 HOH A O   1 
HETATM 1519 O O   . HOH E 5 .   ? -21.843 -3.432  -0.853  1.00 38.12 ? 321 HOH A O   1 
HETATM 1520 O O   . HOH E 5 .   ? -3.218  -7.290  -6.505  1.00 30.62 ? 322 HOH A O   1 
HETATM 1521 O O   . HOH E 5 .   ? 25.717  8.239   5.302   1.00 37.04 ? 323 HOH A O   1 
HETATM 1522 O O   . HOH E 5 .   ? 1.764   8.805   4.881   1.00 35.81 ? 324 HOH A O   1 
HETATM 1523 O O   . HOH E 5 .   ? -4.836  -1.122  -4.503  1.00 23.90 ? 325 HOH A O   1 
HETATM 1524 O O   . HOH E 5 .   ? -7.849  9.862   -8.570  1.00 23.67 ? 326 HOH A O   1 
HETATM 1525 O O   . HOH E 5 .   ? 6.785   8.164   -14.175 1.00 33.06 ? 327 HOH A O   1 
HETATM 1526 O O   . HOH E 5 .   ? -1.877  1.467   -8.225  1.00 28.45 ? 328 HOH A O   1 
HETATM 1527 O O   . HOH E 5 .   ? -2.671  0.414   -3.596  1.00 22.05 ? 329 HOH A O   1 
HETATM 1528 O O   . HOH E 5 .   ? -5.799  -0.087  25.155  1.00 29.89 ? 330 HOH A O   1 
HETATM 1529 O O   . HOH E 5 .   ? -15.125 -9.939  -11.606 1.00 36.64 ? 331 HOH A O   1 
HETATM 1530 O O   . HOH E 5 .   ? 7.620   -8.716  5.129   1.00 40.44 ? 332 HOH A O   1 
HETATM 1531 O O   . HOH E 5 .   ? -9.649  12.735  -17.784 1.00 28.81 ? 333 HOH A O   1 
HETATM 1532 O O   . HOH E 5 .   ? 1.941   -0.198  15.560  1.00 39.68 ? 334 HOH A O   1 
HETATM 1533 O O   . HOH E 5 .   ? 1.522   -8.437  -11.435 1.00 39.04 ? 335 HOH A O   1 
HETATM 1534 O O   . HOH E 5 .   ? -4.949  10.454  6.881   0.50 45.12 ? 336 HOH A O   1 
HETATM 1535 O O   . HOH E 5 .   ? -2.872  3.991   -8.240  1.00 29.97 ? 337 HOH A O   1 
HETATM 1536 O O   . HOH E 5 .   ? -1.652  7.214   -8.696  1.00 34.47 ? 338 HOH A O   1 
HETATM 1537 O O   . HOH E 5 .   ? -9.983  2.856   -6.323  1.00 23.14 ? 339 HOH A O   1 
HETATM 1538 O O   . HOH E 5 .   ? -18.688 1.359   10.801  1.00 30.53 ? 340 HOH A O   1 
HETATM 1539 O O   . HOH E 5 .   ? -3.259  -0.271  -9.984  1.00 29.22 ? 341 HOH A O   1 
HETATM 1540 O O   . HOH E 5 .   ? 8.309   -7.326  -1.786  1.00 38.55 ? 342 HOH A O   1 
HETATM 1541 O O   . HOH E 5 .   ? 6.408   -0.920  -13.811 1.00 40.28 ? 343 HOH A O   1 
HETATM 1542 O O   . HOH E 5 .   ? -12.027 -14.181 -7.239  1.00 45.07 ? 344 HOH A O   1 
HETATM 1543 O O   . HOH E 5 .   ? 9.419   -7.473  0.794   1.00 37.96 ? 345 HOH A O   1 
HETATM 1544 O O   . HOH E 5 .   ? 14.320  9.293   6.890   1.00 36.99 ? 346 HOH A O   1 
HETATM 1545 O O   . HOH E 5 .   ? 28.337  4.907   -2.546  1.00 41.62 ? 347 HOH A O   1 
HETATM 1546 O O   . HOH E 5 .   ? -12.819 -6.929  10.712  1.00 24.39 ? 348 HOH A O   1 
HETATM 1547 O O   . HOH E 5 .   ? -4.606  -16.929 -2.664  1.00 38.04 ? 349 HOH A O   1 
HETATM 1548 O O   . HOH E 5 .   ? 20.796  4.287   -13.771 1.00 36.48 ? 350 HOH A O   1 
HETATM 1549 O O   . HOH E 5 .   ? 2.796   -15.860 -2.046  1.00 35.00 ? 351 HOH A O   1 
HETATM 1550 O O   . HOH E 5 .   ? -4.753  -22.241 -5.808  1.00 44.22 ? 352 HOH A O   1 
HETATM 1551 O O   . HOH E 5 .   ? 1.490   11.144  -3.213  1.00 32.28 ? 353 HOH A O   1 
HETATM 1552 O O   . HOH E 5 .   ? 14.020  -0.192  -10.458 1.00 46.86 ? 354 HOH A O   1 
HETATM 1553 O O   . HOH E 5 .   ? 15.622  14.370  -4.626  1.00 47.70 ? 355 HOH A O   1 
HETATM 1554 O O   . HOH E 5 .   ? -19.894 4.669   -9.242  1.00 27.40 ? 356 HOH A O   1 
HETATM 1555 O O   . HOH E 5 .   ? -15.299 2.891   -14.203 1.00 45.44 ? 357 HOH A O   1 
HETATM 1556 O O   . HOH E 5 .   ? 15.748  7.263   5.417   1.00 31.52 ? 358 HOH A O   1 
HETATM 1557 O O   . HOH E 5 .   ? 5.221   -10.571 -8.900  1.00 55.97 ? 359 HOH A O   1 
HETATM 1558 O O   . HOH E 5 .   ? 10.756  -1.169  3.197   1.00 38.85 ? 360 HOH A O   1 
HETATM 1559 O O   . HOH E 5 .   ? 0.172   -0.550  19.937  1.00 46.03 ? 361 HOH A O   1 
HETATM 1560 O O   . HOH E 5 .   ? 7.273   1.602   -14.336 1.00 37.95 ? 362 HOH A O   1 
HETATM 1561 O O   . HOH E 5 .   ? 2.547   5.337   -18.147 1.00 40.15 ? 363 HOH A O   1 
HETATM 1562 O O   . HOH E 5 .   ? -6.384  -6.144  -15.408 1.00 41.42 ? 364 HOH A O   1 
HETATM 1563 O O   . HOH E 5 .   ? -4.787  -3.523  -5.754  1.00 37.06 ? 365 HOH A O   1 
HETATM 1564 O O   . HOH E 5 .   ? 16.785  3.118   -13.270 1.00 39.82 ? 366 HOH A O   1 
HETATM 1565 O O   . HOH E 5 .   ? 21.055  14.278  4.777   1.00 41.92 ? 367 HOH A O   1 
HETATM 1566 O O   . HOH E 5 .   ? -0.884  -9.047  7.566   1.00 31.44 ? 368 HOH A O   1 
HETATM 1567 O O   . HOH E 5 .   ? -5.434  -7.262  -7.212  1.00 35.69 ? 369 HOH A O   1 
HETATM 1568 O O   . HOH E 5 .   ? -4.903  4.040   -9.780  1.00 34.45 ? 370 HOH A O   1 
HETATM 1569 O O   . HOH E 5 .   ? -10.882 5.971   21.240  1.00 40.31 ? 371 HOH A O   1 
HETATM 1570 O O   . HOH E 5 .   ? -11.862 5.117   -17.159 1.00 32.67 ? 372 HOH A O   1 
HETATM 1571 O O   . HOH E 5 .   ? 5.875   15.149  -0.138  1.00 37.40 ? 373 HOH A O   1 
HETATM 1572 O O   . HOH E 5 .   ? -3.947  -29.486 -3.950  1.00 47.35 ? 374 HOH A O   1 
HETATM 1573 O O   . HOH E 5 .   ? -20.413 -4.401  6.999   1.00 39.79 ? 375 HOH A O   1 
HETATM 1574 O O   . HOH E 5 .   ? 10.850  -3.847  2.534   1.00 39.93 ? 376 HOH A O   1 
HETATM 1575 O O   . HOH E 5 .   ? 0.996   -8.601  9.547   1.00 46.48 ? 377 HOH A O   1 
HETATM 1576 O O   . HOH E 5 .   ? -0.388  -21.033 0.045   1.00 27.10 ? 378 HOH A O   1 
HETATM 1577 O O   . HOH E 5 .   ? 16.724  8.792   -8.442  1.00 27.68 ? 379 HOH A O   1 
HETATM 1578 O O   . HOH E 5 .   ? -19.290 -13.032 -3.820  1.00 36.67 ? 380 HOH A O   1 
HETATM 1579 O O   . HOH E 5 .   ? 15.661  -3.784  4.337   1.00 45.06 ? 381 HOH A O   1 
HETATM 1580 O O   . HOH E 5 .   ? 21.855  -5.417  -5.415  1.00 41.60 ? 382 HOH A O   1 
HETATM 1581 O O   . HOH E 5 .   ? 9.091   -7.944  7.322   1.00 41.82 ? 383 HOH A O   1 
HETATM 1582 O O   . HOH E 5 .   ? -4.014  10.960  16.051  1.00 37.96 ? 384 HOH A O   1 
HETATM 1583 O O   . HOH E 5 .   ? -20.064 -10.994 -0.612  1.00 33.16 ? 385 HOH A O   1 
HETATM 1584 O O   . HOH E 5 .   ? -13.401 -12.448 6.518   1.00 38.52 ? 386 HOH A O   1 
HETATM 1585 O O   . HOH E 5 .   ? 5.428   -2.204  15.190  1.00 42.45 ? 387 HOH A O   1 
HETATM 1586 O O   . HOH E 5 .   ? -22.732 -1.894  6.724   1.00 40.04 ? 388 HOH A O   1 
HETATM 1587 O O   . HOH E 5 .   ? -2.186  5.717   -15.968 1.00 53.74 ? 389 HOH A O   1 
HETATM 1588 O O   . HOH E 5 .   ? 10.634  1.816   -12.158 1.00 35.66 ? 390 HOH A O   1 
HETATM 1589 O O   . HOH E 5 .   ? -11.424 -15.348 -9.439  1.00 41.69 ? 391 HOH A O   1 
HETATM 1590 O O   . HOH E 5 .   ? -25.633 -0.674  -3.527  1.00 52.42 ? 392 HOH A O   1 
HETATM 1591 O O   . HOH E 5 .   ? -10.448 -6.036  20.580  1.00 37.89 ? 393 HOH A O   1 
HETATM 1592 O O   . HOH E 5 .   ? 10.607  12.216  9.138   1.00 47.65 ? 394 HOH A O   1 
HETATM 1593 O O   . HOH E 5 .   ? 26.213  -3.189  -3.657  1.00 59.98 ? 395 HOH A O   1 
HETATM 1594 O O   . HOH E 5 .   ? -8.300  -4.227  -14.444 1.00 50.00 ? 396 HOH A O   1 
HETATM 1595 O O   . HOH E 5 .   ? 21.941  14.239  2.618   1.00 35.27 ? 397 HOH A O   1 
HETATM 1596 O O   . HOH E 5 .   ? -6.596  -5.100  -7.116  1.00 40.30 ? 398 HOH A O   1 
HETATM 1597 O O   . HOH E 5 .   ? 11.616  -7.694  6.987   1.00 57.67 ? 399 HOH A O   1 
HETATM 1598 O O   . HOH E 5 .   ? 17.109  2.679   6.422   1.00 35.40 ? 400 HOH A O   1 
HETATM 1599 O O   . HOH E 5 .   ? -12.589 -16.363 -11.366 1.00 51.59 ? 401 HOH A O   1 
HETATM 1600 O O   . HOH E 5 .   ? 5.113   -8.768  5.949   1.00 51.07 ? 402 HOH A O   1 
HETATM 1601 O O   . HOH E 5 .   ? 9.106   3.407   -13.785 1.00 35.15 ? 403 HOH A O   1 
HETATM 1602 O O   . HOH E 5 .   ? 9.026   6.186   -14.325 1.00 38.60 ? 404 HOH A O   1 
HETATM 1603 O O   . HOH E 5 .   ? 9.314   -8.481  10.250  0.50 39.48 ? 405 HOH A O   1 
HETATM 1604 O O   . HOH E 5 .   ? 16.709  4.976   7.223   1.00 47.68 ? 406 HOH A O   1 
HETATM 1605 O O   . HOH E 5 .   ? -23.037 0.268   12.843  1.00 40.57 ? 407 HOH A O   1 
HETATM 1606 O O   . HOH E 5 .   ? 2.613   -11.118 -11.062 1.00 44.29 ? 408 HOH A O   1 
HETATM 1607 O O   . HOH E 5 .   ? 0.255   -2.767  21.979  1.00 50.85 ? 409 HOH A O   1 
# 
loop_
_pdbx_poly_seq_scheme.asym_id 
_pdbx_poly_seq_scheme.entity_id 
_pdbx_poly_seq_scheme.seq_id 
_pdbx_poly_seq_scheme.mon_id 
_pdbx_poly_seq_scheme.ndb_seq_num 
_pdbx_poly_seq_scheme.pdb_seq_num 
_pdbx_poly_seq_scheme.auth_seq_num 
_pdbx_poly_seq_scheme.pdb_mon_id 
_pdbx_poly_seq_scheme.auth_mon_id 
_pdbx_poly_seq_scheme.pdb_strand_id 
_pdbx_poly_seq_scheme.pdb_ins_code 
_pdbx_poly_seq_scheme.hetero 
A 1 1   MET 1   0   ?   ?   ?   A . n 
A 1 2   VAL 2   1   ?   ?   ?   A . n 
A 1 3   ALA 3   2   ?   ?   ?   A . n 
A 1 4   ARG 4   3   ?   ?   ?   A . n 
A 1 5   PRO 5   4   ?   ?   ?   A . n 
A 1 6   LYS 6   5   ?   ?   ?   A . n 
A 1 7   SER 7   6   ?   ?   ?   A . n 
A 1 8   GLU 8   7   ?   ?   ?   A . n 
A 1 9   ASP 9   8   8   ASP ASP A . n 
A 1 10  LYS 10  9   9   LYS LYS A . n 
A 1 11  LYS 11  10  10  LYS LYS A . n 
A 1 12  GLN 12  11  11  GLN GLN A . n 
A 1 13  ALA 13  12  12  ALA ALA A . n 
A 1 14  LEU 14  13  13  LEU LEU A . n 
A 1 15  LEU 15  14  14  LEU LEU A . n 
A 1 16  GLU 16  15  15  GLU GLU A . n 
A 1 17  ALA 17  16  16  ALA ALA A . n 
A 1 18  ALA 18  17  17  ALA ALA A . n 
A 1 19  THR 19  18  18  THR THR A . n 
A 1 20  GLN 20  19  19  GLN GLN A . n 
A 1 21  ALA 21  20  20  ALA ALA A . n 
A 1 22  ILE 22  21  21  ILE ILE A . n 
A 1 23  ALA 23  22  22  ALA ALA A . n 
A 1 24  GLN 24  23  23  GLN GLN A . n 
A 1 25  SER 25  24  24  SER SER A . n 
A 1 26  GLY 26  25  25  GLY GLY A . n 
A 1 27  ILE 27  26  26  ILE ILE A . n 
A 1 28  ALA 28  27  27  ALA ALA A . n 
A 1 29  ALA 29  28  28  ALA ALA A . n 
A 1 30  SER 30  29  29  SER SER A . n 
A 1 31  THR 31  30  30  THR THR A . n 
A 1 32  ALA 32  31  31  ALA ALA A . n 
A 1 33  VAL 33  32  32  VAL VAL A . n 
A 1 34  ILE 34  33  33  ILE ILE A . n 
A 1 35  ALA 35  34  34  ALA ALA A . n 
A 1 36  ARG 36  35  35  ARG ARG A . n 
A 1 37  ASN 37  36  36  ASN ASN A . n 
A 1 38  ALA 38  37  37  ALA ALA A . n 
A 1 39  GLY 39  38  38  GLY GLY A . n 
A 1 40  VAL 40  39  39  VAL VAL A . n 
A 1 41  ALA 41  40  40  ALA ALA A . n 
A 1 42  GLU 42  41  41  GLU GLU A . n 
A 1 43  GLY 43  42  42  GLY GLY A . n 
A 1 44  THR 44  43  43  THR THR A . n 
A 1 45  LEU 45  44  44  LEU LEU A . n 
A 1 46  PHE 46  45  45  PHE PHE A . n 
A 1 47  ARG 47  46  46  ARG ARG A . n 
A 1 48  TYR 48  47  47  TYR TYR A . n 
A 1 49  PHE 49  48  48  PHE PHE A . n 
A 1 50  ALA 50  49  49  ALA ALA A . n 
A 1 51  THR 51  50  50  THR THR A . n 
A 1 52  LYS 52  51  51  LYS LYS A . n 
A 1 53  ASP 53  52  52  ASP ASP A . n 
A 1 54  GLU 54  53  53  GLU GLU A . n 
A 1 55  LEU 55  54  54  LEU LEU A . n 
A 1 56  ILE 56  55  55  ILE ILE A . n 
A 1 57  ASN 57  56  56  ASN ASN A . n 
A 1 58  THR 58  57  57  THR THR A . n 
A 1 59  LEU 59  58  58  LEU LEU A . n 
A 1 60  TYR 60  59  59  TYR TYR A . n 
A 1 61  LEU 61  60  60  LEU LEU A . n 
A 1 62  HIS 62  61  61  HIS HIS A . n 
A 1 63  LEU 63  62  62  LEU LEU A . n 
A 1 64  TYR 64  63  63  TYR TYR A . n 
A 1 65  GLN 65  64  64  GLN GLN A . n 
A 1 66  ASP 66  65  65  ASP ASP A . n 
A 1 67  HIS 67  66  66  HIS HIS A . n 
A 1 68  CYS 68  67  67  CYS CYS A . n 
A 1 69  GLN 69  68  68  GLN GLN A . n 
A 1 70  SER 70  69  69  SER SER A . n 
A 1 71  LEU 71  70  70  LEU LEU A . n 
A 1 72  ILE 72  71  71  ILE ILE A . n 
A 1 73  MET 73  72  72  MET MET A . n 
A 1 74  GLU 74  73  73  GLU GLU A . n 
A 1 75  LEU 75  74  74  LEU LEU A . n 
A 1 76  ASP 76  75  75  ASP ASP A . n 
A 1 77  ARG 77  76  76  ARG ARG A . n 
A 1 78  SER 78  77  77  SER SER A . n 
A 1 79  ILE 79  78  78  ILE ILE A . n 
A 1 80  THR 80  79  79  THR THR A . n 
A 1 81  ASP 81  80  80  ASP ASP A . n 
A 1 82  ALA 82  81  81  ALA ALA A . n 
A 1 83  LYS 83  82  82  LYS LYS A . n 
A 1 84  MET 84  83  83  MET MET A . n 
A 1 85  MET 85  84  84  MET MET A . n 
A 1 86  ILE 86  85  85  ILE ILE A . n 
A 1 87  ARG 87  86  86  ARG ARG A . n 
A 1 88  PHE 88  87  87  PHE PHE A . n 
A 1 89  THR 89  88  88  THR THR A . n 
A 1 90  TRP 90  89  89  TRP TRP A . n 
A 1 91  ASN 91  90  90  ASN ASN A . n 
A 1 92  SER 92  91  91  SER SER A . n 
A 1 93  TYR 93  92  92  TYR TYR A . n 
A 1 94  ILE 94  93  93  ILE ILE A . n 
A 1 95  SER 95  94  94  SER SER A . n 
A 1 96  TRP 96  95  95  TRP TRP A . n 
A 1 97  GLY 97  96  96  GLY GLY A . n 
A 1 98  LEU 98  97  97  LEU LEU A . n 
A 1 99  ASN 99  98  98  ASN ASN A . n 
A 1 100 HIS 100 99  99  HIS HIS A . n 
A 1 101 PRO 101 100 100 PRO PRO A . n 
A 1 102 ALA 102 101 101 ALA ALA A . n 
A 1 103 ARG 103 102 102 ARG ARG A . n 
A 1 104 HIS 104 103 103 HIS HIS A . n 
A 1 105 ARG 105 104 104 ARG ARG A . n 
A 1 106 ALA 106 105 105 ALA ALA A . n 
A 1 107 ILE 107 106 106 ILE ILE A . n 
A 1 108 ARG 108 107 107 ARG ARG A . n 
A 1 109 GLN 109 108 108 GLN GLN A . n 
A 1 110 LEU 110 109 109 LEU LEU A . n 
A 1 111 ALA 111 110 110 ALA ALA A . n 
A 1 112 VAL 112 111 111 VAL VAL A . n 
A 1 113 SER 113 112 112 SER SER A . n 
A 1 114 GLU 114 113 113 GLU GLU A . n 
A 1 115 LYS 115 114 114 LYS LYS A . n 
A 1 116 LEU 116 115 115 LEU LEU A . n 
A 1 117 THR 117 116 116 THR THR A . n 
A 1 118 LYS 118 117 117 LYS LYS A . n 
A 1 119 GLU 119 118 118 GLU GLU A . n 
A 1 120 THR 120 119 119 THR THR A . n 
A 1 121 LYS 121 120 120 LYS LYS A . n 
A 1 122 GLN 122 121 121 GLN GLN A . n 
A 1 123 ARG 123 122 122 ARG ARG A . n 
A 1 124 ILE 124 123 123 ILE ILE A . n 
A 1 125 GLU 125 124 124 GLU GLU A . n 
A 1 126 ASP 126 125 125 ASP ASP A . n 
A 1 127 MET 127 126 126 MET MET A . n 
A 1 128 PHE 128 127 127 PHE PHE A . n 
A 1 129 PRO 129 128 128 PRO PRO A . n 
A 1 130 GLU 130 129 129 GLU GLU A . n 
A 1 131 LEU 131 130 130 LEU LEU A . n 
A 1 132 ARG 132 131 131 ARG ARG A . n 
A 1 133 ASP 133 132 132 ASP ASP A . n 
A 1 134 ILE 134 133 133 ILE ILE A . n 
A 1 135 LEU 135 134 134 LEU LEU A . n 
A 1 136 HIS 136 135 135 HIS HIS A . n 
A 1 137 ARG 137 136 136 ARG ARG A . n 
A 1 138 SER 138 137 137 SER SER A . n 
A 1 139 VAL 139 138 138 VAL VAL A . n 
A 1 140 LEU 140 139 139 LEU LEU A . n 
A 1 141 MET 141 140 140 MET MET A . n 
A 1 142 VAL 142 141 141 VAL VAL A . n 
A 1 143 PHE 143 142 142 PHE PHE A . n 
A 1 144 MET 144 143 143 MET MET A . n 
A 1 145 SER 145 144 144 SER SER A . n 
A 1 146 ASP 146 145 145 ASP ASP A . n 
A 1 147 GLU 147 146 146 GLU GLU A . n 
A 1 148 TYR 148 147 147 TYR TYR A . n 
A 1 149 SER 149 148 148 SER SER A . n 
A 1 150 ALA 150 149 149 ALA ALA A . n 
A 1 151 PHE 151 150 150 PHE PHE A . n 
A 1 152 GLY 152 151 151 GLY GLY A . n 
A 1 153 LYS 153 152 152 LYS LYS A . n 
A 1 154 GLY 154 153 153 GLY GLY A . n 
A 1 155 LEU 155 154 154 LEU LEU A . n 
A 1 156 PHE 156 155 155 PHE PHE A . n 
A 1 157 TYR 157 156 156 TYR TYR A . n 
A 1 158 ALA 158 157 157 ALA ALA A . n 
A 1 159 LEU 159 158 158 LEU LEU A . n 
A 1 160 ALA 160 159 159 ALA ALA A . n 
A 1 161 GLU 161 160 160 GLU GLU A . n 
A 1 162 THR 162 161 161 THR THR A . n 
A 1 163 THR 163 162 162 THR THR A . n 
A 1 164 MET 164 163 163 MET MET A . n 
A 1 165 ASP 165 164 164 ASP ASP A . n 
A 1 166 PHE 166 165 165 PHE PHE A . n 
A 1 167 ALA 167 166 166 ALA ALA A . n 
A 1 168 ALA 168 167 167 ALA ALA A . n 
A 1 169 ARG 169 168 168 ARG ARG A . n 
A 1 170 ASP 170 169 169 ASP ASP A . n 
A 1 171 PRO 171 170 170 PRO PRO A . n 
A 1 172 ALA 172 171 171 ALA ALA A . n 
A 1 173 ARG 173 172 172 ARG ARG A . n 
A 1 174 ALA 174 173 173 ALA ALA A . n 
A 1 175 GLY 175 174 174 GLY GLY A . n 
A 1 176 GLU 176 175 175 GLU GLU A . n 
A 1 177 TYR 177 176 176 TYR TYR A . n 
A 1 178 ILE 178 177 177 ILE ILE A . n 
A 1 179 ALA 179 178 178 ALA ALA A . n 
A 1 180 LEU 180 179 179 LEU LEU A . n 
A 1 181 GLY 181 180 180 GLY GLY A . n 
A 1 182 PHE 182 181 181 PHE PHE A . n 
A 1 183 GLU 183 182 182 GLU GLU A . n 
A 1 184 ALA 184 183 183 ALA ALA A . n 
A 1 185 MET 185 184 184 MET MET A . n 
A 1 186 TRP 186 185 185 TRP TRP A . n 
A 1 187 ARG 187 186 186 ARG ARG A . n 
A 1 188 ALA 188 187 187 ALA ALA A . n 
A 1 189 LEU 189 188 188 LEU LEU A . n 
A 1 190 THR 190 189 189 THR THR A . n 
A 1 191 ARG 191 190 190 ARG ARG A . n 
A 1 192 GLU 192 191 ?   ?   ?   A . n 
A 1 193 GLU 193 192 ?   ?   ?   A . n 
A 1 194 GLN 194 193 ?   ?   ?   A . n 
# 
_pdbx_contact_author.id                 3 
_pdbx_contact_author.email              jzhang@cm.utexas.edu 
_pdbx_contact_author.name_first         Yan 
_pdbx_contact_author.name_last          Zhang 
_pdbx_contact_author.name_mi            ? 
_pdbx_contact_author.role               'principal investigator/group leader' 
_pdbx_contact_author.identifier_ORCID   0000-0002-9360-5388 
# 
loop_
_pdbx_nonpoly_scheme.asym_id 
_pdbx_nonpoly_scheme.entity_id 
_pdbx_nonpoly_scheme.mon_id 
_pdbx_nonpoly_scheme.ndb_seq_num 
_pdbx_nonpoly_scheme.pdb_seq_num 
_pdbx_nonpoly_scheme.auth_seq_num 
_pdbx_nonpoly_scheme.pdb_mon_id 
_pdbx_nonpoly_scheme.auth_mon_id 
_pdbx_nonpoly_scheme.pdb_strand_id 
_pdbx_nonpoly_scheme.pdb_ins_code 
B 2 SO4 1   201 201 SO4 SO4 A . 
C 3 GOL 1   202 301 GOL GOL A . 
D 4 P4V 1   203 401 P4V ROT A . 
E 5 HOH 1   301 102 HOH HOH A . 
E 5 HOH 2   302 77  HOH HOH A . 
E 5 HOH 3   303 18  HOH HOH A . 
E 5 HOH 4   304 49  HOH HOH A . 
E 5 HOH 5   305 58  HOH HOH A . 
E 5 HOH 6   306 85  HOH HOH A . 
E 5 HOH 7   307 36  HOH HOH A . 
E 5 HOH 8   308 88  HOH HOH A . 
E 5 HOH 9   309 28  HOH HOH A . 
E 5 HOH 10  310 17  HOH HOH A . 
E 5 HOH 11  311 64  HOH HOH A . 
E 5 HOH 12  312 81  HOH HOH A . 
E 5 HOH 13  313 101 HOH HOH A . 
E 5 HOH 14  314 55  HOH HOH A . 
E 5 HOH 15  315 89  HOH HOH A . 
E 5 HOH 16  316 103 HOH HOH A . 
E 5 HOH 17  317 26  HOH HOH A . 
E 5 HOH 18  318 7   HOH HOH A . 
E 5 HOH 19  319 80  HOH HOH A . 
E 5 HOH 20  320 10  HOH HOH A . 
E 5 HOH 21  321 63  HOH HOH A . 
E 5 HOH 22  322 65  HOH HOH A . 
E 5 HOH 23  323 19  HOH HOH A . 
E 5 HOH 24  324 48  HOH HOH A . 
E 5 HOH 25  325 3   HOH HOH A . 
E 5 HOH 26  326 13  HOH HOH A . 
E 5 HOH 27  327 32  HOH HOH A . 
E 5 HOH 28  328 21  HOH HOH A . 
E 5 HOH 29  329 8   HOH HOH A . 
E 5 HOH 30  330 1   HOH HOH A . 
E 5 HOH 31  331 46  HOH HOH A . 
E 5 HOH 32  332 43  HOH HOH A . 
E 5 HOH 33  333 40  HOH HOH A . 
E 5 HOH 34  334 59  HOH HOH A . 
E 5 HOH 35  335 39  HOH HOH A . 
E 5 HOH 36  336 73  HOH HOH A . 
E 5 HOH 37  337 31  HOH HOH A . 
E 5 HOH 38  338 27  HOH HOH A . 
E 5 HOH 39  339 5   HOH HOH A . 
E 5 HOH 40  340 67  HOH HOH A . 
E 5 HOH 41  341 9   HOH HOH A . 
E 5 HOH 42  342 52  HOH HOH A . 
E 5 HOH 43  343 94  HOH HOH A . 
E 5 HOH 44  344 92  HOH HOH A . 
E 5 HOH 45  345 29  HOH HOH A . 
E 5 HOH 46  346 100 HOH HOH A . 
E 5 HOH 47  347 22  HOH HOH A . 
E 5 HOH 48  348 4   HOH HOH A . 
E 5 HOH 49  349 33  HOH HOH A . 
E 5 HOH 50  350 37  HOH HOH A . 
E 5 HOH 51  351 68  HOH HOH A . 
E 5 HOH 52  352 78  HOH HOH A . 
E 5 HOH 53  353 11  HOH HOH A . 
E 5 HOH 54  354 60  HOH HOH A . 
E 5 HOH 55  355 53  HOH HOH A . 
E 5 HOH 56  356 16  HOH HOH A . 
E 5 HOH 57  357 62  HOH HOH A . 
E 5 HOH 58  358 15  HOH HOH A . 
E 5 HOH 59  359 91  HOH HOH A . 
E 5 HOH 60  360 38  HOH HOH A . 
E 5 HOH 61  361 76  HOH HOH A . 
E 5 HOH 62  362 56  HOH HOH A . 
E 5 HOH 63  363 25  HOH HOH A . 
E 5 HOH 64  364 82  HOH HOH A . 
E 5 HOH 65  365 107 HOH HOH A . 
E 5 HOH 66  366 47  HOH HOH A . 
E 5 HOH 67  367 106 HOH HOH A . 
E 5 HOH 68  368 41  HOH HOH A . 
E 5 HOH 69  369 6   HOH HOH A . 
E 5 HOH 70  370 23  HOH HOH A . 
E 5 HOH 71  371 86  HOH HOH A . 
E 5 HOH 72  372 34  HOH HOH A . 
E 5 HOH 73  373 45  HOH HOH A . 
E 5 HOH 74  374 83  HOH HOH A . 
E 5 HOH 75  375 14  HOH HOH A . 
E 5 HOH 76  376 35  HOH HOH A . 
E 5 HOH 77  377 90  HOH HOH A . 
E 5 HOH 78  378 24  HOH HOH A . 
E 5 HOH 79  379 12  HOH HOH A . 
E 5 HOH 80  380 42  HOH HOH A . 
E 5 HOH 81  381 61  HOH HOH A . 
E 5 HOH 82  382 98  HOH HOH A . 
E 5 HOH 83  383 44  HOH HOH A . 
E 5 HOH 84  384 104 HOH HOH A . 
E 5 HOH 85  385 20  HOH HOH A . 
E 5 HOH 86  386 57  HOH HOH A . 
E 5 HOH 87  387 105 HOH HOH A . 
E 5 HOH 88  388 51  HOH HOH A . 
E 5 HOH 89  389 74  HOH HOH A . 
E 5 HOH 90  390 50  HOH HOH A . 
E 5 HOH 91  391 69  HOH HOH A . 
E 5 HOH 92  392 2   HOH HOH A . 
E 5 HOH 93  393 99  HOH HOH A . 
E 5 HOH 94  394 72  HOH HOH A . 
E 5 HOH 95  395 70  HOH HOH A . 
E 5 HOH 96  396 97  HOH HOH A . 
E 5 HOH 97  397 109 HOH HOH A . 
E 5 HOH 98  398 108 HOH HOH A . 
E 5 HOH 99  399 79  HOH HOH A . 
E 5 HOH 100 400 54  HOH HOH A . 
E 5 HOH 101 401 93  HOH HOH A . 
E 5 HOH 102 402 71  HOH HOH A . 
E 5 HOH 103 403 96  HOH HOH A . 
E 5 HOH 104 404 75  HOH HOH A . 
E 5 HOH 105 405 66  HOH HOH A . 
E 5 HOH 106 406 87  HOH HOH A . 
E 5 HOH 107 407 30  HOH HOH A . 
E 5 HOH 108 408 84  HOH HOH A . 
E 5 HOH 109 409 95  HOH HOH A . 
# 
_pdbx_struct_assembly.id                   1 
_pdbx_struct_assembly.details              author_and_software_defined_assembly 
_pdbx_struct_assembly.method_details       PISA 
_pdbx_struct_assembly.oligomeric_details   dimeric 
_pdbx_struct_assembly.oligomeric_count     2 
# 
_pdbx_struct_assembly_gen.assembly_id       1 
_pdbx_struct_assembly_gen.oper_expression   1,2 
_pdbx_struct_assembly_gen.asym_id_list      A,B,C,D,E 
# 
loop_
_pdbx_struct_assembly_prop.biol_id 
_pdbx_struct_assembly_prop.type 
_pdbx_struct_assembly_prop.value 
_pdbx_struct_assembly_prop.details 
1 'ABSA (A^2)' 3340  ? 
1 MORE         -49   ? 
1 'SSA (A^2)'  17270 ? 
# 
loop_
_pdbx_struct_oper_list.id 
_pdbx_struct_oper_list.type 
_pdbx_struct_oper_list.name 
_pdbx_struct_oper_list.symmetry_operation 
_pdbx_struct_oper_list.matrix[1][1] 
_pdbx_struct_oper_list.matrix[1][2] 
_pdbx_struct_oper_list.matrix[1][3] 
_pdbx_struct_oper_list.vector[1] 
_pdbx_struct_oper_list.matrix[2][1] 
_pdbx_struct_oper_list.matrix[2][2] 
_pdbx_struct_oper_list.matrix[2][3] 
_pdbx_struct_oper_list.vector[2] 
_pdbx_struct_oper_list.matrix[3][1] 
_pdbx_struct_oper_list.matrix[3][2] 
_pdbx_struct_oper_list.matrix[3][3] 
_pdbx_struct_oper_list.vector[3] 
1 'identity operation'         1_555 x,y,z     1.0000000000 0.0000000000 0.0000000000 0.0000000000   0.0000000000 1.0000000000  0.0000000000 0.0000000000  0.0000000000 0.0000000000 1.0000000000  0.0000000000  
2 'crystal symmetry operation' 2_556 -x,y,-z+1 0.6291193564 0.6743143289 0.3866639643 -11.5468024321 0.6743143289 -0.7208922647 0.1600453954 20.2276393794 0.3866639643 0.1600453954 -0.9082270917 13.3742286596 
# 
loop_
_pdbx_struct_special_symmetry.id 
_pdbx_struct_special_symmetry.PDB_model_num 
_pdbx_struct_special_symmetry.auth_asym_id 
_pdbx_struct_special_symmetry.auth_comp_id 
_pdbx_struct_special_symmetry.auth_seq_id 
_pdbx_struct_special_symmetry.PDB_ins_code 
_pdbx_struct_special_symmetry.label_asym_id 
_pdbx_struct_special_symmetry.label_comp_id 
_pdbx_struct_special_symmetry.label_seq_id 
1 1 A HOH 336 ? E HOH . 
2 1 A HOH 405 ? E HOH . 
# 
loop_
_pdbx_audit_revision_history.ordinal 
_pdbx_audit_revision_history.data_content_type 
_pdbx_audit_revision_history.major_revision 
_pdbx_audit_revision_history.minor_revision 
_pdbx_audit_revision_history.revision_date 
1 'Structure model' 1 0 2022-06-29 
2 'Structure model' 1 1 2022-07-20 
3 'Structure model' 1 2 2022-09-07 
4 'Structure model' 1 3 2023-10-18 
# 
_pdbx_audit_revision_details.ordinal             1 
_pdbx_audit_revision_details.revision_ordinal    1 
_pdbx_audit_revision_details.data_content_type   'Structure model' 
_pdbx_audit_revision_details.provider            repository 
_pdbx_audit_revision_details.type                'Initial release' 
_pdbx_audit_revision_details.description         ? 
_pdbx_audit_revision_details.details             ? 
# 
loop_
_pdbx_audit_revision_group.ordinal 
_pdbx_audit_revision_group.revision_ordinal 
_pdbx_audit_revision_group.data_content_type 
_pdbx_audit_revision_group.group 
1 2 'Structure model' 'Database references'    
2 3 'Structure model' 'Database references'    
3 4 'Structure model' 'Data collection'        
4 4 'Structure model' 'Refinement description' 
# 
loop_
_pdbx_audit_revision_category.ordinal 
_pdbx_audit_revision_category.revision_ordinal 
_pdbx_audit_revision_category.data_content_type 
_pdbx_audit_revision_category.category 
1 2 'Structure model' citation                      
2 2 'Structure model' citation_author               
3 3 'Structure model' citation                      
4 3 'Structure model' citation_author               
5 4 'Structure model' chem_comp_atom                
6 4 'Structure model' chem_comp_bond                
7 4 'Structure model' pdbx_initial_refinement_model 
# 
loop_
_pdbx_audit_revision_item.ordinal 
_pdbx_audit_revision_item.revision_ordinal 
_pdbx_audit_revision_item.data_content_type 
_pdbx_audit_revision_item.item 
1 2 'Structure model' '_citation.pdbx_database_id_DOI'    
2 2 'Structure model' '_citation.pdbx_database_id_PubMed' 
3 2 'Structure model' '_citation.title'                   
4 2 'Structure model' '_citation_author.identifier_ORCID' 
5 2 'Structure model' '_citation_author.name'             
6 3 'Structure model' '_citation.journal_volume'          
7 3 'Structure model' '_citation.page_first'              
8 3 'Structure model' '_citation.page_last'               
9 3 'Structure model' '_citation_author.identifier_ORCID' 
# 
loop_
_software.citation_id 
_software.classification 
_software.compiler_name 
_software.compiler_version 
_software.contact_author 
_software.contact_author_email 
_software.date 
_software.description 
_software.dependencies 
_software.hardware 
_software.language 
_software.location 
_software.mods 
_software.name 
_software.os 
_software.os_version 
_software.type 
_software.version 
_software.pdbx_ordinal 
? 'data scaling'    ? ? ? ? ? ? ? ? ? ? ? HKL-2000    ? ? ? .        1 
? refinement        ? ? ? ? ? ? ? ? ? ? ? REFMAC      ? ? ? 5.8.0258 2 
? 'data extraction' ? ? ? ? ? ? ? ? ? ? ? PDB_EXTRACT ? ? ? 3.27     3 
? 'data reduction'  ? ? ? ? ? ? ? ? ? ? ? HKL-2000    ? ? ? .        4 
? phasing           ? ? ? ? ? ? ? ? ? ? ? PHENIX      ? ? ? .        5 
# 
_pdbx_entry_details.entry_id                 7N4W 
_pdbx_entry_details.has_ligand_of_interest   Y 
_pdbx_entry_details.compound_details         ? 
_pdbx_entry_details.source_details           ? 
_pdbx_entry_details.nonpolymer_details       ? 
_pdbx_entry_details.sequence_details         ? 
# 
loop_
_pdbx_validate_rmsd_angle.id 
_pdbx_validate_rmsd_angle.PDB_model_num 
_pdbx_validate_rmsd_angle.auth_atom_id_1 
_pdbx_validate_rmsd_angle.auth_asym_id_1 
_pdbx_validate_rmsd_angle.auth_comp_id_1 
_pdbx_validate_rmsd_angle.auth_seq_id_1 
_pdbx_validate_rmsd_angle.PDB_ins_code_1 
_pdbx_validate_rmsd_angle.label_alt_id_1 
_pdbx_validate_rmsd_angle.auth_atom_id_2 
_pdbx_validate_rmsd_angle.auth_asym_id_2 
_pdbx_validate_rmsd_angle.auth_comp_id_2 
_pdbx_validate_rmsd_angle.auth_seq_id_2 
_pdbx_validate_rmsd_angle.PDB_ins_code_2 
_pdbx_validate_rmsd_angle.label_alt_id_2 
_pdbx_validate_rmsd_angle.auth_atom_id_3 
_pdbx_validate_rmsd_angle.auth_asym_id_3 
_pdbx_validate_rmsd_angle.auth_comp_id_3 
_pdbx_validate_rmsd_angle.auth_seq_id_3 
_pdbx_validate_rmsd_angle.PDB_ins_code_3 
_pdbx_validate_rmsd_angle.label_alt_id_3 
_pdbx_validate_rmsd_angle.angle_value 
_pdbx_validate_rmsd_angle.angle_target_value 
_pdbx_validate_rmsd_angle.angle_deviation 
_pdbx_validate_rmsd_angle.angle_standard_deviation 
_pdbx_validate_rmsd_angle.linker_flag 
1 1 CG A ARG 86  ? ? CD A ARG 86  ? ? NE  A ARG 86  ? ? 92.47  111.80 -19.33 2.10 N 
2 1 NE A ARG 86  ? ? CZ A ARG 86  ? ? NH1 A ARG 86  ? ? 125.72 120.30 5.42   0.50 N 
3 1 NE A ARG 86  ? ? CZ A ARG 86  ? ? NH2 A ARG 86  ? ? 114.05 120.30 -6.25  0.50 N 
4 1 NE A ARG 102 ? ? CZ A ARG 102 ? ? NH2 A ARG 102 ? ? 116.92 120.30 -3.38  0.50 N 
5 1 CB A ARG 107 ? ? CG A ARG 107 ? ? CD  A ARG 107 ? ? 88.79  111.60 -22.81 2.60 N 
6 1 NE A ARG 107 ? ? CZ A ARG 107 ? ? NH1 A ARG 107 ? ? 117.20 120.30 -3.10  0.50 N 
7 1 CG A ARG 136 ? ? CD A ARG 136 ? ? NE  A ARG 136 ? ? 126.98 111.80 15.18  2.10 N 
# 
loop_
_pdbx_unobs_or_zero_occ_atoms.id 
_pdbx_unobs_or_zero_occ_atoms.PDB_model_num 
_pdbx_unobs_or_zero_occ_atoms.polymer_flag 
_pdbx_unobs_or_zero_occ_atoms.occupancy_flag 
_pdbx_unobs_or_zero_occ_atoms.auth_asym_id 
_pdbx_unobs_or_zero_occ_atoms.auth_comp_id 
_pdbx_unobs_or_zero_occ_atoms.auth_seq_id 
_pdbx_unobs_or_zero_occ_atoms.PDB_ins_code 
_pdbx_unobs_or_zero_occ_atoms.auth_atom_id 
_pdbx_unobs_or_zero_occ_atoms.label_alt_id 
_pdbx_unobs_or_zero_occ_atoms.label_asym_id 
_pdbx_unobs_or_zero_occ_atoms.label_comp_id 
_pdbx_unobs_or_zero_occ_atoms.label_seq_id 
_pdbx_unobs_or_zero_occ_atoms.label_atom_id 
1 1 Y 1 A ILE 78 ? CG1 ? A ILE 79 CG1 
2 1 Y 1 A ILE 78 ? CG2 ? A ILE 79 CG2 
3 1 Y 1 A ILE 78 ? CD1 ? A ILE 79 CD1 
# 
loop_
_pdbx_unobs_or_zero_occ_residues.id 
_pdbx_unobs_or_zero_occ_residues.PDB_model_num 
_pdbx_unobs_or_zero_occ_residues.polymer_flag 
_pdbx_unobs_or_zero_occ_residues.occupancy_flag 
_pdbx_unobs_or_zero_occ_residues.auth_asym_id 
_pdbx_unobs_or_zero_occ_residues.auth_comp_id 
_pdbx_unobs_or_zero_occ_residues.auth_seq_id 
_pdbx_unobs_or_zero_occ_residues.PDB_ins_code 
_pdbx_unobs_or_zero_occ_residues.label_asym_id 
_pdbx_unobs_or_zero_occ_residues.label_comp_id 
_pdbx_unobs_or_zero_occ_residues.label_seq_id 
1  1 Y 1 A MET 0   ? A MET 1   
2  1 Y 1 A VAL 1   ? A VAL 2   
3  1 Y 1 A ALA 2   ? A ALA 3   
4  1 Y 1 A ARG 3   ? A ARG 4   
5  1 Y 1 A PRO 4   ? A PRO 5   
6  1 Y 1 A LYS 5   ? A LYS 6   
7  1 Y 1 A SER 6   ? A SER 7   
8  1 Y 1 A GLU 7   ? A GLU 8   
9  1 Y 1 A GLU 191 ? A GLU 192 
10 1 Y 1 A GLU 192 ? A GLU 193 
11 1 Y 1 A GLN 193 ? A GLN 194 
# 
loop_
_chem_comp_atom.comp_id 
_chem_comp_atom.atom_id 
_chem_comp_atom.type_symbol 
_chem_comp_atom.pdbx_aromatic_flag 
_chem_comp_atom.pdbx_stereo_config 
_chem_comp_atom.pdbx_ordinal 
ALA N    N N N 1   
ALA CA   C N S 2   
ALA C    C N N 3   
ALA O    O N N 4   
ALA CB   C N N 5   
ALA OXT  O N N 6   
ALA H    H N N 7   
ALA H2   H N N 8   
ALA HA   H N N 9   
ALA HB1  H N N 10  
ALA HB2  H N N 11  
ALA HB3  H N N 12  
ALA HXT  H N N 13  
ARG N    N N N 14  
ARG CA   C N S 15  
ARG C    C N N 16  
ARG O    O N N 17  
ARG CB   C N N 18  
ARG CG   C N N 19  
ARG CD   C N N 20  
ARG NE   N N N 21  
ARG CZ   C N N 22  
ARG NH1  N N N 23  
ARG NH2  N N N 24  
ARG OXT  O N N 25  
ARG H    H N N 26  
ARG H2   H N N 27  
ARG HA   H N N 28  
ARG HB2  H N N 29  
ARG HB3  H N N 30  
ARG HG2  H N N 31  
ARG HG3  H N N 32  
ARG HD2  H N N 33  
ARG HD3  H N N 34  
ARG HE   H N N 35  
ARG HH11 H N N 36  
ARG HH12 H N N 37  
ARG HH21 H N N 38  
ARG HH22 H N N 39  
ARG HXT  H N N 40  
ASN N    N N N 41  
ASN CA   C N S 42  
ASN C    C N N 43  
ASN O    O N N 44  
ASN CB   C N N 45  
ASN CG   C N N 46  
ASN OD1  O N N 47  
ASN ND2  N N N 48  
ASN OXT  O N N 49  
ASN H    H N N 50  
ASN H2   H N N 51  
ASN HA   H N N 52  
ASN HB2  H N N 53  
ASN HB3  H N N 54  
ASN HD21 H N N 55  
ASN HD22 H N N 56  
ASN HXT  H N N 57  
ASP N    N N N 58  
ASP CA   C N S 59  
ASP C    C N N 60  
ASP O    O N N 61  
ASP CB   C N N 62  
ASP CG   C N N 63  
ASP OD1  O N N 64  
ASP OD2  O N N 65  
ASP OXT  O N N 66  
ASP H    H N N 67  
ASP H2   H N N 68  
ASP HA   H N N 69  
ASP HB2  H N N 70  
ASP HB3  H N N 71  
ASP HD2  H N N 72  
ASP HXT  H N N 73  
CYS N    N N N 74  
CYS CA   C N R 75  
CYS C    C N N 76  
CYS O    O N N 77  
CYS CB   C N N 78  
CYS SG   S N N 79  
CYS OXT  O N N 80  
CYS H    H N N 81  
CYS H2   H N N 82  
CYS HA   H N N 83  
CYS HB2  H N N 84  
CYS HB3  H N N 85  
CYS HG   H N N 86  
CYS HXT  H N N 87  
GLN N    N N N 88  
GLN CA   C N S 89  
GLN C    C N N 90  
GLN O    O N N 91  
GLN CB   C N N 92  
GLN CG   C N N 93  
GLN CD   C N N 94  
GLN OE1  O N N 95  
GLN NE2  N N N 96  
GLN OXT  O N N 97  
GLN H    H N N 98  
GLN H2   H N N 99  
GLN HA   H N N 100 
GLN HB2  H N N 101 
GLN HB3  H N N 102 
GLN HG2  H N N 103 
GLN HG3  H N N 104 
GLN HE21 H N N 105 
GLN HE22 H N N 106 
GLN HXT  H N N 107 
GLU N    N N N 108 
GLU CA   C N S 109 
GLU C    C N N 110 
GLU O    O N N 111 
GLU CB   C N N 112 
GLU CG   C N N 113 
GLU CD   C N N 114 
GLU OE1  O N N 115 
GLU OE2  O N N 116 
GLU OXT  O N N 117 
GLU H    H N N 118 
GLU H2   H N N 119 
GLU HA   H N N 120 
GLU HB2  H N N 121 
GLU HB3  H N N 122 
GLU HG2  H N N 123 
GLU HG3  H N N 124 
GLU HE2  H N N 125 
GLU HXT  H N N 126 
GLY N    N N N 127 
GLY CA   C N N 128 
GLY C    C N N 129 
GLY O    O N N 130 
GLY OXT  O N N 131 
GLY H    H N N 132 
GLY H2   H N N 133 
GLY HA2  H N N 134 
GLY HA3  H N N 135 
GLY HXT  H N N 136 
GOL C1   C N N 137 
GOL O1   O N N 138 
GOL C2   C N N 139 
GOL O2   O N N 140 
GOL C3   C N N 141 
GOL O3   O N N 142 
GOL H11  H N N 143 
GOL H12  H N N 144 
GOL HO1  H N N 145 
GOL H2   H N N 146 
GOL HO2  H N N 147 
GOL H31  H N N 148 
GOL H32  H N N 149 
GOL HO3  H N N 150 
HIS N    N N N 151 
HIS CA   C N S 152 
HIS C    C N N 153 
HIS O    O N N 154 
HIS CB   C N N 155 
HIS CG   C Y N 156 
HIS ND1  N Y N 157 
HIS CD2  C Y N 158 
HIS CE1  C Y N 159 
HIS NE2  N Y N 160 
HIS OXT  O N N 161 
HIS H    H N N 162 
HIS H2   H N N 163 
HIS HA   H N N 164 
HIS HB2  H N N 165 
HIS HB3  H N N 166 
HIS HD1  H N N 167 
HIS HD2  H N N 168 
HIS HE1  H N N 169 
HIS HE2  H N N 170 
HIS HXT  H N N 171 
HOH O    O N N 172 
HOH H1   H N N 173 
HOH H2   H N N 174 
ILE N    N N N 175 
ILE CA   C N S 176 
ILE C    C N N 177 
ILE O    O N N 178 
ILE CB   C N S 179 
ILE CG1  C N N 180 
ILE CG2  C N N 181 
ILE CD1  C N N 182 
ILE OXT  O N N 183 
ILE H    H N N 184 
ILE H2   H N N 185 
ILE HA   H N N 186 
ILE HB   H N N 187 
ILE HG12 H N N 188 
ILE HG13 H N N 189 
ILE HG21 H N N 190 
ILE HG22 H N N 191 
ILE HG23 H N N 192 
ILE HD11 H N N 193 
ILE HD12 H N N 194 
ILE HD13 H N N 195 
ILE HXT  H N N 196 
LEU N    N N N 197 
LEU CA   C N S 198 
LEU C    C N N 199 
LEU O    O N N 200 
LEU CB   C N N 201 
LEU CG   C N N 202 
LEU CD1  C N N 203 
LEU CD2  C N N 204 
LEU OXT  O N N 205 
LEU H    H N N 206 
LEU H2   H N N 207 
LEU HA   H N N 208 
LEU HB2  H N N 209 
LEU HB3  H N N 210 
LEU HG   H N N 211 
LEU HD11 H N N 212 
LEU HD12 H N N 213 
LEU HD13 H N N 214 
LEU HD21 H N N 215 
LEU HD22 H N N 216 
LEU HD23 H N N 217 
LEU HXT  H N N 218 
LYS N    N N N 219 
LYS CA   C N S 220 
LYS C    C N N 221 
LYS O    O N N 222 
LYS CB   C N N 223 
LYS CG   C N N 224 
LYS CD   C N N 225 
LYS CE   C N N 226 
LYS NZ   N N N 227 
LYS OXT  O N N 228 
LYS H    H N N 229 
LYS H2   H N N 230 
LYS HA   H N N 231 
LYS HB2  H N N 232 
LYS HB3  H N N 233 
LYS HG2  H N N 234 
LYS HG3  H N N 235 
LYS HD2  H N N 236 
LYS HD3  H N N 237 
LYS HE2  H N N 238 
LYS HE3  H N N 239 
LYS HZ1  H N N 240 
LYS HZ2  H N N 241 
LYS HZ3  H N N 242 
LYS HXT  H N N 243 
MET N    N N N 244 
MET CA   C N S 245 
MET C    C N N 246 
MET O    O N N 247 
MET CB   C N N 248 
MET CG   C N N 249 
MET SD   S N N 250 
MET CE   C N N 251 
MET OXT  O N N 252 
MET H    H N N 253 
MET H2   H N N 254 
MET HA   H N N 255 
MET HB2  H N N 256 
MET HB3  H N N 257 
MET HG2  H N N 258 
MET HG3  H N N 259 
MET HE1  H N N 260 
MET HE2  H N N 261 
MET HE3  H N N 262 
MET HXT  H N N 263 
P4V C30  C Y N 264 
P4V C34  C Y N 265 
P4V O37  O N N 266 
P4V C49  C N N 267 
P4V O46  O N N 268 
P4V C43  C Y N 269 
P4V C42  C Y N 270 
P4V C44  C Y N 271 
P4V O47  O N N 272 
P4V C48  C N N 273 
P4V C45  C Y N 274 
P4V C40  C Y N 275 
P4V C5   C N N 276 
P4V C6   C N N 277 
P4V N7   N N N 278 
P4V C1   C N N 279 
P4V C4   C N R 280 
P4V C41  C Y N 281 
P4V C3   C N N 282 
P4V C35  C Y N 283 
P4V C33  C Y N 284 
P4V C32  C Y N 285 
P4V O36  O N N 286 
P4V C39  C N N 287 
P4V C31  C Y N 288 
P4V C38  C N N 289 
P4V H1   H N N 290 
P4V H2   H N N 291 
P4V H3   H N N 292 
P4V H4   H N N 293 
P4V H5   H N N 294 
P4V H6   H N N 295 
P4V H7   H N N 296 
P4V H8   H N N 297 
P4V H9   H N N 298 
P4V H10  H N N 299 
P4V H11  H N N 300 
P4V H12  H N N 301 
P4V H13  H N N 302 
P4V H15  H N N 303 
P4V H16  H N N 304 
P4V H17  H N N 305 
P4V H18  H N N 306 
P4V H19  H N N 307 
P4V H20  H N N 308 
P4V H21  H N N 309 
P4V H22  H N N 310 
P4V H23  H N N 311 
P4V H24  H N N 312 
P4V H25  H N N 313 
P4V H26  H N N 314 
PHE N    N N N 315 
PHE CA   C N S 316 
PHE C    C N N 317 
PHE O    O N N 318 
PHE CB   C N N 319 
PHE CG   C Y N 320 
PHE CD1  C Y N 321 
PHE CD2  C Y N 322 
PHE CE1  C Y N 323 
PHE CE2  C Y N 324 
PHE CZ   C Y N 325 
PHE OXT  O N N 326 
PHE H    H N N 327 
PHE H2   H N N 328 
PHE HA   H N N 329 
PHE HB2  H N N 330 
PHE HB3  H N N 331 
PHE HD1  H N N 332 
PHE HD2  H N N 333 
PHE HE1  H N N 334 
PHE HE2  H N N 335 
PHE HZ   H N N 336 
PHE HXT  H N N 337 
PRO N    N N N 338 
PRO CA   C N S 339 
PRO C    C N N 340 
PRO O    O N N 341 
PRO CB   C N N 342 
PRO CG   C N N 343 
PRO CD   C N N 344 
PRO OXT  O N N 345 
PRO H    H N N 346 
PRO HA   H N N 347 
PRO HB2  H N N 348 
PRO HB3  H N N 349 
PRO HG2  H N N 350 
PRO HG3  H N N 351 
PRO HD2  H N N 352 
PRO HD3  H N N 353 
PRO HXT  H N N 354 
SER N    N N N 355 
SER CA   C N S 356 
SER C    C N N 357 
SER O    O N N 358 
SER CB   C N N 359 
SER OG   O N N 360 
SER OXT  O N N 361 
SER H    H N N 362 
SER H2   H N N 363 
SER HA   H N N 364 
SER HB2  H N N 365 
SER HB3  H N N 366 
SER HG   H N N 367 
SER HXT  H N N 368 
SO4 S    S N N 369 
SO4 O1   O N N 370 
SO4 O2   O N N 371 
SO4 O3   O N N 372 
SO4 O4   O N N 373 
THR N    N N N 374 
THR CA   C N S 375 
THR C    C N N 376 
THR O    O N N 377 
THR CB   C N R 378 
THR OG1  O N N 379 
THR CG2  C N N 380 
THR OXT  O N N 381 
THR H    H N N 382 
THR H2   H N N 383 
THR HA   H N N 384 
THR HB   H N N 385 
THR HG1  H N N 386 
THR HG21 H N N 387 
THR HG22 H N N 388 
THR HG23 H N N 389 
THR HXT  H N N 390 
TRP N    N N N 391 
TRP CA   C N S 392 
TRP C    C N N 393 
TRP O    O N N 394 
TRP CB   C N N 395 
TRP CG   C Y N 396 
TRP CD1  C Y N 397 
TRP CD2  C Y N 398 
TRP NE1  N Y N 399 
TRP CE2  C Y N 400 
TRP CE3  C Y N 401 
TRP CZ2  C Y N 402 
TRP CZ3  C Y N 403 
TRP CH2  C Y N 404 
TRP OXT  O N N 405 
TRP H    H N N 406 
TRP H2   H N N 407 
TRP HA   H N N 408 
TRP HB2  H N N 409 
TRP HB3  H N N 410 
TRP HD1  H N N 411 
TRP HE1  H N N 412 
TRP HE3  H N N 413 
TRP HZ2  H N N 414 
TRP HZ3  H N N 415 
TRP HH2  H N N 416 
TRP HXT  H N N 417 
TYR N    N N N 418 
TYR CA   C N S 419 
TYR C    C N N 420 
TYR O    O N N 421 
TYR CB   C N N 422 
TYR CG   C Y N 423 
TYR CD1  C Y N 424 
TYR CD2  C Y N 425 
TYR CE1  C Y N 426 
TYR CE2  C Y N 427 
TYR CZ   C Y N 428 
TYR OH   O N N 429 
TYR OXT  O N N 430 
TYR H    H N N 431 
TYR H2   H N N 432 
TYR HA   H N N 433 
TYR HB2  H N N 434 
TYR HB3  H N N 435 
TYR HD1  H N N 436 
TYR HD2  H N N 437 
TYR HE1  H N N 438 
TYR HE2  H N N 439 
TYR HH   H N N 440 
TYR HXT  H N N 441 
VAL N    N N N 442 
VAL CA   C N S 443 
VAL C    C N N 444 
VAL O    O N N 445 
VAL CB   C N N 446 
VAL CG1  C N N 447 
VAL CG2  C N N 448 
VAL OXT  O N N 449 
VAL H    H N N 450 
VAL H2   H N N 451 
VAL HA   H N N 452 
VAL HB   H N N 453 
VAL HG11 H N N 454 
VAL HG12 H N N 455 
VAL HG13 H N N 456 
VAL HG21 H N N 457 
VAL HG22 H N N 458 
VAL HG23 H N N 459 
VAL HXT  H N N 460 
# 
loop_
_chem_comp_bond.comp_id 
_chem_comp_bond.atom_id_1 
_chem_comp_bond.atom_id_2 
_chem_comp_bond.value_order 
_chem_comp_bond.pdbx_aromatic_flag 
_chem_comp_bond.pdbx_stereo_config 
_chem_comp_bond.pdbx_ordinal 
ALA N   CA   sing N N 1   
ALA N   H    sing N N 2   
ALA N   H2   sing N N 3   
ALA CA  C    sing N N 4   
ALA CA  CB   sing N N 5   
ALA CA  HA   sing N N 6   
ALA C   O    doub N N 7   
ALA C   OXT  sing N N 8   
ALA CB  HB1  sing N N 9   
ALA CB  HB2  sing N N 10  
ALA CB  HB3  sing N N 11  
ALA OXT HXT  sing N N 12  
ARG N   CA   sing N N 13  
ARG N   H    sing N N 14  
ARG N   H2   sing N N 15  
ARG CA  C    sing N N 16  
ARG CA  CB   sing N N 17  
ARG CA  HA   sing N N 18  
ARG C   O    doub N N 19  
ARG C   OXT  sing N N 20  
ARG CB  CG   sing N N 21  
ARG CB  HB2  sing N N 22  
ARG CB  HB3  sing N N 23  
ARG CG  CD   sing N N 24  
ARG CG  HG2  sing N N 25  
ARG CG  HG3  sing N N 26  
ARG CD  NE   sing N N 27  
ARG CD  HD2  sing N N 28  
ARG CD  HD3  sing N N 29  
ARG NE  CZ   sing N N 30  
ARG NE  HE   sing N N 31  
ARG CZ  NH1  sing N N 32  
ARG CZ  NH2  doub N N 33  
ARG NH1 HH11 sing N N 34  
ARG NH1 HH12 sing N N 35  
ARG NH2 HH21 sing N N 36  
ARG NH2 HH22 sing N N 37  
ARG OXT HXT  sing N N 38  
ASN N   CA   sing N N 39  
ASN N   H    sing N N 40  
ASN N   H2   sing N N 41  
ASN CA  C    sing N N 42  
ASN CA  CB   sing N N 43  
ASN CA  HA   sing N N 44  
ASN C   O    doub N N 45  
ASN C   OXT  sing N N 46  
ASN CB  CG   sing N N 47  
ASN CB  HB2  sing N N 48  
ASN CB  HB3  sing N N 49  
ASN CG  OD1  doub N N 50  
ASN CG  ND2  sing N N 51  
ASN ND2 HD21 sing N N 52  
ASN ND2 HD22 sing N N 53  
ASN OXT HXT  sing N N 54  
ASP N   CA   sing N N 55  
ASP N   H    sing N N 56  
ASP N   H2   sing N N 57  
ASP CA  C    sing N N 58  
ASP CA  CB   sing N N 59  
ASP CA  HA   sing N N 60  
ASP C   O    doub N N 61  
ASP C   OXT  sing N N 62  
ASP CB  CG   sing N N 63  
ASP CB  HB2  sing N N 64  
ASP CB  HB3  sing N N 65  
ASP CG  OD1  doub N N 66  
ASP CG  OD2  sing N N 67  
ASP OD2 HD2  sing N N 68  
ASP OXT HXT  sing N N 69  
CYS N   CA   sing N N 70  
CYS N   H    sing N N 71  
CYS N   H2   sing N N 72  
CYS CA  C    sing N N 73  
CYS CA  CB   sing N N 74  
CYS CA  HA   sing N N 75  
CYS C   O    doub N N 76  
CYS C   OXT  sing N N 77  
CYS CB  SG   sing N N 78  
CYS CB  HB2  sing N N 79  
CYS CB  HB3  sing N N 80  
CYS SG  HG   sing N N 81  
CYS OXT HXT  sing N N 82  
GLN N   CA   sing N N 83  
GLN N   H    sing N N 84  
GLN N   H2   sing N N 85  
GLN CA  C    sing N N 86  
GLN CA  CB   sing N N 87  
GLN CA  HA   sing N N 88  
GLN C   O    doub N N 89  
GLN C   OXT  sing N N 90  
GLN CB  CG   sing N N 91  
GLN CB  HB2  sing N N 92  
GLN CB  HB3  sing N N 93  
GLN CG  CD   sing N N 94  
GLN CG  HG2  sing N N 95  
GLN CG  HG3  sing N N 96  
GLN CD  OE1  doub N N 97  
GLN CD  NE2  sing N N 98  
GLN NE2 HE21 sing N N 99  
GLN NE2 HE22 sing N N 100 
GLN OXT HXT  sing N N 101 
GLU N   CA   sing N N 102 
GLU N   H    sing N N 103 
GLU N   H2   sing N N 104 
GLU CA  C    sing N N 105 
GLU CA  CB   sing N N 106 
GLU CA  HA   sing N N 107 
GLU C   O    doub N N 108 
GLU C   OXT  sing N N 109 
GLU CB  CG   sing N N 110 
GLU CB  HB2  sing N N 111 
GLU CB  HB3  sing N N 112 
GLU CG  CD   sing N N 113 
GLU CG  HG2  sing N N 114 
GLU CG  HG3  sing N N 115 
GLU CD  OE1  doub N N 116 
GLU CD  OE2  sing N N 117 
GLU OE2 HE2  sing N N 118 
GLU OXT HXT  sing N N 119 
GLY N   CA   sing N N 120 
GLY N   H    sing N N 121 
GLY N   H2   sing N N 122 
GLY CA  C    sing N N 123 
GLY CA  HA2  sing N N 124 
GLY CA  HA3  sing N N 125 
GLY C   O    doub N N 126 
GLY C   OXT  sing N N 127 
GLY OXT HXT  sing N N 128 
GOL C1  O1   sing N N 129 
GOL C1  C2   sing N N 130 
GOL C1  H11  sing N N 131 
GOL C1  H12  sing N N 132 
GOL O1  HO1  sing N N 133 
GOL C2  O2   sing N N 134 
GOL C2  C3   sing N N 135 
GOL C2  H2   sing N N 136 
GOL O2  HO2  sing N N 137 
GOL C3  O3   sing N N 138 
GOL C3  H31  sing N N 139 
GOL C3  H32  sing N N 140 
GOL O3  HO3  sing N N 141 
HIS N   CA   sing N N 142 
HIS N   H    sing N N 143 
HIS N   H2   sing N N 144 
HIS CA  C    sing N N 145 
HIS CA  CB   sing N N 146 
HIS CA  HA   sing N N 147 
HIS C   O    doub N N 148 
HIS C   OXT  sing N N 149 
HIS CB  CG   sing N N 150 
HIS CB  HB2  sing N N 151 
HIS CB  HB3  sing N N 152 
HIS CG  ND1  sing Y N 153 
HIS CG  CD2  doub Y N 154 
HIS ND1 CE1  doub Y N 155 
HIS ND1 HD1  sing N N 156 
HIS CD2 NE2  sing Y N 157 
HIS CD2 HD2  sing N N 158 
HIS CE1 NE2  sing Y N 159 
HIS CE1 HE1  sing N N 160 
HIS NE2 HE2  sing N N 161 
HIS OXT HXT  sing N N 162 
HOH O   H1   sing N N 163 
HOH O   H2   sing N N 164 
ILE N   CA   sing N N 165 
ILE N   H    sing N N 166 
ILE N   H2   sing N N 167 
ILE CA  C    sing N N 168 
ILE CA  CB   sing N N 169 
ILE CA  HA   sing N N 170 
ILE C   O    doub N N 171 
ILE C   OXT  sing N N 172 
ILE CB  CG1  sing N N 173 
ILE CB  CG2  sing N N 174 
ILE CB  HB   sing N N 175 
ILE CG1 CD1  sing N N 176 
ILE CG1 HG12 sing N N 177 
ILE CG1 HG13 sing N N 178 
ILE CG2 HG21 sing N N 179 
ILE CG2 HG22 sing N N 180 
ILE CG2 HG23 sing N N 181 
ILE CD1 HD11 sing N N 182 
ILE CD1 HD12 sing N N 183 
ILE CD1 HD13 sing N N 184 
ILE OXT HXT  sing N N 185 
LEU N   CA   sing N N 186 
LEU N   H    sing N N 187 
LEU N   H2   sing N N 188 
LEU CA  C    sing N N 189 
LEU CA  CB   sing N N 190 
LEU CA  HA   sing N N 191 
LEU C   O    doub N N 192 
LEU C   OXT  sing N N 193 
LEU CB  CG   sing N N 194 
LEU CB  HB2  sing N N 195 
LEU CB  HB3  sing N N 196 
LEU CG  CD1  sing N N 197 
LEU CG  CD2  sing N N 198 
LEU CG  HG   sing N N 199 
LEU CD1 HD11 sing N N 200 
LEU CD1 HD12 sing N N 201 
LEU CD1 HD13 sing N N 202 
LEU CD2 HD21 sing N N 203 
LEU CD2 HD22 sing N N 204 
LEU CD2 HD23 sing N N 205 
LEU OXT HXT  sing N N 206 
LYS N   CA   sing N N 207 
LYS N   H    sing N N 208 
LYS N   H2   sing N N 209 
LYS CA  C    sing N N 210 
LYS CA  CB   sing N N 211 
LYS CA  HA   sing N N 212 
LYS C   O    doub N N 213 
LYS C   OXT  sing N N 214 
LYS CB  CG   sing N N 215 
LYS CB  HB2  sing N N 216 
LYS CB  HB3  sing N N 217 
LYS CG  CD   sing N N 218 
LYS CG  HG2  sing N N 219 
LYS CG  HG3  sing N N 220 
LYS CD  CE   sing N N 221 
LYS CD  HD2  sing N N 222 
LYS CD  HD3  sing N N 223 
LYS CE  NZ   sing N N 224 
LYS CE  HE2  sing N N 225 
LYS CE  HE3  sing N N 226 
LYS NZ  HZ1  sing N N 227 
LYS NZ  HZ2  sing N N 228 
LYS NZ  HZ3  sing N N 229 
LYS OXT HXT  sing N N 230 
MET N   CA   sing N N 231 
MET N   H    sing N N 232 
MET N   H2   sing N N 233 
MET CA  C    sing N N 234 
MET CA  CB   sing N N 235 
MET CA  HA   sing N N 236 
MET C   O    doub N N 237 
MET C   OXT  sing N N 238 
MET CB  CG   sing N N 239 
MET CB  HB2  sing N N 240 
MET CB  HB3  sing N N 241 
MET CG  SD   sing N N 242 
MET CG  HG2  sing N N 243 
MET CG  HG3  sing N N 244 
MET SD  CE   sing N N 245 
MET CE  HE1  sing N N 246 
MET CE  HE2  sing N N 247 
MET CE  HE3  sing N N 248 
MET OXT HXT  sing N N 249 
P4V C49 O46  sing N N 250 
P4V O46 C43  sing N N 251 
P4V O47 C48  sing N N 252 
P4V O47 C44  sing N N 253 
P4V C43 C42  doub Y N 254 
P4V C43 C44  sing Y N 255 
P4V C42 C41  sing Y N 256 
P4V C44 C45  doub Y N 257 
P4V C45 C40  sing Y N 258 
P4V C41 C40  doub Y N 259 
P4V C41 C4   sing N N 260 
P4V C3  C4   sing N N 261 
P4V C3  C35  sing N N 262 
P4V C40 C5   sing N N 263 
P4V C4  N7   sing N N 264 
P4V C35 C34  doub Y N 265 
P4V C35 C30  sing Y N 266 
P4V C34 C33  sing Y N 267 
P4V N7  C1   sing N N 268 
P4V N7  C6   sing N N 269 
P4V C5  C6   sing N N 270 
P4V C33 C32  doub Y N 271 
P4V C1  C30  sing N N 272 
P4V C30 C31  doub Y N 273 
P4V C31 C32  sing Y N 274 
P4V C31 O37  sing N N 275 
P4V C32 O36  sing N N 276 
P4V C39 O36  sing N N 277 
P4V O37 C38  sing N N 278 
P4V C34 H1   sing N N 279 
P4V C49 H2   sing N N 280 
P4V C49 H3   sing N N 281 
P4V C49 H4   sing N N 282 
P4V C42 H5   sing N N 283 
P4V C48 H6   sing N N 284 
P4V C48 H7   sing N N 285 
P4V C48 H8   sing N N 286 
P4V C45 H9   sing N N 287 
P4V C5  H10  sing N N 288 
P4V C5  H11  sing N N 289 
P4V C6  H12  sing N N 290 
P4V C6  H13  sing N N 291 
P4V C1  H15  sing N N 292 
P4V C1  H16  sing N N 293 
P4V C4  H17  sing N N 294 
P4V C3  H18  sing N N 295 
P4V C3  H19  sing N N 296 
P4V C33 H20  sing N N 297 
P4V C39 H21  sing N N 298 
P4V C39 H22  sing N N 299 
P4V C39 H23  sing N N 300 
P4V C38 H24  sing N N 301 
P4V C38 H25  sing N N 302 
P4V C38 H26  sing N N 303 
PHE N   CA   sing N N 304 
PHE N   H    sing N N 305 
PHE N   H2   sing N N 306 
PHE CA  C    sing N N 307 
PHE CA  CB   sing N N 308 
PHE CA  HA   sing N N 309 
PHE C   O    doub N N 310 
PHE C   OXT  sing N N 311 
PHE CB  CG   sing N N 312 
PHE CB  HB2  sing N N 313 
PHE CB  HB3  sing N N 314 
PHE CG  CD1  doub Y N 315 
PHE CG  CD2  sing Y N 316 
PHE CD1 CE1  sing Y N 317 
PHE CD1 HD1  sing N N 318 
PHE CD2 CE2  doub Y N 319 
PHE CD2 HD2  sing N N 320 
PHE CE1 CZ   doub Y N 321 
PHE CE1 HE1  sing N N 322 
PHE CE2 CZ   sing Y N 323 
PHE CE2 HE2  sing N N 324 
PHE CZ  HZ   sing N N 325 
PHE OXT HXT  sing N N 326 
PRO N   CA   sing N N 327 
PRO N   CD   sing N N 328 
PRO N   H    sing N N 329 
PRO CA  C    sing N N 330 
PRO CA  CB   sing N N 331 
PRO CA  HA   sing N N 332 
PRO C   O    doub N N 333 
PRO C   OXT  sing N N 334 
PRO CB  CG   sing N N 335 
PRO CB  HB2  sing N N 336 
PRO CB  HB3  sing N N 337 
PRO CG  CD   sing N N 338 
PRO CG  HG2  sing N N 339 
PRO CG  HG3  sing N N 340 
PRO CD  HD2  sing N N 341 
PRO CD  HD3  sing N N 342 
PRO OXT HXT  sing N N 343 
SER N   CA   sing N N 344 
SER N   H    sing N N 345 
SER N   H2   sing N N 346 
SER CA  C    sing N N 347 
SER CA  CB   sing N N 348 
SER CA  HA   sing N N 349 
SER C   O    doub N N 350 
SER C   OXT  sing N N 351 
SER CB  OG   sing N N 352 
SER CB  HB2  sing N N 353 
SER CB  HB3  sing N N 354 
SER OG  HG   sing N N 355 
SER OXT HXT  sing N N 356 
SO4 S   O1   doub N N 357 
SO4 S   O2   doub N N 358 
SO4 S   O3   sing N N 359 
SO4 S   O4   sing N N 360 
THR N   CA   sing N N 361 
THR N   H    sing N N 362 
THR N   H2   sing N N 363 
THR CA  C    sing N N 364 
THR CA  CB   sing N N 365 
THR CA  HA   sing N N 366 
THR C   O    doub N N 367 
THR C   OXT  sing N N 368 
THR CB  OG1  sing N N 369 
THR CB  CG2  sing N N 370 
THR CB  HB   sing N N 371 
THR OG1 HG1  sing N N 372 
THR CG2 HG21 sing N N 373 
THR CG2 HG22 sing N N 374 
THR CG2 HG23 sing N N 375 
THR OXT HXT  sing N N 376 
TRP N   CA   sing N N 377 
TRP N   H    sing N N 378 
TRP N   H2   sing N N 379 
TRP CA  C    sing N N 380 
TRP CA  CB   sing N N 381 
TRP CA  HA   sing N N 382 
TRP C   O    doub N N 383 
TRP C   OXT  sing N N 384 
TRP CB  CG   sing N N 385 
TRP CB  HB2  sing N N 386 
TRP CB  HB3  sing N N 387 
TRP CG  CD1  doub Y N 388 
TRP CG  CD2  sing Y N 389 
TRP CD1 NE1  sing Y N 390 
TRP CD1 HD1  sing N N 391 
TRP CD2 CE2  doub Y N 392 
TRP CD2 CE3  sing Y N 393 
TRP NE1 CE2  sing Y N 394 
TRP NE1 HE1  sing N N 395 
TRP CE2 CZ2  sing Y N 396 
TRP CE3 CZ3  doub Y N 397 
TRP CE3 HE3  sing N N 398 
TRP CZ2 CH2  doub Y N 399 
TRP CZ2 HZ2  sing N N 400 
TRP CZ3 CH2  sing Y N 401 
TRP CZ3 HZ3  sing N N 402 
TRP CH2 HH2  sing N N 403 
TRP OXT HXT  sing N N 404 
TYR N   CA   sing N N 405 
TYR N   H    sing N N 406 
TYR N   H2   sing N N 407 
TYR CA  C    sing N N 408 
TYR CA  CB   sing N N 409 
TYR CA  HA   sing N N 410 
TYR C   O    doub N N 411 
TYR C   OXT  sing N N 412 
TYR CB  CG   sing N N 413 
TYR CB  HB2  sing N N 414 
TYR CB  HB3  sing N N 415 
TYR CG  CD1  doub Y N 416 
TYR CG  CD2  sing Y N 417 
TYR CD1 CE1  sing Y N 418 
TYR CD1 HD1  sing N N 419 
TYR CD2 CE2  doub Y N 420 
TYR CD2 HD2  sing N N 421 
TYR CE1 CZ   doub Y N 422 
TYR CE1 HE1  sing N N 423 
TYR CE2 CZ   sing Y N 424 
TYR CE2 HE2  sing N N 425 
TYR CZ  OH   sing N N 426 
TYR OH  HH   sing N N 427 
TYR OXT HXT  sing N N 428 
VAL N   CA   sing N N 429 
VAL N   H    sing N N 430 
VAL N   H2   sing N N 431 
VAL CA  C    sing N N 432 
VAL CA  CB   sing N N 433 
VAL CA  HA   sing N N 434 
VAL C   O    doub N N 435 
VAL C   OXT  sing N N 436 
VAL CB  CG1  sing N N 437 
VAL CB  CG2  sing N N 438 
VAL CB  HB   sing N N 439 
VAL CG1 HG11 sing N N 440 
VAL CG1 HG12 sing N N 441 
VAL CG1 HG13 sing N N 442 
VAL CG2 HG21 sing N N 443 
VAL CG2 HG22 sing N N 444 
VAL CG2 HG23 sing N N 445 
VAL OXT HXT  sing N N 446 
# 
loop_
_pdbx_audit_support.funding_organization 
_pdbx_audit_support.country 
_pdbx_audit_support.grant_number 
_pdbx_audit_support.ordinal 
'National Institutes of Health/National Institute of General Medical Sciences (NIH/NIGMS)' 'United States' R01GM104896 1 
'National Institutes of Health/National Institute of General Medical Sciences (NIH/NIGMS)' 'United States' R01GM125882 2 
# 
_pdbx_entity_instance_feature.ordinal        1 
_pdbx_entity_instance_feature.comp_id        P4V 
_pdbx_entity_instance_feature.asym_id        ? 
_pdbx_entity_instance_feature.seq_num        ? 
_pdbx_entity_instance_feature.auth_comp_id   P4V 
_pdbx_entity_instance_feature.auth_asym_id   ? 
_pdbx_entity_instance_feature.auth_seq_num   ? 
_pdbx_entity_instance_feature.feature_type   'SUBJECT OF INVESTIGATION' 
_pdbx_entity_instance_feature.details        ? 
# 
loop_
_pdbx_entity_nonpoly.entity_id 
_pdbx_entity_nonpoly.name 
_pdbx_entity_nonpoly.comp_id 
2 'SULFATE ION' SO4 
3 GLYCEROL      GOL 
4 rotundine     P4V 
5 water         HOH 
# 
_pdbx_initial_refinement_model.id               1 
_pdbx_initial_refinement_model.entity_id_list   ? 
_pdbx_initial_refinement_model.type             'experimental model' 
_pdbx_initial_refinement_model.source_name      PDB 
_pdbx_initial_refinement_model.accession_code   3VVX 
_pdbx_initial_refinement_model.details          ? 
# 
loop_
_pdbx_reflns_twin.domain_id 
_pdbx_reflns_twin.crystal_id 
_pdbx_reflns_twin.diffrn_id 
_pdbx_reflns_twin.fraction 
_pdbx_reflns_twin.operator 
_pdbx_reflns_twin.type 
_pdbx_reflns_twin.mean_F_square_over_mean_F2 
_pdbx_reflns_twin.mean_I2_over_mean_I_square 
1 1 1 0.802 'H,  K,  L' ? ? ? 
2 1 1 0.198 -h,-k,l     ? ? ? 
# 
